data_2NBB
#
_entry.id   2NBB
#
_cell.length_a   1.000
_cell.length_b   1.000
_cell.length_c   1.000
_cell.angle_alpha   90.00
_cell.angle_beta   90.00
_cell.angle_gamma   90.00
#
_symmetry.space_group_name_H-M   'P 1'
#
_entity_poly.entity_id   1
_entity_poly.type   'polypeptide(L)'
_entity_poly.pdbx_seq_one_letter_code
;GSENFQTLLDAGLPQKVAEKLDEIYVAGLVAHSDLDERAIEALKEFNEDGALAVLQQFKDSDLSHVQNKSAFLCGVMKTY
RQREKQGTKVADSSKGPDEAKIKALLERTGYTLDVTTG
;
_entity_poly.pdbx_strand_id   A
#
# COMPACT_ATOMS: atom_id res chain seq x y z
N GLY A 1 1.23 -21.03 -0.33
CA GLY A 1 0.42 -19.90 0.16
C GLY A 1 -0.53 -20.40 1.24
N SER A 2 -1.67 -19.73 1.39
CA SER A 2 -2.71 -20.01 2.36
C SER A 2 -4.07 -20.15 1.67
N GLU A 3 -5.03 -20.83 2.31
CA GLU A 3 -6.35 -21.11 1.74
C GLU A 3 -7.15 -19.83 1.44
N ASN A 4 -6.89 -18.75 2.19
CA ASN A 4 -7.60 -17.48 2.06
C ASN A 4 -7.21 -16.70 0.80
N PHE A 5 -6.34 -17.24 -0.06
CA PHE A 5 -5.92 -16.60 -1.31
C PHE A 5 -7.13 -16.45 -2.23
N GLN A 6 -7.90 -17.52 -2.36
CA GLN A 6 -8.95 -17.66 -3.36
C GLN A 6 -10.23 -16.92 -2.99
N THR A 7 -10.53 -16.72 -1.70
CA THR A 7 -11.74 -16.01 -1.30
C THR A 7 -11.73 -14.60 -1.86
N LEU A 8 -10.57 -13.94 -1.85
CA LEU A 8 -10.39 -12.55 -2.23
C LEU A 8 -10.76 -12.35 -3.71
N LEU A 9 -10.26 -13.24 -4.57
CA LEU A 9 -10.56 -13.29 -5.99
C LEU A 9 -12.05 -13.36 -6.27
N ASP A 10 -12.83 -13.92 -5.34
CA ASP A 10 -14.26 -14.19 -5.52
C ASP A 10 -15.16 -13.22 -4.79
N ALA A 11 -14.61 -12.58 -3.76
CA ALA A 11 -15.26 -11.56 -2.96
C ALA A 11 -15.39 -10.25 -3.73
N GLY A 12 -14.69 -10.11 -4.86
CA GLY A 12 -14.77 -8.96 -5.74
C GLY A 12 -13.40 -8.39 -6.11
N LEU A 13 -12.32 -8.87 -5.49
CA LEU A 13 -11.04 -8.18 -5.46
C LEU A 13 -10.09 -8.82 -6.49
N PRO A 14 -9.20 -8.03 -7.11
CA PRO A 14 -8.32 -8.52 -8.16
C PRO A 14 -7.18 -9.37 -7.60
N GLN A 15 -6.56 -10.16 -8.46
CA GLN A 15 -5.41 -11.01 -8.12
C GLN A 15 -4.28 -10.16 -7.55
N LYS A 16 -3.98 -9.02 -8.18
CA LYS A 16 -2.90 -8.14 -7.77
C LYS A 16 -3.04 -7.63 -6.35
N VAL A 17 -4.23 -7.66 -5.77
CA VAL A 17 -4.42 -7.39 -4.35
C VAL A 17 -4.05 -8.67 -3.56
N ALA A 18 -4.70 -9.80 -3.83
CA ALA A 18 -4.50 -11.05 -3.08
C ALA A 18 -3.04 -11.54 -3.09
N GLU A 19 -2.31 -11.34 -4.19
CA GLU A 19 -0.89 -11.67 -4.31
C GLU A 19 -0.06 -11.00 -3.19
N LYS A 20 -0.46 -9.79 -2.77
CA LYS A 20 0.19 -9.01 -1.71
C LYS A 20 -0.48 -9.23 -0.35
N LEU A 21 -1.43 -10.16 -0.24
CA LEU A 21 -2.21 -10.44 0.96
C LEU A 21 -1.88 -11.81 1.50
N ASP A 22 -1.70 -12.80 0.62
CA ASP A 22 -1.35 -14.17 0.98
C ASP A 22 -0.15 -14.22 1.91
N GLU A 23 0.84 -13.38 1.61
CA GLU A 23 2.07 -13.22 2.37
C GLU A 23 1.86 -12.96 3.86
N ILE A 24 0.86 -12.15 4.17
CA ILE A 24 0.46 -11.78 5.51
C ILE A 24 -0.04 -13.04 6.24
N TYR A 25 -0.88 -13.84 5.59
CA TYR A 25 -1.47 -15.07 6.14
C TYR A 25 -0.48 -16.23 6.21
N VAL A 26 0.78 -16.04 5.81
CA VAL A 26 1.83 -17.04 5.85
C VAL A 26 2.93 -16.62 6.83
N ALA A 27 3.16 -15.30 6.97
CA ALA A 27 4.23 -14.76 7.79
C ALA A 27 4.06 -15.02 9.30
N GLY A 28 2.85 -15.38 9.75
CA GLY A 28 2.44 -15.42 11.15
C GLY A 28 1.92 -14.06 11.65
N LEU A 29 1.65 -13.12 10.73
CA LEU A 29 1.18 -11.78 11.03
C LEU A 29 -0.32 -11.72 11.38
N VAL A 30 -1.08 -12.77 11.09
CA VAL A 30 -2.51 -12.82 11.40
C VAL A 30 -2.94 -14.21 11.87
N ALA A 31 -4.12 -14.28 12.48
CA ALA A 31 -4.73 -15.49 13.00
C ALA A 31 -5.89 -16.02 12.15
N HIS A 32 -5.84 -15.79 10.83
CA HIS A 32 -6.83 -16.18 9.82
C HIS A 32 -8.16 -15.42 9.93
N SER A 33 -8.69 -15.20 11.12
CA SER A 33 -9.92 -14.48 11.37
C SER A 33 -9.64 -13.31 12.32
N ASP A 34 -8.49 -12.66 12.11
CA ASP A 34 -8.00 -11.52 12.89
C ASP A 34 -8.80 -10.24 12.57
N LEU A 35 -9.68 -10.32 11.58
CA LEU A 35 -10.56 -9.26 11.12
C LEU A 35 -12.01 -9.70 11.35
N ASP A 36 -12.94 -8.81 11.00
CA ASP A 36 -14.37 -8.99 11.19
C ASP A 36 -15.06 -8.52 9.91
N GLU A 37 -16.35 -8.80 9.78
CA GLU A 37 -17.14 -8.52 8.59
C GLU A 37 -17.07 -7.03 8.23
N ARG A 38 -17.03 -6.15 9.23
CA ARG A 38 -17.03 -4.72 8.98
C ARG A 38 -15.75 -4.29 8.25
N ALA A 39 -14.61 -4.89 8.63
CA ALA A 39 -13.32 -4.68 7.98
C ALA A 39 -13.29 -5.29 6.57
N ILE A 40 -14.07 -6.33 6.28
CA ILE A 40 -14.23 -6.89 4.93
C ILE A 40 -14.97 -5.87 4.06
N GLU A 41 -16.07 -5.31 4.55
CA GLU A 41 -16.97 -4.49 3.75
C GLU A 41 -16.24 -3.25 3.21
N ALA A 42 -15.49 -2.58 4.09
CA ALA A 42 -14.67 -1.44 3.68
C ALA A 42 -13.47 -1.84 2.81
N LEU A 43 -13.24 -3.15 2.63
CA LEU A 43 -12.27 -3.78 1.75
C LEU A 43 -12.94 -4.60 0.63
N LYS A 44 -14.16 -4.25 0.21
CA LYS A 44 -14.69 -4.64 -1.10
C LYS A 44 -14.50 -3.48 -2.08
N GLU A 45 -15.04 -2.29 -1.80
CA GLU A 45 -14.93 -1.18 -2.75
C GLU A 45 -13.61 -0.43 -2.49
N PHE A 46 -12.54 -0.83 -3.19
CA PHE A 46 -11.37 -0.01 -3.40
C PHE A 46 -11.01 0.00 -4.90
N ASN A 47 -10.12 0.90 -5.27
CA ASN A 47 -9.39 0.94 -6.53
C ASN A 47 -8.14 0.08 -6.43
N GLU A 48 -7.49 -0.11 -7.58
CA GLU A 48 -6.28 -0.89 -7.80
C GLU A 48 -5.19 -0.57 -6.78
N ASP A 49 -4.93 0.70 -6.49
CA ASP A 49 -3.83 1.06 -5.58
C ASP A 49 -4.24 0.92 -4.12
N GLY A 50 -5.55 0.98 -3.88
CA GLY A 50 -6.13 1.27 -2.60
C GLY A 50 -5.75 0.20 -1.60
N ALA A 51 -6.22 -1.02 -1.81
CA ALA A 51 -5.95 -2.14 -0.90
C ALA A 51 -4.44 -2.34 -0.74
N LEU A 52 -3.65 -2.23 -1.83
CA LEU A 52 -2.19 -2.38 -1.77
C LEU A 52 -1.56 -1.41 -0.77
N ALA A 53 -2.12 -0.21 -0.65
CA ALA A 53 -1.66 0.81 0.27
C ALA A 53 -1.86 0.29 1.69
N VAL A 54 -3.05 -0.24 1.95
CA VAL A 54 -3.54 -0.58 3.28
C VAL A 54 -2.82 -1.83 3.76
N LEU A 55 -2.69 -2.82 2.89
CA LEU A 55 -1.97 -4.05 3.15
C LEU A 55 -0.51 -3.77 3.47
N GLN A 56 0.10 -2.74 2.86
CA GLN A 56 1.52 -2.48 3.06
C GLN A 56 1.80 -2.16 4.52
N GLN A 57 1.23 -1.06 4.98
CA GLN A 57 1.36 -0.56 6.34
C GLN A 57 1.00 -1.63 7.37
N PHE A 58 -0.06 -2.40 7.10
CA PHE A 58 -0.53 -3.42 8.01
C PHE A 58 0.54 -4.49 8.30
N LYS A 59 1.39 -4.81 7.32
CA LYS A 59 2.55 -5.73 7.48
C LYS A 59 3.64 -5.20 8.39
N ASP A 60 3.63 -3.90 8.65
CA ASP A 60 4.62 -3.17 9.41
C ASP A 60 3.96 -2.42 10.56
N SER A 61 2.74 -2.81 10.96
CA SER A 61 2.04 -2.22 12.08
C SER A 61 2.49 -2.85 13.39
N ASP A 62 2.24 -2.14 14.49
CA ASP A 62 2.56 -2.61 15.83
C ASP A 62 1.49 -3.59 16.27
N LEU A 63 1.69 -4.87 15.92
CA LEU A 63 0.69 -5.92 16.05
C LEU A 63 0.97 -6.89 17.19
N SER A 64 2.10 -6.74 17.89
CA SER A 64 2.64 -7.77 18.78
C SER A 64 1.66 -8.18 19.89
N HIS A 65 0.85 -7.26 20.42
CA HIS A 65 -0.24 -7.61 21.32
C HIS A 65 -1.48 -6.74 21.07
N VAL A 66 -1.80 -6.49 19.81
CA VAL A 66 -3.09 -5.91 19.45
C VAL A 66 -4.19 -6.89 19.88
N GLN A 67 -5.35 -6.39 20.28
CA GLN A 67 -6.50 -7.22 20.65
C GLN A 67 -7.45 -7.39 19.45
N ASN A 68 -7.38 -6.49 18.47
CA ASN A 68 -8.33 -6.36 17.37
C ASN A 68 -7.62 -5.80 16.12
N LYS A 69 -6.97 -6.66 15.34
CA LYS A 69 -6.38 -6.28 14.05
C LYS A 69 -7.40 -5.58 13.15
N SER A 70 -8.71 -5.82 13.30
CA SER A 70 -9.72 -5.20 12.47
C SER A 70 -9.71 -3.68 12.64
N ALA A 71 -9.56 -3.20 13.90
CA ALA A 71 -9.53 -1.78 14.20
C ALA A 71 -8.32 -1.12 13.55
N PHE A 72 -7.18 -1.79 13.58
CA PHE A 72 -5.96 -1.31 12.94
C PHE A 72 -6.21 -1.13 11.43
N LEU A 73 -6.74 -2.18 10.77
CA LEU A 73 -6.89 -2.20 9.32
C LEU A 73 -7.93 -1.18 8.85
N CYS A 74 -9.05 -1.09 9.58
CA CYS A 74 -10.11 -0.11 9.35
C CYS A 74 -9.66 1.31 9.75
N GLY A 75 -8.51 1.45 10.42
CA GLY A 75 -7.84 2.71 10.66
C GLY A 75 -7.09 3.12 9.41
N VAL A 76 -6.08 2.34 9.01
CA VAL A 76 -5.13 2.80 7.99
C VAL A 76 -5.79 3.12 6.65
N MET A 77 -6.87 2.41 6.28
CA MET A 77 -7.64 2.68 5.06
C MET A 77 -8.21 4.10 4.98
N LYS A 78 -8.26 4.83 6.11
CA LYS A 78 -8.96 6.09 6.27
C LYS A 78 -7.98 7.26 6.31
N THR A 79 -6.73 7.01 5.92
CA THR A 79 -5.64 7.98 5.88
C THR A 79 -4.99 7.96 4.50
N TYR A 80 -4.61 6.79 3.98
CA TYR A 80 -3.83 6.71 2.74
C TYR A 80 -4.52 7.45 1.58
N ARG A 81 -5.85 7.47 1.58
CA ARG A 81 -6.70 8.16 0.62
C ARG A 81 -6.32 9.63 0.43
N GLN A 82 -5.61 10.22 1.39
CA GLN A 82 -5.11 11.58 1.31
C GLN A 82 -4.19 11.79 0.09
N ARG A 83 -3.42 10.77 -0.32
CA ARG A 83 -2.63 10.82 -1.55
C ARG A 83 -3.38 10.26 -2.76
N GLU A 84 -4.67 9.93 -2.64
CA GLU A 84 -5.46 9.30 -3.70
C GLU A 84 -6.52 10.27 -4.21
N LYS A 85 -7.40 10.79 -3.35
CA LYS A 85 -8.41 11.77 -3.74
C LYS A 85 -8.86 12.60 -2.55
N GLN A 86 -9.59 13.68 -2.83
CA GLN A 86 -10.18 14.60 -1.87
C GLN A 86 -11.39 13.96 -1.16
N GLY A 87 -11.19 12.82 -0.53
CA GLY A 87 -12.25 12.01 0.02
C GLY A 87 -11.82 11.37 1.33
N THR A 88 -11.07 12.08 2.17
CA THR A 88 -10.72 11.58 3.48
C THR A 88 -10.49 12.71 4.48
N LYS A 89 -9.98 12.36 5.67
CA LYS A 89 -9.60 13.29 6.73
C LYS A 89 -8.15 13.71 6.59
N VAL A 90 -7.78 14.78 7.29
CA VAL A 90 -6.41 15.15 7.58
C VAL A 90 -5.99 14.28 8.76
N ALA A 91 -5.55 13.06 8.45
CA ALA A 91 -4.77 12.22 9.36
C ALA A 91 -3.28 12.33 9.04
N ASP A 92 -2.44 11.91 9.98
CA ASP A 92 -0.97 11.89 9.84
C ASP A 92 -0.60 10.61 9.10
N SER A 93 0.48 10.62 8.28
CA SER A 93 1.26 9.44 7.94
C SER A 93 2.54 9.88 7.24
N SER A 94 3.46 8.96 6.98
CA SER A 94 4.87 9.26 6.81
C SER A 94 5.47 8.53 5.60
N LYS A 95 5.15 8.98 4.38
CA LYS A 95 5.55 8.31 3.15
C LYS A 95 5.82 9.31 2.03
N GLY A 96 6.57 8.89 1.01
CA GLY A 96 6.81 9.68 -0.17
C GLY A 96 7.82 10.78 0.15
N PRO A 97 9.14 10.49 0.08
CA PRO A 97 10.20 11.43 0.45
C PRO A 97 10.23 12.68 -0.42
N ASP A 98 11.34 13.39 -0.26
CA ASP A 98 11.97 14.24 -1.25
C ASP A 98 12.32 13.40 -2.50
N GLU A 99 13.32 13.89 -3.22
CA GLU A 99 14.21 13.17 -4.11
C GLU A 99 13.55 12.62 -5.40
N ALA A 100 14.24 12.77 -6.53
CA ALA A 100 13.73 12.43 -7.87
C ALA A 100 14.91 12.28 -8.84
N LYS A 101 15.10 11.06 -9.37
CA LYS A 101 16.17 10.77 -10.33
C LYS A 101 15.74 11.18 -11.73
N ILE A 102 16.72 11.58 -12.55
CA ILE A 102 16.54 11.95 -13.95
C ILE A 102 15.97 10.74 -14.71
N LYS A 103 16.80 9.70 -14.94
CA LYS A 103 16.46 8.45 -15.63
C LYS A 103 15.82 8.54 -17.03
N ALA A 104 15.52 9.72 -17.59
CA ALA A 104 14.91 9.84 -18.90
C ALA A 104 15.54 10.90 -19.80
N LEU A 105 16.49 11.66 -19.26
CA LEU A 105 17.08 12.84 -19.86
C LEU A 105 18.57 12.56 -20.10
N LEU A 106 19.25 13.46 -20.78
CA LEU A 106 20.64 13.30 -21.22
C LEU A 106 21.38 14.63 -21.05
N GLU A 107 22.69 14.55 -20.95
CA GLU A 107 23.59 15.69 -20.79
C GLU A 107 24.14 16.14 -22.16
N ARG A 108 24.98 17.18 -22.17
CA ARG A 108 25.58 17.76 -23.37
C ARG A 108 26.99 18.25 -23.01
N THR A 109 27.79 18.59 -24.01
CA THR A 109 29.14 19.08 -23.92
C THR A 109 29.29 20.00 -25.13
N GLY A 110 30.10 21.04 -24.97
CA GLY A 110 30.43 22.01 -26.00
C GLY A 110 31.75 22.69 -25.65
N TYR A 111 32.87 22.04 -25.98
CA TYR A 111 34.21 22.59 -25.81
C TYR A 111 34.32 23.90 -26.61
N THR A 112 34.39 25.04 -25.93
CA THR A 112 34.75 26.33 -26.51
C THR A 112 35.21 27.23 -25.36
N LEU A 113 35.75 28.41 -25.70
CA LEU A 113 36.33 29.37 -24.75
C LEU A 113 35.27 29.99 -23.82
N ASP A 114 34.00 29.88 -24.20
CA ASP A 114 32.83 30.46 -23.53
C ASP A 114 32.25 29.53 -22.45
N VAL A 115 32.73 28.28 -22.36
CA VAL A 115 32.06 27.23 -21.58
C VAL A 115 33.00 26.77 -20.47
N THR A 116 32.43 26.61 -19.27
CA THR A 116 33.02 26.02 -18.08
C THR A 116 33.18 24.49 -18.26
N THR A 117 33.86 24.05 -19.32
CA THR A 117 34.08 22.64 -19.60
C THR A 117 35.16 22.12 -18.66
N GLY A 118 35.18 20.80 -18.50
CA GLY A 118 36.42 20.04 -18.49
C GLY A 118 36.46 19.33 -19.83
N GLY A 1 4.91 -19.11 -8.09
CA GLY A 1 3.84 -18.21 -8.52
C GLY A 1 3.64 -17.10 -7.51
N SER A 2 2.58 -17.20 -6.71
CA SER A 2 2.29 -16.34 -5.58
C SER A 2 2.20 -17.23 -4.32
N GLU A 3 2.16 -16.62 -3.14
CA GLU A 3 1.97 -17.34 -1.87
C GLU A 3 1.12 -16.47 -0.95
N ASN A 4 1.48 -15.18 -0.87
CA ASN A 4 0.73 -14.08 -0.29
C ASN A 4 -0.74 -14.10 -0.71
N PHE A 5 -1.05 -14.45 -1.96
CA PHE A 5 -2.42 -14.59 -2.45
C PHE A 5 -3.23 -15.48 -1.51
N GLN A 6 -2.78 -16.73 -1.31
CA GLN A 6 -3.44 -17.69 -0.45
C GLN A 6 -3.35 -17.28 1.03
N THR A 7 -2.25 -16.67 1.45
CA THR A 7 -2.11 -16.12 2.80
C THR A 7 -3.29 -15.20 3.12
N LEU A 8 -3.65 -14.29 2.21
CA LEU A 8 -4.67 -13.26 2.43
C LEU A 8 -6.04 -13.89 2.66
N LEU A 9 -6.41 -14.93 1.87
CA LEU A 9 -7.64 -15.70 2.04
C LEU A 9 -7.78 -16.32 3.43
N ASP A 10 -6.65 -16.51 4.13
CA ASP A 10 -6.61 -17.21 5.39
C ASP A 10 -6.27 -16.29 6.56
N ALA A 11 -5.91 -15.04 6.25
CA ALA A 11 -5.55 -14.01 7.20
C ALA A 11 -6.75 -13.18 7.65
N GLY A 12 -7.93 -13.39 7.04
CA GLY A 12 -9.15 -12.65 7.34
C GLY A 12 -9.95 -12.28 6.10
N LEU A 13 -9.36 -12.34 4.89
CA LEU A 13 -9.77 -11.44 3.81
C LEU A 13 -10.44 -12.21 2.67
N PRO A 14 -11.36 -11.58 1.91
CA PRO A 14 -12.05 -12.24 0.81
C PRO A 14 -11.17 -12.40 -0.43
N GLN A 15 -11.54 -13.33 -1.30
CA GLN A 15 -10.91 -13.66 -2.57
C GLN A 15 -10.67 -12.40 -3.40
N LYS A 16 -11.74 -11.63 -3.65
CA LYS A 16 -11.70 -10.43 -4.48
C LYS A 16 -10.64 -9.44 -4.02
N VAL A 17 -10.44 -9.28 -2.71
CA VAL A 17 -9.44 -8.37 -2.20
C VAL A 17 -8.05 -8.90 -2.57
N ALA A 18 -7.77 -10.18 -2.31
CA ALA A 18 -6.47 -10.77 -2.64
C ALA A 18 -6.21 -10.74 -4.15
N GLU A 19 -7.24 -10.86 -4.99
CA GLU A 19 -7.11 -10.76 -6.43
C GLU A 19 -6.68 -9.38 -6.91
N LYS A 20 -6.79 -8.33 -6.08
CA LYS A 20 -6.25 -7.01 -6.41
C LYS A 20 -4.90 -6.79 -5.73
N LEU A 21 -4.35 -7.78 -5.02
CA LEU A 21 -3.17 -7.64 -4.18
C LEU A 21 -2.03 -8.53 -4.64
N ASP A 22 -2.32 -9.72 -5.15
CA ASP A 22 -1.32 -10.74 -5.50
C ASP A 22 -0.19 -10.19 -6.37
N GLU A 23 -0.52 -9.53 -7.47
CA GLU A 23 0.37 -9.10 -8.52
C GLU A 23 1.33 -8.02 -8.02
N ILE A 24 0.91 -7.25 -7.02
CA ILE A 24 1.71 -6.18 -6.43
C ILE A 24 3.01 -6.78 -5.85
N TYR A 25 2.91 -7.97 -5.27
CA TYR A 25 4.03 -8.74 -4.72
C TYR A 25 4.82 -9.53 -5.79
N VAL A 26 4.45 -9.44 -7.07
CA VAL A 26 5.00 -10.25 -8.15
C VAL A 26 5.64 -9.36 -9.23
N ALA A 27 5.15 -8.12 -9.37
CA ALA A 27 5.58 -7.12 -10.32
C ALA A 27 6.30 -5.96 -9.59
N GLY A 28 7.05 -6.26 -8.53
CA GLY A 28 8.06 -5.39 -7.95
C GLY A 28 7.55 -4.13 -7.25
N LEU A 29 6.24 -4.00 -7.03
CA LEU A 29 5.64 -2.77 -6.50
C LEU A 29 5.78 -2.68 -4.98
N VAL A 30 5.98 -3.80 -4.30
CA VAL A 30 6.30 -3.86 -2.87
C VAL A 30 7.56 -4.69 -2.64
N ALA A 31 7.83 -5.06 -1.38
CA ALA A 31 8.99 -5.82 -0.96
C ALA A 31 8.65 -6.86 0.11
N HIS A 32 7.45 -7.44 0.08
CA HIS A 32 6.91 -8.42 1.02
C HIS A 32 6.56 -7.79 2.39
N SER A 33 7.43 -6.96 2.96
CA SER A 33 7.20 -6.21 4.19
C SER A 33 7.50 -4.71 3.98
N ASP A 34 7.10 -4.20 2.81
CA ASP A 34 7.14 -2.76 2.54
C ASP A 34 6.07 -2.02 3.37
N LEU A 35 5.07 -2.73 3.90
CA LEU A 35 3.99 -2.23 4.75
C LEU A 35 4.29 -2.56 6.22
N ASP A 36 3.38 -2.19 7.13
CA ASP A 36 3.54 -2.25 8.57
C ASP A 36 2.34 -2.96 9.19
N GLU A 37 2.47 -3.28 10.48
CA GLU A 37 1.41 -3.72 11.38
C GLU A 37 0.23 -2.73 11.28
N ARG A 38 0.55 -1.44 11.36
CA ARG A 38 -0.43 -0.36 11.29
C ARG A 38 -1.23 -0.41 10.00
N ALA A 39 -0.63 -0.84 8.88
CA ALA A 39 -1.35 -0.97 7.63
C ALA A 39 -2.27 -2.20 7.64
N ILE A 40 -1.85 -3.32 8.27
CA ILE A 40 -2.65 -4.53 8.32
C ILE A 40 -3.95 -4.29 9.09
N GLU A 41 -3.90 -3.59 10.23
CA GLU A 41 -5.11 -3.30 11.02
C GLU A 41 -6.21 -2.71 10.13
N ALA A 42 -5.85 -1.71 9.35
CA ALA A 42 -6.80 -1.00 8.50
C ALA A 42 -7.10 -1.75 7.20
N LEU A 43 -6.32 -2.78 6.84
CA LEU A 43 -6.54 -3.70 5.74
C LEU A 43 -7.16 -5.04 6.19
N LYS A 44 -7.99 -5.03 7.23
CA LYS A 44 -8.87 -6.15 7.58
C LYS A 44 -10.32 -5.73 7.37
N GLU A 45 -10.80 -4.70 8.07
CA GLU A 45 -12.21 -4.38 8.09
C GLU A 45 -12.57 -3.30 7.08
N PHE A 46 -12.51 -3.68 5.81
CA PHE A 46 -12.94 -2.89 4.66
C PHE A 46 -14.15 -3.52 3.98
N ASN A 47 -14.87 -2.73 3.18
CA ASN A 47 -15.94 -3.21 2.32
C ASN A 47 -15.35 -3.80 1.04
N GLU A 48 -16.24 -4.33 0.20
CA GLU A 48 -15.99 -4.97 -1.08
C GLU A 48 -15.36 -4.04 -2.14
N ASP A 49 -15.28 -2.74 -1.90
CA ASP A 49 -14.45 -1.84 -2.70
C ASP A 49 -13.33 -1.19 -1.88
N GLY A 50 -13.35 -1.39 -0.56
CA GLY A 50 -12.61 -0.56 0.37
C GLY A 50 -11.13 -0.92 0.44
N ALA A 51 -10.80 -2.19 0.20
CA ALA A 51 -9.45 -2.58 -0.14
C ALA A 51 -9.19 -2.25 -1.61
N LEU A 52 -10.07 -2.72 -2.49
CA LEU A 52 -9.90 -2.82 -3.94
C LEU A 52 -9.42 -1.49 -4.51
N ALA A 53 -10.09 -0.39 -4.16
CA ALA A 53 -9.89 0.92 -4.73
C ALA A 53 -8.51 1.44 -4.35
N VAL A 54 -8.11 1.13 -3.13
CA VAL A 54 -6.92 1.62 -2.48
C VAL A 54 -5.72 0.85 -3.04
N LEU A 55 -5.86 -0.47 -3.14
CA LEU A 55 -4.85 -1.37 -3.71
C LEU A 55 -4.58 -1.02 -5.16
N GLN A 56 -5.65 -0.82 -5.94
CA GLN A 56 -5.58 -0.40 -7.33
C GLN A 56 -4.67 0.83 -7.47
N GLN A 57 -5.05 1.90 -6.79
CA GLN A 57 -4.31 3.16 -6.77
C GLN A 57 -2.84 2.94 -6.46
N PHE A 58 -2.52 2.19 -5.39
CA PHE A 58 -1.14 1.93 -4.97
C PHE A 58 -0.27 1.38 -6.10
N LYS A 59 -0.83 0.54 -6.99
CA LYS A 59 -0.09 -0.03 -8.14
C LYS A 59 0.40 1.02 -9.12
N ASP A 60 -0.13 2.23 -9.04
CA ASP A 60 0.06 3.28 -10.03
C ASP A 60 0.46 4.58 -9.35
N SER A 61 1.17 4.47 -8.23
CA SER A 61 1.69 5.58 -7.46
C SER A 61 3.16 5.85 -7.78
N ASP A 62 3.69 6.96 -7.24
CA ASP A 62 5.00 7.56 -7.49
C ASP A 62 6.13 6.83 -6.75
N LEU A 63 6.12 5.50 -6.76
CA LEU A 63 6.87 4.68 -5.81
C LEU A 63 8.40 4.70 -6.01
N SER A 64 8.87 5.42 -7.02
CA SER A 64 10.27 5.77 -7.23
C SER A 64 10.80 6.69 -6.12
N HIS A 65 9.93 7.27 -5.27
CA HIS A 65 10.28 8.39 -4.39
C HIS A 65 9.71 8.26 -2.96
N VAL A 66 9.31 7.07 -2.51
CA VAL A 66 8.66 6.87 -1.20
C VAL A 66 9.59 6.22 -0.17
N GLN A 67 9.81 6.91 0.95
CA GLN A 67 10.49 6.37 2.13
C GLN A 67 9.68 5.20 2.73
N ASN A 68 8.41 5.47 3.07
CA ASN A 68 7.57 4.62 3.93
C ASN A 68 6.26 4.33 3.20
N LYS A 69 6.20 3.20 2.49
CA LYS A 69 5.02 2.72 1.79
C LYS A 69 3.88 2.38 2.76
N SER A 70 4.17 2.02 4.01
CA SER A 70 3.16 1.74 5.00
C SER A 70 2.33 2.99 5.30
N ALA A 71 3.01 4.12 5.52
CA ALA A 71 2.37 5.42 5.65
C ALA A 71 1.62 5.77 4.37
N PHE A 72 2.25 5.55 3.21
CA PHE A 72 1.67 5.87 1.90
C PHE A 72 0.30 5.20 1.71
N LEU A 73 0.20 3.90 2.04
CA LEU A 73 -1.05 3.16 1.90
C LEU A 73 -2.13 3.73 2.79
N CYS A 74 -1.79 4.08 4.03
CA CYS A 74 -2.71 4.76 4.95
C CYS A 74 -3.22 6.03 4.27
N GLY A 75 -2.31 6.76 3.63
CA GLY A 75 -2.58 7.94 2.84
C GLY A 75 -3.67 7.70 1.81
N VAL A 76 -3.52 6.71 0.93
CA VAL A 76 -4.54 6.40 -0.08
C VAL A 76 -5.87 6.07 0.61
N MET A 77 -5.88 5.20 1.62
CA MET A 77 -7.13 4.83 2.28
C MET A 77 -7.75 5.96 3.12
N LYS A 78 -7.07 7.10 3.32
CA LYS A 78 -7.61 8.27 4.00
C LYS A 78 -7.89 9.42 3.04
N THR A 79 -7.59 9.25 1.74
CA THR A 79 -8.15 10.08 0.68
C THR A 79 -9.55 9.59 0.32
N TYR A 80 -9.68 8.36 -0.18
CA TYR A 80 -10.83 7.99 -1.00
C TYR A 80 -12.18 7.99 -0.26
N ARG A 81 -12.20 7.75 1.06
CA ARG A 81 -13.47 7.66 1.81
C ARG A 81 -14.22 8.98 1.77
N GLN A 82 -13.54 10.11 1.54
CA GLN A 82 -14.05 11.43 1.41
C GLN A 82 -15.08 11.44 0.27
N ARG A 83 -14.64 11.07 -0.93
CA ARG A 83 -15.48 11.08 -2.12
C ARG A 83 -16.48 9.92 -2.16
N GLU A 84 -16.15 8.75 -1.63
CA GLU A 84 -17.10 7.63 -1.58
C GLU A 84 -18.32 8.02 -0.74
N LYS A 85 -18.08 8.76 0.36
CA LYS A 85 -19.05 9.34 1.27
C LYS A 85 -19.75 8.26 2.11
N GLN A 86 -20.47 7.32 1.50
CA GLN A 86 -21.03 6.16 2.18
C GLN A 86 -20.16 4.93 1.95
N GLY A 87 -18.97 4.88 2.55
CA GLY A 87 -18.06 3.75 2.38
C GLY A 87 -17.29 3.43 3.65
N THR A 88 -17.95 3.49 4.81
CA THR A 88 -17.37 3.06 6.08
C THR A 88 -18.47 2.44 6.95
N LYS A 89 -18.07 1.83 8.05
CA LYS A 89 -18.92 1.23 9.09
C LYS A 89 -18.59 1.89 10.43
N VAL A 90 -19.16 1.41 11.53
CA VAL A 90 -18.83 1.83 12.89
C VAL A 90 -18.11 0.69 13.61
N ALA A 91 -17.00 0.21 13.03
CA ALA A 91 -16.23 -0.89 13.63
C ALA A 91 -14.73 -0.84 13.41
N ASP A 92 -14.23 0.15 12.67
CA ASP A 92 -12.81 0.32 12.37
C ASP A 92 -12.20 1.42 13.22
N SER A 93 -10.91 1.33 13.48
CA SER A 93 -10.10 2.41 14.04
C SER A 93 -8.62 2.09 13.79
N SER A 94 -7.86 3.07 13.29
CA SER A 94 -6.42 3.00 13.10
C SER A 94 -5.96 4.43 12.85
N LYS A 95 -5.09 4.96 13.72
CA LYS A 95 -4.56 6.31 13.61
C LYS A 95 -3.09 6.34 14.03
N GLY A 96 -2.26 6.96 13.20
CA GLY A 96 -0.87 7.25 13.47
C GLY A 96 -0.24 7.84 12.22
N PRO A 97 -0.57 9.08 11.82
CA PRO A 97 0.15 9.75 10.76
C PRO A 97 1.62 9.88 11.19
N ASP A 98 2.53 9.35 10.35
CA ASP A 98 3.95 9.33 10.57
C ASP A 98 4.59 9.90 9.32
N GLU A 99 4.54 11.22 9.22
CA GLU A 99 5.12 11.96 8.12
C GLU A 99 5.48 13.33 8.66
N ALA A 100 6.77 13.49 8.96
CA ALA A 100 7.31 14.69 9.59
C ALA A 100 8.75 14.96 9.14
N LYS A 101 9.53 13.93 8.80
CA LYS A 101 10.95 14.05 8.45
C LYS A 101 11.27 13.62 7.02
N ILE A 102 10.26 13.17 6.29
CA ILE A 102 10.38 12.48 5.01
C ILE A 102 11.13 13.29 3.95
N LYS A 103 10.91 14.61 3.94
CA LYS A 103 11.50 15.54 2.97
C LYS A 103 12.97 15.86 3.22
N ALA A 104 13.56 15.42 4.34
CA ALA A 104 14.99 15.50 4.58
C ALA A 104 15.47 14.06 4.57
N LEU A 105 15.88 13.61 3.38
CA LEU A 105 16.40 12.30 3.11
C LEU A 105 17.26 12.40 1.86
N LEU A 106 18.08 11.39 1.57
CA LEU A 106 18.52 11.08 0.22
C LEU A 106 18.72 9.57 0.09
N GLU A 107 18.86 9.11 -1.15
CA GLU A 107 19.41 7.82 -1.55
C GLU A 107 19.64 7.89 -3.06
N ARG A 108 20.47 7.02 -3.63
CA ARG A 108 20.46 6.65 -5.04
C ARG A 108 21.28 5.38 -5.23
N THR A 109 21.30 4.83 -6.44
CA THR A 109 22.20 3.80 -6.86
C THR A 109 22.25 3.88 -8.39
N GLY A 110 23.40 3.59 -8.98
CA GLY A 110 23.51 3.29 -10.40
C GLY A 110 24.97 3.07 -10.78
N TYR A 111 25.23 2.18 -11.75
CA TYR A 111 26.54 1.96 -12.34
C TYR A 111 26.37 1.54 -13.80
N THR A 112 26.49 2.51 -14.69
CA THR A 112 26.49 2.33 -16.15
C THR A 112 27.88 1.82 -16.59
N LEU A 113 28.10 1.61 -17.89
CA LEU A 113 29.42 1.36 -18.46
C LEU A 113 30.07 2.74 -18.70
N ASP A 114 30.27 3.43 -17.60
CA ASP A 114 30.83 4.76 -17.45
C ASP A 114 31.05 4.92 -15.96
N VAL A 115 32.32 5.06 -15.59
CA VAL A 115 32.77 5.36 -14.24
C VAL A 115 32.65 6.85 -13.86
N THR A 116 32.33 7.74 -14.81
CA THR A 116 32.38 9.20 -14.61
C THR A 116 31.10 9.71 -13.92
N THR A 117 29.95 9.10 -14.22
CA THR A 117 28.63 9.55 -13.79
C THR A 117 28.50 9.49 -12.25
N GLY A 118 28.41 10.67 -11.64
CA GLY A 118 28.15 10.89 -10.21
C GLY A 118 27.11 11.99 -10.09
N GLY A 1 4.40 -0.34 -17.61
CA GLY A 1 5.14 0.25 -16.48
C GLY A 1 6.01 -0.79 -15.78
N SER A 2 5.92 -0.85 -14.47
CA SER A 2 6.75 -1.70 -13.62
C SER A 2 6.24 -3.14 -13.60
N GLU A 3 7.05 -4.01 -13.00
CA GLU A 3 6.77 -5.44 -12.86
C GLU A 3 5.68 -5.68 -11.80
N ASN A 4 5.73 -4.91 -10.70
CA ASN A 4 4.75 -4.96 -9.62
C ASN A 4 3.31 -4.75 -10.11
N PHE A 5 3.10 -4.11 -11.26
CA PHE A 5 1.80 -3.92 -11.86
C PHE A 5 1.25 -5.29 -12.28
N GLN A 6 1.96 -6.02 -13.14
CA GLN A 6 1.50 -7.32 -13.64
C GLN A 6 1.43 -8.35 -12.52
N THR A 7 2.27 -8.22 -11.49
CA THR A 7 2.19 -9.05 -10.30
C THR A 7 0.91 -8.79 -9.49
N LEU A 8 0.34 -7.57 -9.47
CA LEU A 8 -0.93 -7.33 -8.78
C LEU A 8 -2.07 -8.02 -9.51
N LEU A 9 -2.08 -7.94 -10.84
CA LEU A 9 -3.03 -8.62 -11.72
C LEU A 9 -3.09 -10.13 -11.53
N ASP A 10 -2.06 -10.71 -10.92
CA ASP A 10 -1.80 -12.14 -10.86
C ASP A 10 -1.71 -12.66 -9.43
N ALA A 11 -1.70 -11.74 -8.46
CA ALA A 11 -1.70 -12.04 -7.03
C ALA A 11 -3.10 -12.30 -6.49
N GLY A 12 -4.15 -12.13 -7.30
CA GLY A 12 -5.54 -12.30 -6.94
C GLY A 12 -6.40 -11.07 -7.24
N LEU A 13 -5.83 -9.96 -7.74
CA LEU A 13 -6.48 -8.65 -7.71
C LEU A 13 -6.71 -8.12 -9.12
N PRO A 14 -7.74 -7.27 -9.32
CA PRO A 14 -8.11 -6.74 -10.62
C PRO A 14 -7.15 -5.63 -11.09
N GLN A 15 -7.19 -5.34 -12.39
CA GLN A 15 -6.40 -4.30 -13.02
C GLN A 15 -6.73 -2.93 -12.44
N LYS A 16 -8.03 -2.61 -12.28
CA LYS A 16 -8.47 -1.32 -11.77
C LYS A 16 -7.81 -0.96 -10.44
N VAL A 17 -7.52 -1.95 -9.60
CA VAL A 17 -6.84 -1.72 -8.34
C VAL A 17 -5.36 -1.47 -8.62
N ALA A 18 -4.72 -2.38 -9.37
CA ALA A 18 -3.31 -2.24 -9.73
C ALA A 18 -3.01 -0.87 -10.36
N GLU A 19 -3.91 -0.33 -11.19
CA GLU A 19 -3.73 0.92 -11.92
C GLU A 19 -3.52 2.13 -10.99
N LYS A 20 -3.99 2.06 -9.74
CA LYS A 20 -3.86 3.16 -8.80
C LYS A 20 -2.83 2.85 -7.71
N LEU A 21 -2.44 1.59 -7.58
CA LEU A 21 -1.48 1.08 -6.60
C LEU A 21 -0.06 1.13 -7.16
N ASP A 22 0.11 0.89 -8.45
CA ASP A 22 1.41 0.89 -9.12
C ASP A 22 2.17 2.19 -8.87
N GLU A 23 1.48 3.33 -8.92
CA GLU A 23 2.08 4.64 -8.75
C GLU A 23 2.72 4.84 -7.37
N ILE A 24 2.31 4.05 -6.37
CA ILE A 24 2.86 4.06 -5.01
C ILE A 24 4.25 3.41 -5.05
N TYR A 25 4.40 2.30 -5.76
CA TYR A 25 5.67 1.56 -5.85
C TYR A 25 6.74 2.37 -6.59
N VAL A 26 6.33 3.12 -7.61
CA VAL A 26 7.25 3.80 -8.51
C VAL A 26 7.75 5.06 -7.82
N ALA A 27 6.83 5.77 -7.16
CA ALA A 27 7.14 7.05 -6.53
C ALA A 27 7.80 6.84 -5.16
N GLY A 28 8.34 5.65 -4.89
CA GLY A 28 9.18 5.38 -3.74
C GLY A 28 8.43 5.39 -2.42
N LEU A 29 7.08 5.35 -2.45
CA LEU A 29 6.31 5.34 -1.20
C LEU A 29 6.41 3.99 -0.50
N VAL A 30 6.90 2.96 -1.20
CA VAL A 30 7.25 1.68 -0.59
C VAL A 30 8.64 1.23 -1.01
N ALA A 31 9.17 0.29 -0.25
CA ALA A 31 10.43 -0.40 -0.40
C ALA A 31 10.28 -1.80 -1.00
N HIS A 32 9.31 -2.00 -1.89
CA HIS A 32 8.91 -3.31 -2.42
C HIS A 32 8.28 -4.18 -1.32
N SER A 33 9.05 -4.84 -0.45
CA SER A 33 8.53 -5.73 0.61
C SER A 33 8.08 -4.95 1.86
N ASP A 34 7.54 -3.75 1.66
CA ASP A 34 7.08 -2.86 2.73
C ASP A 34 5.73 -3.30 3.32
N LEU A 35 5.13 -4.36 2.76
CA LEU A 35 3.89 -4.96 3.22
C LEU A 35 4.25 -6.06 4.21
N ASP A 36 3.33 -6.38 5.11
CA ASP A 36 3.42 -7.52 6.03
C ASP A 36 2.49 -8.59 5.49
N GLU A 37 2.62 -9.81 6.00
CA GLU A 37 1.75 -10.94 5.67
C GLU A 37 0.29 -10.54 5.91
N ARG A 38 0.05 -9.86 7.03
CA ARG A 38 -1.26 -9.42 7.48
C ARG A 38 -1.86 -8.33 6.59
N ALA A 39 -1.07 -7.64 5.76
CA ALA A 39 -1.63 -6.71 4.79
C ALA A 39 -2.11 -7.51 3.58
N ILE A 40 -1.33 -8.48 3.07
CA ILE A 40 -1.67 -9.23 1.86
C ILE A 40 -2.99 -10.00 2.01
N GLU A 41 -3.24 -10.60 3.17
CA GLU A 41 -4.47 -11.33 3.46
C GLU A 41 -5.70 -10.42 3.41
N ALA A 42 -5.61 -9.23 4.00
CA ALA A 42 -6.73 -8.30 4.00
C ALA A 42 -6.91 -7.70 2.59
N LEU A 43 -5.80 -7.36 1.92
CA LEU A 43 -5.73 -6.84 0.56
C LEU A 43 -6.01 -7.92 -0.49
N LYS A 44 -6.70 -9.01 -0.14
CA LYS A 44 -7.13 -10.05 -1.06
C LYS A 44 -8.61 -9.86 -1.41
N GLU A 45 -9.43 -9.60 -0.40
CA GLU A 45 -10.89 -9.69 -0.52
C GLU A 45 -11.54 -8.32 -0.27
N PHE A 46 -11.48 -7.44 -1.27
CA PHE A 46 -12.19 -6.17 -1.33
C PHE A 46 -13.07 -6.14 -2.59
N ASN A 47 -14.01 -5.20 -2.65
CA ASN A 47 -14.77 -4.84 -3.85
C ASN A 47 -13.95 -3.89 -4.72
N GLU A 48 -14.51 -3.53 -5.88
CA GLU A 48 -13.96 -2.55 -6.81
C GLU A 48 -13.55 -1.30 -6.06
N ASP A 49 -14.51 -0.67 -5.39
CA ASP A 49 -14.40 0.66 -4.79
C ASP A 49 -13.74 0.61 -3.40
N GLY A 50 -13.23 -0.56 -3.01
CA GLY A 50 -12.66 -0.80 -1.69
C GLY A 50 -11.19 -0.45 -1.69
N ALA A 51 -10.37 -1.25 -2.38
CA ALA A 51 -8.92 -1.04 -2.41
C ALA A 51 -8.58 0.37 -2.85
N LEU A 52 -9.28 0.86 -3.87
CA LEU A 52 -9.07 2.18 -4.45
C LEU A 52 -9.21 3.28 -3.41
N ALA A 53 -10.23 3.18 -2.56
CA ALA A 53 -10.55 4.18 -1.56
C ALA A 53 -9.49 4.18 -0.45
N VAL A 54 -9.01 2.99 -0.11
CA VAL A 54 -8.02 2.77 0.95
C VAL A 54 -6.70 3.35 0.49
N LEU A 55 -6.25 2.90 -0.66
CA LEU A 55 -4.94 3.19 -1.20
C LEU A 55 -4.81 4.66 -1.57
N GLN A 56 -5.93 5.34 -1.85
CA GLN A 56 -5.93 6.78 -2.07
C GLN A 56 -5.36 7.52 -0.86
N GLN A 57 -6.01 7.32 0.28
CA GLN A 57 -5.57 7.86 1.56
C GLN A 57 -4.14 7.42 1.88
N PHE A 58 -3.77 6.18 1.55
CA PHE A 58 -2.41 5.71 1.78
C PHE A 58 -1.38 6.58 1.04
N LYS A 59 -1.64 6.93 -0.22
CA LYS A 59 -0.76 7.82 -0.98
C LYS A 59 -0.59 9.16 -0.27
N ASP A 60 -1.67 9.68 0.29
CA ASP A 60 -1.69 10.94 1.03
C ASP A 60 -1.41 10.65 2.49
N SER A 61 -0.26 10.05 2.78
CA SER A 61 0.17 9.86 4.15
C SER A 61 1.65 10.19 4.35
N ASP A 62 1.92 10.42 5.62
CA ASP A 62 3.11 10.81 6.35
C ASP A 62 4.04 9.61 6.47
N LEU A 63 4.32 8.98 5.34
CA LEU A 63 5.06 7.72 5.23
C LEU A 63 6.58 7.92 5.39
N SER A 64 6.98 8.90 6.20
CA SER A 64 8.37 9.25 6.47
C SER A 64 8.70 9.18 7.96
N HIS A 65 7.75 8.89 8.86
CA HIS A 65 8.05 8.62 10.27
C HIS A 65 7.53 7.24 10.74
N VAL A 66 7.04 6.45 9.80
CA VAL A 66 6.56 5.08 9.91
C VAL A 66 7.73 4.11 9.79
N GLN A 67 7.77 3.07 10.64
CA GLN A 67 8.64 1.92 10.37
C GLN A 67 7.92 0.97 9.41
N ASN A 68 6.67 0.61 9.74
CA ASN A 68 5.89 -0.43 9.08
C ASN A 68 4.84 0.18 8.15
N LYS A 69 5.15 0.28 6.85
CA LYS A 69 4.19 0.78 5.86
C LYS A 69 2.89 -0.01 5.92
N SER A 70 2.96 -1.33 6.09
CA SER A 70 1.79 -2.18 6.05
C SER A 70 0.76 -1.82 7.14
N ALA A 71 1.23 -1.33 8.30
CA ALA A 71 0.35 -0.95 9.39
C ALA A 71 -0.25 0.44 9.14
N PHE A 72 0.43 1.31 8.39
CA PHE A 72 -0.21 2.51 7.86
C PHE A 72 -1.34 2.12 6.88
N LEU A 73 -1.28 0.93 6.26
CA LEU A 73 -2.35 0.48 5.38
C LEU A 73 -3.45 -0.24 6.19
N CYS A 74 -3.10 -0.85 7.32
CA CYS A 74 -4.03 -1.66 8.10
C CYS A 74 -5.08 -0.82 8.82
N GLY A 75 -4.72 0.40 9.23
CA GLY A 75 -5.63 1.27 9.95
C GLY A 75 -6.62 1.90 8.99
N VAL A 76 -6.17 2.47 7.87
CA VAL A 76 -7.09 3.13 6.94
C VAL A 76 -8.11 2.14 6.36
N MET A 77 -7.69 0.91 6.02
CA MET A 77 -8.63 -0.11 5.54
C MET A 77 -9.67 -0.52 6.59
N LYS A 78 -9.52 -0.08 7.84
CA LYS A 78 -10.40 -0.37 8.96
C LYS A 78 -11.16 0.89 9.40
N THR A 79 -11.09 1.98 8.63
CA THR A 79 -11.81 3.22 8.92
C THR A 79 -12.72 3.60 7.74
N TYR A 80 -12.26 3.49 6.49
CA TYR A 80 -13.10 3.85 5.33
C TYR A 80 -14.44 3.11 5.38
N ARG A 81 -14.38 1.78 5.60
CA ARG A 81 -15.53 0.89 5.73
C ARG A 81 -16.57 1.38 6.72
N GLN A 82 -16.12 2.08 7.75
CA GLN A 82 -16.97 2.51 8.84
C GLN A 82 -17.75 3.71 8.33
N ARG A 83 -17.04 4.70 7.79
CA ARG A 83 -17.59 5.90 7.16
C ARG A 83 -18.48 5.56 5.96
N GLU A 84 -18.27 4.44 5.29
CA GLU A 84 -19.11 3.98 4.19
C GLU A 84 -20.56 3.72 4.64
N LYS A 85 -20.85 3.49 5.93
CA LYS A 85 -22.17 3.14 6.44
C LYS A 85 -22.39 3.75 7.81
N GLN A 86 -23.49 3.39 8.49
CA GLN A 86 -23.93 3.93 9.76
C GLN A 86 -24.21 2.76 10.70
N GLY A 87 -23.37 1.73 10.69
CA GLY A 87 -23.61 0.48 11.41
C GLY A 87 -22.53 0.17 12.46
N THR A 88 -21.89 1.18 13.06
CA THR A 88 -20.67 0.92 13.83
C THR A 88 -20.50 1.93 14.98
N LYS A 89 -19.27 1.99 15.51
CA LYS A 89 -18.78 2.82 16.60
C LYS A 89 -17.61 3.64 16.04
N VAL A 90 -17.38 4.81 16.60
CA VAL A 90 -16.38 5.77 16.19
C VAL A 90 -16.04 6.53 17.48
N ALA A 91 -14.78 6.39 17.86
CA ALA A 91 -14.12 7.09 18.95
C ALA A 91 -12.97 7.93 18.42
N ASP A 92 -12.26 8.58 19.34
CA ASP A 92 -10.93 9.16 19.22
C ASP A 92 -9.87 8.08 18.92
N SER A 93 -8.62 8.50 18.68
CA SER A 93 -7.42 7.72 18.89
C SER A 93 -6.25 8.64 19.27
N SER A 94 -5.04 8.11 19.51
CA SER A 94 -3.85 8.85 19.87
C SER A 94 -2.67 7.89 19.68
N LYS A 95 -1.75 8.21 18.78
CA LYS A 95 -0.48 7.49 18.69
C LYS A 95 0.40 7.74 19.93
N GLY A 96 1.54 7.07 19.96
CA GLY A 96 2.50 7.08 21.05
C GLY A 96 3.92 7.17 20.47
N PRO A 97 4.58 6.05 20.18
CA PRO A 97 5.92 6.01 19.60
C PRO A 97 5.86 6.37 18.11
N ASP A 98 6.76 7.25 17.66
CA ASP A 98 6.78 7.76 16.30
C ASP A 98 8.21 8.22 16.01
N GLU A 99 9.01 7.36 15.39
CA GLU A 99 10.26 7.72 14.73
C GLU A 99 10.67 6.54 13.84
N ALA A 100 11.23 6.82 12.66
CA ALA A 100 11.70 5.82 11.73
C ALA A 100 12.82 6.39 10.85
N LYS A 101 14.07 6.01 11.12
CA LYS A 101 15.19 6.33 10.23
C LYS A 101 15.20 5.28 9.11
N ILE A 102 14.65 5.64 7.96
CA ILE A 102 14.64 4.83 6.75
C ILE A 102 14.95 5.75 5.56
N LYS A 103 14.41 6.96 5.51
CA LYS A 103 14.52 7.84 4.32
C LYS A 103 15.95 8.11 3.88
N ALA A 104 16.94 8.04 4.75
CA ALA A 104 18.35 8.23 4.37
C ALA A 104 18.94 7.05 3.58
N LEU A 105 18.18 5.97 3.40
CA LEU A 105 18.58 4.76 2.69
C LEU A 105 18.50 4.98 1.18
N LEU A 106 19.18 4.14 0.40
CA LEU A 106 19.11 3.98 -1.03
C LEU A 106 19.47 2.53 -1.39
N GLU A 107 19.29 2.12 -2.65
CA GLU A 107 19.30 0.72 -3.07
C GLU A 107 19.98 0.57 -4.44
N ARG A 108 20.57 -0.60 -4.75
CA ARG A 108 21.41 -0.79 -5.95
C ARG A 108 21.05 -2.06 -6.71
N THR A 109 19.81 -2.19 -7.19
CA THR A 109 19.43 -3.30 -8.04
C THR A 109 18.13 -2.94 -8.76
N GLY A 110 18.07 -3.14 -10.07
CA GLY A 110 16.87 -3.10 -10.87
C GLY A 110 17.12 -3.86 -12.16
N TYR A 111 16.06 -4.43 -12.73
CA TYR A 111 16.00 -4.95 -14.10
C TYR A 111 14.53 -4.86 -14.56
N THR A 112 14.30 -5.04 -15.86
CA THR A 112 13.00 -5.29 -16.44
C THR A 112 13.14 -6.39 -17.50
N LEU A 113 12.05 -6.63 -18.23
CA LEU A 113 11.84 -7.60 -19.31
C LEU A 113 12.70 -7.34 -20.56
N ASP A 114 13.84 -6.65 -20.45
CA ASP A 114 14.70 -6.29 -21.57
C ASP A 114 16.12 -6.72 -21.22
N VAL A 115 16.42 -8.01 -21.47
CA VAL A 115 17.55 -8.72 -20.89
C VAL A 115 18.90 -8.04 -21.17
N THR A 116 19.04 -7.37 -22.32
CA THR A 116 20.30 -6.78 -22.76
C THR A 116 20.62 -5.44 -22.06
N THR A 117 19.80 -4.99 -21.10
CA THR A 117 20.05 -3.73 -20.40
C THR A 117 21.29 -3.88 -19.49
N GLY A 118 21.96 -2.76 -19.25
CA GLY A 118 23.08 -2.58 -18.33
C GLY A 118 23.20 -1.09 -18.05
N GLY A 1 -10.44 -21.98 5.14
CA GLY A 1 -9.92 -20.86 4.34
C GLY A 1 -11.07 -19.99 3.89
N SER A 2 -10.95 -19.34 2.74
CA SER A 2 -12.03 -18.65 2.07
C SER A 2 -11.72 -18.63 0.58
N GLU A 3 -12.75 -18.51 -0.24
CA GLU A 3 -12.67 -18.63 -1.69
C GLU A 3 -11.82 -17.52 -2.32
N ASN A 4 -11.64 -16.41 -1.59
CA ASN A 4 -10.82 -15.28 -2.00
C ASN A 4 -9.39 -15.67 -2.34
N PHE A 5 -8.82 -16.71 -1.71
CA PHE A 5 -7.41 -16.99 -1.80
C PHE A 5 -7.00 -17.28 -3.25
N GLN A 6 -7.69 -18.23 -3.87
CA GLN A 6 -7.39 -18.63 -5.24
C GLN A 6 -7.79 -17.52 -6.25
N THR A 7 -8.76 -16.68 -5.88
CA THR A 7 -9.11 -15.51 -6.68
C THR A 7 -7.96 -14.51 -6.68
N LEU A 8 -7.38 -14.18 -5.52
CA LEU A 8 -6.30 -13.20 -5.38
C LEU A 8 -5.06 -13.67 -6.11
N LEU A 9 -4.75 -14.97 -5.97
CA LEU A 9 -3.67 -15.64 -6.71
C LEU A 9 -3.83 -15.50 -8.22
N ASP A 10 -5.04 -15.27 -8.72
CA ASP A 10 -5.30 -15.07 -10.14
C ASP A 10 -5.60 -13.62 -10.52
N ALA A 11 -5.75 -12.73 -9.54
CA ALA A 11 -6.02 -11.31 -9.74
C ALA A 11 -4.74 -10.54 -10.09
N GLY A 12 -3.59 -11.21 -10.07
CA GLY A 12 -2.29 -10.65 -10.34
C GLY A 12 -1.26 -11.08 -9.31
N LEU A 13 -1.70 -11.57 -8.14
CA LEU A 13 -1.02 -11.30 -6.89
C LEU A 13 -0.24 -12.53 -6.41
N PRO A 14 0.91 -12.35 -5.74
CA PRO A 14 1.70 -13.46 -5.24
C PRO A 14 0.96 -14.25 -4.17
N GLN A 15 1.32 -15.53 -4.07
CA GLN A 15 0.84 -16.51 -3.12
C GLN A 15 0.85 -15.96 -1.70
N LYS A 16 2.01 -15.51 -1.27
CA LYS A 16 2.26 -14.97 0.06
C LYS A 16 1.29 -13.84 0.42
N VAL A 17 0.94 -12.98 -0.54
CA VAL A 17 -0.02 -11.91 -0.29
C VAL A 17 -1.41 -12.50 -0.07
N ALA A 18 -1.82 -13.47 -0.90
CA ALA A 18 -3.10 -14.15 -0.73
C ALA A 18 -3.22 -14.76 0.66
N GLU A 19 -2.16 -15.35 1.21
CA GLU A 19 -2.19 -15.90 2.58
C GLU A 19 -2.57 -14.84 3.59
N LYS A 20 -1.88 -13.70 3.58
CA LYS A 20 -2.02 -12.72 4.65
C LYS A 20 -3.38 -12.04 4.57
N LEU A 21 -4.00 -12.00 3.38
CA LEU A 21 -5.34 -11.46 3.16
C LEU A 21 -6.42 -12.49 3.51
N ASP A 22 -6.19 -13.78 3.23
CA ASP A 22 -7.17 -14.86 3.44
C ASP A 22 -7.73 -14.86 4.85
N GLU A 23 -6.80 -14.76 5.80
CA GLU A 23 -7.02 -14.85 7.21
C GLU A 23 -7.98 -13.77 7.71
N ILE A 24 -7.93 -12.58 7.11
CA ILE A 24 -8.68 -11.41 7.53
C ILE A 24 -10.18 -11.69 7.31
N TYR A 25 -10.51 -12.28 6.17
CA TYR A 25 -11.88 -12.66 5.82
C TYR A 25 -12.41 -13.81 6.70
N VAL A 26 -11.56 -14.48 7.47
CA VAL A 26 -11.88 -15.67 8.28
C VAL A 26 -11.75 -15.32 9.78
N ALA A 27 -11.16 -14.17 10.11
CA ALA A 27 -11.02 -13.65 11.45
C ALA A 27 -12.19 -12.76 11.85
N GLY A 28 -13.18 -12.55 10.98
CA GLY A 28 -14.33 -11.69 11.25
C GLY A 28 -13.93 -10.22 11.38
N LEU A 29 -12.81 -9.80 10.77
CA LEU A 29 -12.37 -8.40 10.85
C LEU A 29 -13.21 -7.49 9.96
N VAL A 30 -13.78 -8.05 8.89
CA VAL A 30 -14.29 -7.31 7.76
C VAL A 30 -15.73 -7.72 7.42
N ALA A 31 -16.26 -7.16 6.34
CA ALA A 31 -17.58 -7.43 5.80
C ALA A 31 -17.57 -7.80 4.33
N HIS A 32 -16.55 -8.52 3.88
CA HIS A 32 -16.29 -8.86 2.48
C HIS A 32 -16.09 -7.57 1.67
N SER A 33 -17.15 -6.92 1.17
CA SER A 33 -17.09 -5.64 0.46
C SER A 33 -17.01 -4.48 1.47
N ASP A 34 -15.98 -4.55 2.29
CA ASP A 34 -15.61 -3.59 3.35
C ASP A 34 -14.67 -2.50 2.80
N LEU A 35 -14.48 -2.41 1.48
CA LEU A 35 -13.49 -1.58 0.80
C LEU A 35 -14.11 -0.94 -0.43
N ASP A 36 -13.58 0.21 -0.86
CA ASP A 36 -13.90 0.80 -2.15
C ASP A 36 -13.24 -0.08 -3.21
N GLU A 37 -13.80 -0.08 -4.41
CA GLU A 37 -13.12 -0.51 -5.64
C GLU A 37 -11.82 0.29 -5.80
N ARG A 38 -11.86 1.58 -5.44
CA ARG A 38 -10.69 2.46 -5.45
C ARG A 38 -9.54 1.85 -4.64
N ALA A 39 -9.82 1.28 -3.46
CA ALA A 39 -8.82 0.63 -2.65
C ALA A 39 -8.37 -0.68 -3.31
N ILE A 40 -9.29 -1.45 -3.90
CA ILE A 40 -8.98 -2.71 -4.58
C ILE A 40 -8.01 -2.52 -5.75
N GLU A 41 -8.13 -1.46 -6.53
CA GLU A 41 -7.20 -1.17 -7.62
C GLU A 41 -5.78 -1.03 -7.07
N ALA A 42 -5.63 -0.23 -6.01
CA ALA A 42 -4.32 -0.02 -5.42
C ALA A 42 -3.79 -1.30 -4.76
N LEU A 43 -4.69 -2.15 -4.26
CA LEU A 43 -4.41 -3.50 -3.78
C LEU A 43 -4.26 -4.49 -4.95
N LYS A 44 -3.69 -4.04 -6.07
CA LYS A 44 -3.28 -4.85 -7.20
C LYS A 44 -1.80 -4.58 -7.48
N GLU A 45 -1.44 -3.37 -7.89
CA GLU A 45 -0.05 -3.04 -8.25
C GLU A 45 0.78 -2.60 -7.03
N PHE A 46 1.25 -3.57 -6.25
CA PHE A 46 2.17 -3.37 -5.13
C PHE A 46 3.44 -4.20 -5.33
N ASN A 47 4.50 -3.90 -4.57
CA ASN A 47 5.64 -4.79 -4.45
C ASN A 47 5.32 -5.90 -3.45
N GLU A 48 6.24 -6.84 -3.32
CA GLU A 48 6.19 -7.99 -2.44
C GLU A 48 5.80 -7.59 -1.02
N ASP A 49 6.51 -6.62 -0.45
CA ASP A 49 6.24 -6.18 0.93
C ASP A 49 5.05 -5.23 0.95
N GLY A 50 4.63 -4.72 -0.21
CA GLY A 50 3.77 -3.56 -0.35
C GLY A 50 2.32 -3.87 -0.04
N ALA A 51 1.84 -5.07 -0.38
CA ALA A 51 0.62 -5.58 0.21
C ALA A 51 0.87 -6.08 1.63
N LEU A 52 1.93 -6.86 1.88
CA LEU A 52 2.11 -7.55 3.16
C LEU A 52 2.10 -6.55 4.33
N ALA A 53 2.77 -5.42 4.21
CA ALA A 53 2.86 -4.39 5.24
C ALA A 53 1.50 -3.71 5.44
N VAL A 54 0.75 -3.57 4.35
CA VAL A 54 -0.53 -2.88 4.27
C VAL A 54 -1.70 -3.82 4.60
N LEU A 55 -1.43 -5.12 4.71
CA LEU A 55 -2.32 -6.09 5.32
C LEU A 55 -1.98 -6.25 6.80
N GLN A 56 -0.73 -6.05 7.20
CA GLN A 56 -0.27 -6.35 8.55
C GLN A 56 -1.00 -5.51 9.60
N GLN A 57 -0.78 -4.20 9.60
CA GLN A 57 -1.49 -3.25 10.45
C GLN A 57 -3.00 -3.41 10.30
N PHE A 58 -3.52 -3.71 9.11
CA PHE A 58 -4.97 -3.88 8.88
C PHE A 58 -5.54 -5.10 9.64
N LYS A 59 -4.70 -6.07 9.99
CA LYS A 59 -5.08 -7.18 10.89
C LYS A 59 -5.07 -6.78 12.36
N ASP A 60 -4.45 -5.65 12.66
CA ASP A 60 -3.96 -5.28 13.98
C ASP A 60 -4.12 -3.77 14.21
N SER A 61 -5.28 -3.24 13.83
CA SER A 61 -5.64 -1.84 14.06
C SER A 61 -6.96 -1.74 14.82
N ASP A 62 -7.32 -0.52 15.23
CA ASP A 62 -8.54 -0.15 15.96
C ASP A 62 -9.72 -0.18 14.99
N LEU A 63 -10.23 -1.37 14.69
CA LEU A 63 -11.26 -1.60 13.68
C LEU A 63 -12.64 -1.79 14.31
N SER A 64 -12.72 -1.81 15.64
CA SER A 64 -13.88 -2.17 16.43
C SER A 64 -15.16 -1.44 16.03
N HIS A 65 -15.11 -0.17 15.60
CA HIS A 65 -16.28 0.54 15.11
C HIS A 65 -15.86 1.62 14.12
N VAL A 66 -15.14 1.21 13.07
CA VAL A 66 -14.72 2.12 12.02
C VAL A 66 -15.94 2.48 11.16
N GLN A 67 -16.03 3.75 10.77
CA GLN A 67 -17.12 4.23 9.92
C GLN A 67 -16.87 3.85 8.45
N ASN A 68 -15.62 3.65 8.01
CA ASN A 68 -15.32 3.15 6.68
C ASN A 68 -13.93 2.52 6.61
N LYS A 69 -13.83 1.19 6.51
CA LYS A 69 -12.55 0.50 6.41
C LYS A 69 -11.71 0.98 5.22
N SER A 70 -12.30 1.31 4.07
CA SER A 70 -11.55 1.71 2.88
C SER A 70 -10.65 2.90 3.15
N ALA A 71 -11.22 3.93 3.78
CA ALA A 71 -10.50 5.15 4.11
C ALA A 71 -9.33 4.86 5.06
N PHE A 72 -9.45 3.83 5.90
CA PHE A 72 -8.36 3.38 6.75
C PHE A 72 -7.25 2.76 5.89
N LEU A 73 -7.57 1.81 5.01
CA LEU A 73 -6.59 1.04 4.26
C LEU A 73 -5.85 1.91 3.23
N CYS A 74 -6.53 2.90 2.67
CA CYS A 74 -5.92 3.87 1.78
C CYS A 74 -4.85 4.70 2.54
N GLY A 75 -5.18 5.10 3.77
CA GLY A 75 -4.26 5.81 4.65
C GLY A 75 -3.03 4.96 4.92
N VAL A 76 -3.21 3.70 5.34
CA VAL A 76 -2.16 2.73 5.57
C VAL A 76 -1.24 2.67 4.33
N MET A 77 -1.76 2.41 3.12
CA MET A 77 -0.88 2.24 1.96
C MET A 77 -0.17 3.51 1.50
N LYS A 78 -0.57 4.70 1.98
CA LYS A 78 0.17 5.95 1.76
C LYS A 78 1.06 6.31 2.95
N THR A 79 0.90 5.68 4.12
CA THR A 79 1.83 5.82 5.24
C THR A 79 3.04 4.88 5.11
N TYR A 80 2.86 3.57 4.89
CA TYR A 80 3.93 2.58 5.12
C TYR A 80 5.23 2.82 4.32
N ARG A 81 5.13 3.27 3.07
CA ARG A 81 6.26 3.59 2.18
C ARG A 81 7.18 4.64 2.78
N GLN A 82 6.66 5.47 3.70
CA GLN A 82 7.42 6.50 4.40
C GLN A 82 8.33 5.82 5.41
N ARG A 83 7.74 5.01 6.28
CA ARG A 83 8.52 4.30 7.31
C ARG A 83 9.48 3.27 6.71
N GLU A 84 9.06 2.54 5.68
CA GLU A 84 9.87 1.55 4.96
C GLU A 84 11.08 2.16 4.25
N LYS A 85 11.27 3.48 4.23
CA LYS A 85 12.33 4.12 3.46
C LYS A 85 12.76 5.42 4.14
N GLN A 86 13.68 6.16 3.52
CA GLN A 86 14.09 7.45 4.04
C GLN A 86 12.97 8.50 3.88
N GLY A 87 12.99 9.53 4.71
CA GLY A 87 12.07 10.67 4.68
C GLY A 87 11.96 11.37 6.02
N THR A 88 12.43 10.74 7.10
CA THR A 88 12.66 11.24 8.42
C THR A 88 13.72 12.36 8.41
N LYS A 89 14.11 12.83 9.59
CA LYS A 89 15.40 13.47 9.79
C LYS A 89 16.38 12.43 10.31
N VAL A 90 17.66 12.67 10.03
CA VAL A 90 18.81 11.93 10.49
C VAL A 90 19.98 12.90 10.27
N ALA A 91 20.61 13.33 11.36
CA ALA A 91 21.67 14.33 11.37
C ALA A 91 22.80 13.80 12.24
N ASP A 92 23.84 13.25 11.61
CA ASP A 92 24.98 12.62 12.29
C ASP A 92 26.27 13.32 11.83
N SER A 93 27.41 13.00 12.44
CA SER A 93 28.70 13.64 12.27
C SER A 93 29.45 13.16 11.02
N SER A 94 28.73 12.95 9.92
CA SER A 94 29.22 12.39 8.68
C SER A 94 28.29 12.87 7.59
N LYS A 95 28.80 13.73 6.70
CA LYS A 95 28.15 14.22 5.48
C LYS A 95 29.20 14.32 4.37
N GLY A 96 29.08 13.51 3.33
CA GLY A 96 29.90 13.55 2.13
C GLY A 96 29.00 13.38 0.90
N PRO A 97 28.33 14.43 0.42
CA PRO A 97 27.44 14.35 -0.74
C PRO A 97 28.21 14.16 -2.05
N ASP A 98 27.49 13.78 -3.10
CA ASP A 98 28.01 13.48 -4.42
C ASP A 98 26.84 13.46 -5.43
N GLU A 99 26.38 14.65 -5.81
CA GLU A 99 25.45 14.88 -6.91
C GLU A 99 26.24 15.22 -8.19
N ALA A 100 25.60 15.18 -9.36
CA ALA A 100 26.24 15.56 -10.61
C ALA A 100 25.22 15.89 -11.70
N LYS A 101 24.39 14.89 -12.06
CA LYS A 101 23.55 14.91 -13.26
C LYS A 101 22.25 15.71 -13.05
N ILE A 102 22.16 16.46 -11.95
CA ILE A 102 20.98 17.11 -11.40
C ILE A 102 20.10 17.84 -12.39
N LYS A 103 20.71 18.63 -13.28
CA LYS A 103 20.00 19.64 -14.08
C LYS A 103 18.98 19.10 -15.10
N ALA A 104 19.05 17.80 -15.38
CA ALA A 104 18.01 17.02 -16.04
C ALA A 104 16.85 16.78 -15.04
N LEU A 105 16.08 15.71 -15.24
CA LEU A 105 15.15 15.11 -14.26
C LEU A 105 14.14 16.13 -13.71
N LEU A 106 13.68 17.05 -14.55
CA LEU A 106 12.61 17.98 -14.22
C LEU A 106 11.24 17.31 -14.25
N GLU A 107 10.28 17.85 -13.47
CA GLU A 107 8.88 17.47 -13.57
C GLU A 107 7.98 18.60 -13.07
N ARG A 108 7.23 19.24 -13.98
CA ARG A 108 6.30 20.33 -13.67
C ARG A 108 5.13 20.43 -14.66
N THR A 109 5.12 19.67 -15.76
CA THR A 109 4.28 20.04 -16.90
C THR A 109 3.67 18.79 -17.54
N GLY A 110 2.70 18.22 -16.85
CA GLY A 110 1.83 17.17 -17.35
C GLY A 110 0.86 16.73 -16.25
N TYR A 111 -0.32 16.27 -16.67
CA TYR A 111 -1.43 15.84 -15.81
C TYR A 111 -2.09 14.62 -16.45
N THR A 112 -3.22 14.17 -15.91
CA THR A 112 -4.00 13.08 -16.46
C THR A 112 -5.40 13.58 -16.82
N LEU A 113 -6.35 12.67 -17.04
CA LEU A 113 -7.76 12.97 -17.10
C LEU A 113 -8.28 13.30 -15.68
N ASP A 114 -9.60 13.30 -15.53
CA ASP A 114 -10.37 13.69 -14.35
C ASP A 114 -10.35 12.56 -13.31
N VAL A 115 -9.16 12.13 -12.90
CA VAL A 115 -8.96 10.97 -12.05
C VAL A 115 -7.88 11.25 -11.00
N THR A 116 -7.97 10.54 -9.87
CA THR A 116 -7.05 10.49 -8.74
C THR A 116 -5.67 9.87 -9.09
N THR A 117 -5.08 10.21 -10.24
CA THR A 117 -3.70 9.85 -10.53
C THR A 117 -2.77 10.60 -9.55
N GLY A 118 -2.09 9.87 -8.66
CA GLY A 118 -1.15 10.41 -7.70
C GLY A 118 -1.63 10.06 -6.31
N GLY A 1 14.24 0.66 -0.44
CA GLY A 1 14.33 -0.03 0.86
C GLY A 1 13.66 -1.38 0.79
N SER A 2 12.34 -1.43 0.78
CA SER A 2 11.59 -2.58 0.28
C SER A 2 10.80 -2.14 -0.95
N GLU A 3 10.29 -3.14 -1.67
CA GLU A 3 9.45 -2.99 -2.85
C GLU A 3 8.10 -2.39 -2.51
N ASN A 4 7.54 -2.80 -1.37
CA ASN A 4 6.23 -2.37 -0.91
C ASN A 4 6.17 -0.86 -0.77
N PHE A 5 7.26 -0.21 -0.35
CA PHE A 5 7.26 1.19 0.00
C PHE A 5 6.70 2.02 -1.16
N GLN A 6 7.16 1.72 -2.37
CA GLN A 6 6.83 2.47 -3.57
C GLN A 6 5.53 2.01 -4.21
N THR A 7 5.09 0.76 -4.02
CA THR A 7 3.88 0.27 -4.71
C THR A 7 2.67 1.12 -4.29
N LEU A 8 2.71 1.58 -3.04
CA LEU A 8 1.73 2.43 -2.38
C LEU A 8 1.67 3.78 -3.09
N LEU A 9 2.82 4.46 -3.24
CA LEU A 9 2.91 5.76 -3.89
C LEU A 9 2.39 5.66 -5.33
N ASP A 10 2.73 4.59 -6.04
CA ASP A 10 2.27 4.29 -7.40
C ASP A 10 0.79 3.85 -7.45
N ALA A 11 0.06 3.88 -6.33
CA ALA A 11 -1.33 3.49 -6.21
C ALA A 11 -2.20 4.64 -5.68
N GLY A 12 -1.79 5.89 -5.91
CA GLY A 12 -2.57 7.07 -5.56
C GLY A 12 -2.49 7.44 -4.08
N LEU A 13 -1.59 6.81 -3.31
CA LEU A 13 -1.52 6.97 -1.85
C LEU A 13 -0.51 8.04 -1.46
N PRO A 14 -0.67 8.65 -0.27
CA PRO A 14 0.30 9.61 0.26
C PRO A 14 1.49 8.89 0.88
N GLN A 15 2.64 9.56 0.90
CA GLN A 15 3.87 9.05 1.48
C GLN A 15 3.70 8.77 2.98
N LYS A 16 3.01 9.64 3.72
CA LYS A 16 2.82 9.44 5.16
C LYS A 16 2.10 8.15 5.51
N VAL A 17 1.33 7.55 4.59
CA VAL A 17 0.81 6.20 4.80
C VAL A 17 1.94 5.20 4.60
N ALA A 18 2.63 5.26 3.45
CA ALA A 18 3.72 4.35 3.10
C ALA A 18 4.77 4.26 4.21
N GLU A 19 5.14 5.39 4.79
CA GLU A 19 6.15 5.54 5.83
C GLU A 19 5.81 4.74 7.11
N LYS A 20 4.55 4.32 7.33
CA LYS A 20 4.12 3.56 8.50
C LYS A 20 3.92 2.08 8.18
N LEU A 21 3.86 1.73 6.90
CA LEU A 21 3.58 0.38 6.43
C LEU A 21 4.86 -0.36 6.13
N ASP A 22 5.85 0.29 5.50
CA ASP A 22 7.04 -0.45 5.05
C ASP A 22 7.75 -1.16 6.21
N GLU A 23 7.61 -0.60 7.41
CA GLU A 23 8.02 -1.16 8.69
C GLU A 23 7.62 -2.64 8.84
N ILE A 24 6.36 -2.94 8.54
CA ILE A 24 5.76 -4.24 8.74
C ILE A 24 6.53 -5.28 7.92
N TYR A 25 6.72 -4.96 6.63
CA TYR A 25 7.25 -5.93 5.67
C TYR A 25 8.72 -6.25 5.91
N VAL A 26 9.40 -5.40 6.67
CA VAL A 26 10.84 -5.39 6.88
C VAL A 26 11.18 -6.19 8.14
N ALA A 27 10.20 -6.37 9.05
CA ALA A 27 10.30 -7.25 10.19
C ALA A 27 10.02 -8.71 9.83
N GLY A 28 9.47 -8.97 8.63
CA GLY A 28 9.02 -10.29 8.21
C GLY A 28 7.71 -10.69 8.90
N LEU A 29 6.85 -9.71 9.24
CA LEU A 29 5.48 -9.98 9.69
C LEU A 29 4.65 -10.63 8.57
N VAL A 30 5.01 -10.33 7.33
CA VAL A 30 4.39 -10.80 6.11
C VAL A 30 5.46 -10.75 5.03
N ALA A 31 5.21 -11.49 3.95
CA ALA A 31 5.79 -11.24 2.65
C ALA A 31 5.03 -10.09 1.98
N HIS A 32 5.61 -9.34 1.05
CA HIS A 32 4.81 -8.37 0.27
C HIS A 32 3.67 -9.09 -0.47
N SER A 33 3.87 -10.35 -0.85
CA SER A 33 2.89 -11.13 -1.57
C SER A 33 1.65 -11.52 -0.74
N ASP A 34 1.54 -11.13 0.54
CA ASP A 34 0.44 -11.59 1.40
C ASP A 34 -0.88 -10.83 1.16
N LEU A 35 -0.89 -9.76 0.35
CA LEU A 35 -2.12 -9.07 -0.05
C LEU A 35 -2.60 -9.59 -1.40
N ASP A 36 -3.92 -9.69 -1.52
CA ASP A 36 -4.68 -9.98 -2.74
C ASP A 36 -5.28 -8.67 -3.25
N GLU A 37 -5.68 -8.62 -4.51
CA GLU A 37 -6.05 -7.41 -5.23
C GLU A 37 -7.32 -6.77 -4.64
N ARG A 38 -8.19 -7.57 -4.00
CA ARG A 38 -9.43 -7.01 -3.44
C ARG A 38 -9.16 -6.23 -2.16
N ALA A 39 -8.07 -6.54 -1.44
CA ALA A 39 -7.63 -5.67 -0.36
C ALA A 39 -7.12 -4.37 -0.98
N ILE A 40 -6.31 -4.45 -2.05
CA ILE A 40 -5.69 -3.32 -2.73
C ILE A 40 -6.77 -2.31 -3.17
N GLU A 41 -7.87 -2.76 -3.79
CA GLU A 41 -8.88 -1.85 -4.33
C GLU A 41 -9.53 -1.01 -3.23
N ALA A 42 -9.76 -1.61 -2.07
CA ALA A 42 -10.26 -0.88 -0.93
C ALA A 42 -9.17 0.06 -0.40
N LEU A 43 -7.94 -0.45 -0.26
CA LEU A 43 -6.72 0.23 0.16
C LEU A 43 -6.20 1.21 -0.91
N LYS A 44 -7.10 1.91 -1.60
CA LYS A 44 -6.80 3.05 -2.46
C LYS A 44 -7.69 4.23 -2.09
N GLU A 45 -8.89 3.98 -1.59
CA GLU A 45 -9.95 4.97 -1.56
C GLU A 45 -10.16 5.39 -0.09
N PHE A 46 -9.12 5.95 0.54
CA PHE A 46 -9.18 6.38 1.94
C PHE A 46 -8.73 7.84 2.13
N ASN A 47 -9.11 8.39 3.28
CA ASN A 47 -8.60 9.58 3.94
C ASN A 47 -7.31 9.30 4.72
N GLU A 48 -6.64 10.39 5.09
CA GLU A 48 -5.40 10.45 5.87
C GLU A 48 -5.44 9.53 7.09
N ASP A 49 -6.40 9.71 8.00
CA ASP A 49 -6.37 8.94 9.27
C ASP A 49 -7.25 7.69 9.16
N GLY A 50 -7.59 7.36 7.93
CA GLY A 50 -8.18 6.11 7.50
C GLY A 50 -7.10 5.03 7.52
N ALA A 51 -6.26 5.00 6.48
CA ALA A 51 -5.29 3.93 6.27
C ALA A 51 -4.42 3.70 7.50
N LEU A 52 -3.89 4.79 8.07
CA LEU A 52 -2.95 4.80 9.19
C LEU A 52 -3.49 4.15 10.46
N ALA A 53 -4.82 4.12 10.65
CA ALA A 53 -5.45 3.47 11.79
C ALA A 53 -5.40 1.95 11.61
N VAL A 54 -5.69 1.52 10.40
CA VAL A 54 -5.83 0.12 10.03
C VAL A 54 -4.45 -0.53 10.05
N LEU A 55 -3.44 0.17 9.52
CA LEU A 55 -2.05 -0.27 9.63
C LEU A 55 -1.69 -0.57 11.08
N GLN A 56 -2.11 0.30 11.99
CA GLN A 56 -1.70 0.22 13.38
C GLN A 56 -2.28 -1.06 14.02
N GLN A 57 -3.59 -1.25 13.92
CA GLN A 57 -4.24 -2.49 14.37
C GLN A 57 -3.61 -3.74 13.74
N PHE A 58 -3.30 -3.73 12.45
CA PHE A 58 -2.69 -4.88 11.79
C PHE A 58 -1.33 -5.21 12.42
N LYS A 59 -0.52 -4.20 12.76
CA LYS A 59 0.74 -4.37 13.50
C LYS A 59 0.53 -5.01 14.87
N ASP A 60 -0.65 -4.85 15.46
CA ASP A 60 -0.98 -5.34 16.80
C ASP A 60 -1.93 -6.54 16.73
N SER A 61 -1.68 -7.44 15.77
CA SER A 61 -2.46 -8.64 15.56
C SER A 61 -1.58 -9.88 15.64
N ASP A 62 -2.21 -11.00 15.96
CA ASP A 62 -1.58 -12.31 15.89
C ASP A 62 -1.77 -12.83 14.48
N LEU A 63 -0.78 -12.60 13.61
CA LEU A 63 -0.87 -13.00 12.22
C LEU A 63 -0.29 -14.41 12.01
N SER A 64 0.01 -15.15 13.08
CA SER A 64 0.50 -16.51 12.99
C SER A 64 -0.57 -17.39 12.35
N HIS A 65 -1.76 -17.43 12.96
CA HIS A 65 -2.83 -18.38 12.66
C HIS A 65 -3.74 -17.93 11.51
N VAL A 66 -3.30 -17.02 10.65
CA VAL A 66 -4.03 -16.56 9.49
C VAL A 66 -3.29 -17.04 8.23
N GLN A 67 -3.98 -17.83 7.41
CA GLN A 67 -3.48 -18.32 6.15
C GLN A 67 -3.32 -17.16 5.16
N ASN A 68 -4.31 -16.26 5.09
CA ASN A 68 -4.33 -15.16 4.13
C ASN A 68 -4.39 -13.80 4.82
N LYS A 69 -3.27 -13.07 4.95
CA LYS A 69 -3.28 -11.81 5.69
C LYS A 69 -4.11 -10.73 4.99
N SER A 70 -4.40 -10.83 3.68
CA SER A 70 -5.29 -9.85 3.06
C SER A 70 -6.68 -9.92 3.67
N ALA A 71 -7.20 -11.12 3.95
CA ALA A 71 -8.49 -11.29 4.61
C ALA A 71 -8.48 -10.62 5.99
N PHE A 72 -7.34 -10.68 6.69
CA PHE A 72 -7.16 -10.01 7.98
C PHE A 72 -7.28 -8.51 7.82
N LEU A 73 -6.55 -7.92 6.87
CA LEU A 73 -6.50 -6.48 6.69
C LEU A 73 -7.86 -5.95 6.20
N CYS A 74 -8.50 -6.69 5.29
CA CYS A 74 -9.84 -6.41 4.81
C CYS A 74 -10.89 -6.56 5.92
N GLY A 75 -10.59 -7.35 6.96
CA GLY A 75 -11.39 -7.47 8.16
C GLY A 75 -11.39 -6.13 8.89
N VAL A 76 -10.24 -5.72 9.42
CA VAL A 76 -10.12 -4.55 10.27
C VAL A 76 -10.58 -3.26 9.58
N MET A 77 -10.32 -3.07 8.27
CA MET A 77 -10.76 -1.84 7.58
C MET A 77 -12.28 -1.64 7.63
N LYS A 78 -13.07 -2.70 7.81
CA LYS A 78 -14.52 -2.61 7.78
C LYS A 78 -15.09 -2.41 9.18
N THR A 79 -14.24 -2.41 10.21
CA THR A 79 -14.53 -2.08 11.59
C THR A 79 -14.18 -0.62 11.83
N TYR A 80 -12.88 -0.28 11.86
CA TYR A 80 -12.31 0.87 12.57
C TYR A 80 -13.10 2.17 12.36
N ARG A 81 -13.57 2.42 11.12
CA ARG A 81 -14.36 3.57 10.70
C ARG A 81 -15.49 3.88 11.67
N GLN A 82 -16.03 2.86 12.35
CA GLN A 82 -17.05 2.97 13.39
C GLN A 82 -16.72 4.03 14.46
N ARG A 83 -15.43 4.31 14.73
CA ARG A 83 -15.02 5.34 15.70
C ARG A 83 -14.96 6.76 15.12
N GLU A 84 -14.77 6.95 13.81
CA GLU A 84 -14.92 8.29 13.20
C GLU A 84 -16.33 8.52 12.65
N LYS A 85 -17.12 7.46 12.48
CA LYS A 85 -18.44 7.48 11.83
C LYS A 85 -18.29 7.93 10.38
N GLN A 86 -19.41 8.14 9.69
CA GLN A 86 -19.50 8.62 8.32
C GLN A 86 -19.10 10.10 8.28
N GLY A 87 -17.81 10.38 8.43
CA GLY A 87 -17.27 11.73 8.60
C GLY A 87 -16.11 12.03 7.67
N THR A 88 -16.02 11.37 6.51
CA THR A 88 -14.89 11.56 5.62
C THR A 88 -15.35 11.28 4.18
N LYS A 89 -14.51 11.63 3.21
CA LYS A 89 -14.73 11.38 1.79
C LYS A 89 -14.62 9.88 1.51
N VAL A 90 -15.70 9.27 1.05
CA VAL A 90 -15.76 7.85 0.70
C VAL A 90 -16.36 7.76 -0.70
N ALA A 91 -15.57 8.11 -1.72
CA ALA A 91 -16.04 8.37 -3.08
C ALA A 91 -15.37 7.41 -4.05
N ASP A 92 -15.86 6.17 -4.14
CA ASP A 92 -15.33 5.19 -5.08
C ASP A 92 -16.00 5.33 -6.46
N SER A 93 -15.22 5.04 -7.50
CA SER A 93 -15.55 4.61 -8.87
C SER A 93 -14.22 4.59 -9.63
N SER A 94 -13.89 3.51 -10.35
CA SER A 94 -12.90 3.42 -11.44
C SER A 94 -12.77 1.95 -11.85
N LYS A 95 -13.35 1.58 -12.99
CA LYS A 95 -13.24 0.28 -13.64
C LYS A 95 -13.48 0.53 -15.13
N GLY A 96 -12.43 0.43 -15.94
CA GLY A 96 -12.46 0.69 -17.37
C GLY A 96 -11.06 0.45 -17.95
N PRO A 97 -10.21 1.48 -18.08
CA PRO A 97 -8.88 1.36 -18.71
C PRO A 97 -7.89 0.69 -17.76
N ASP A 98 -6.87 0.02 -18.30
CA ASP A 98 -5.74 -0.47 -17.50
C ASP A 98 -4.53 -0.70 -18.40
N GLU A 99 -4.38 0.17 -19.40
CA GLU A 99 -3.41 0.08 -20.47
C GLU A 99 -1.98 -0.09 -19.96
N ALA A 100 -1.17 -0.87 -20.69
CA ALA A 100 0.12 -1.37 -20.24
C ALA A 100 0.94 -1.80 -21.46
N LYS A 101 1.96 -1.03 -21.89
CA LYS A 101 2.72 -1.30 -23.10
C LYS A 101 4.23 -1.25 -22.87
N ILE A 102 4.95 -2.37 -23.08
CA ILE A 102 6.42 -2.40 -23.12
C ILE A 102 6.95 -1.32 -24.08
N LYS A 103 6.24 -1.09 -25.20
CA LYS A 103 6.62 -0.08 -26.19
C LYS A 103 6.70 1.35 -25.62
N ALA A 104 6.15 1.63 -24.46
CA ALA A 104 6.42 2.83 -23.69
C ALA A 104 7.59 2.50 -22.76
N LEU A 105 8.79 2.88 -23.18
CA LEU A 105 10.03 2.77 -22.40
C LEU A 105 10.88 4.01 -22.68
N LEU A 106 11.94 4.22 -21.90
CA LEU A 106 12.87 5.32 -22.10
C LEU A 106 14.29 4.85 -21.76
N GLU A 107 15.30 5.62 -22.17
CA GLU A 107 16.70 5.27 -21.99
C GLU A 107 17.10 5.39 -20.52
N ARG A 108 18.05 4.54 -20.09
CA ARG A 108 18.78 4.63 -18.84
C ARG A 108 20.08 3.86 -19.05
N THR A 109 21.08 4.45 -19.69
CA THR A 109 22.39 3.88 -19.88
C THR A 109 23.31 5.01 -20.34
N GLY A 110 24.56 4.91 -19.93
CA GLY A 110 25.64 5.83 -20.30
C GLY A 110 26.23 6.45 -19.05
N TYR A 111 27.45 6.01 -18.68
CA TYR A 111 28.27 6.61 -17.64
C TYR A 111 29.68 6.70 -18.19
N THR A 112 30.34 7.85 -17.98
CA THR A 112 31.68 8.15 -18.46
C THR A 112 32.23 9.40 -17.74
N LEU A 113 31.55 9.93 -16.72
CA LEU A 113 31.92 11.16 -16.05
C LEU A 113 32.79 10.76 -14.88
N ASP A 114 34.06 11.15 -14.92
CA ASP A 114 35.07 10.95 -13.90
C ASP A 114 34.54 11.31 -12.50
N VAL A 115 33.97 12.50 -12.35
CA VAL A 115 33.55 13.05 -11.07
C VAL A 115 32.26 12.38 -10.53
N THR A 116 31.60 11.52 -11.31
CA THR A 116 30.25 11.02 -11.03
C THR A 116 30.07 9.56 -11.50
N THR A 117 31.11 8.74 -11.40
CA THR A 117 31.02 7.30 -11.66
C THR A 117 31.71 6.54 -10.52
N GLY A 118 31.58 5.21 -10.54
CA GLY A 118 31.88 4.31 -9.44
C GLY A 118 30.80 3.26 -9.34
N GLY A 1 7.70 -8.33 -11.73
CA GLY A 1 8.82 -8.58 -10.80
C GLY A 1 8.44 -8.73 -9.33
N SER A 2 7.22 -9.13 -8.97
CA SER A 2 6.79 -9.19 -7.56
C SER A 2 5.60 -10.11 -7.46
N GLU A 3 5.31 -10.50 -6.22
CA GLU A 3 4.40 -11.56 -5.87
C GLU A 3 3.12 -10.97 -5.31
N ASN A 4 3.25 -9.88 -4.53
CA ASN A 4 2.13 -9.08 -4.06
C ASN A 4 1.28 -8.67 -5.27
N PHE A 5 1.91 -8.37 -6.41
CA PHE A 5 1.23 -7.91 -7.61
C PHE A 5 0.06 -8.83 -7.98
N GLN A 6 0.32 -10.14 -7.98
CA GLN A 6 -0.62 -11.14 -8.42
C GLN A 6 -1.51 -11.63 -7.26
N THR A 7 -1.07 -11.54 -5.99
CA THR A 7 -1.95 -11.99 -4.91
C THR A 7 -3.20 -11.10 -4.86
N LEU A 8 -3.05 -9.81 -5.19
CA LEU A 8 -4.15 -8.86 -5.27
C LEU A 8 -5.18 -9.30 -6.30
N LEU A 9 -4.72 -9.74 -7.48
CA LEU A 9 -5.61 -10.26 -8.51
C LEU A 9 -6.37 -11.45 -7.95
N ASP A 10 -5.66 -12.38 -7.32
CA ASP A 10 -6.22 -13.67 -6.92
C ASP A 10 -7.11 -13.58 -5.68
N ALA A 11 -6.97 -12.50 -4.92
CA ALA A 11 -7.82 -12.11 -3.81
C ALA A 11 -9.13 -11.47 -4.29
N GLY A 12 -9.33 -11.29 -5.60
CA GLY A 12 -10.60 -10.87 -6.17
C GLY A 12 -10.54 -9.54 -6.91
N LEU A 13 -9.43 -8.79 -6.81
CA LEU A 13 -9.36 -7.40 -7.25
C LEU A 13 -8.95 -7.30 -8.73
N PRO A 14 -9.30 -6.20 -9.42
CA PRO A 14 -8.95 -5.97 -10.82
C PRO A 14 -7.46 -5.69 -10.97
N GLN A 15 -6.95 -5.85 -12.18
CA GLN A 15 -5.57 -5.54 -12.51
C GLN A 15 -5.25 -4.07 -12.29
N LYS A 16 -6.12 -3.14 -12.73
CA LYS A 16 -5.79 -1.71 -12.69
C LYS A 16 -5.49 -1.20 -11.28
N VAL A 17 -6.12 -1.81 -10.27
CA VAL A 17 -5.83 -1.52 -8.88
C VAL A 17 -4.40 -2.01 -8.59
N ALA A 18 -4.12 -3.29 -8.84
CA ALA A 18 -2.81 -3.90 -8.63
C ALA A 18 -1.68 -3.17 -9.34
N GLU A 19 -1.90 -2.64 -10.55
CA GLU A 19 -0.87 -1.95 -11.33
C GLU A 19 -0.27 -0.81 -10.50
N LYS A 20 -1.12 0.07 -9.98
CA LYS A 20 -0.70 1.25 -9.21
C LYS A 20 -0.17 0.87 -7.82
N LEU A 21 -0.32 -0.40 -7.42
CA LEU A 21 -0.06 -0.89 -6.09
C LEU A 21 1.28 -1.62 -6.03
N ASP A 22 1.63 -2.42 -7.03
CA ASP A 22 2.81 -3.27 -6.89
C ASP A 22 4.08 -2.47 -6.66
N GLU A 23 4.22 -1.32 -7.30
CA GLU A 23 5.33 -0.43 -7.14
C GLU A 23 5.54 0.00 -5.68
N ILE A 24 4.47 0.07 -4.87
CA ILE A 24 4.51 0.37 -3.44
C ILE A 24 5.33 -0.70 -2.72
N TYR A 25 5.21 -1.95 -3.18
CA TYR A 25 5.90 -3.13 -2.68
C TYR A 25 7.29 -3.32 -3.31
N VAL A 26 7.79 -2.36 -4.08
CA VAL A 26 9.08 -2.43 -4.77
C VAL A 26 9.93 -1.22 -4.41
N ALA A 27 9.31 -0.11 -4.02
CA ALA A 27 9.99 1.09 -3.58
C ALA A 27 10.85 0.79 -2.34
N GLY A 28 10.29 0.08 -1.36
CA GLY A 28 10.83 -0.16 -0.03
C GLY A 28 9.95 0.42 1.10
N LEU A 29 8.76 0.95 0.79
CA LEU A 29 7.80 1.53 1.73
C LEU A 29 7.28 0.48 2.72
N VAL A 30 7.24 -0.76 2.26
CA VAL A 30 6.71 -1.92 2.94
C VAL A 30 7.57 -3.13 2.57
N ALA A 31 7.49 -4.20 3.33
CA ALA A 31 7.70 -5.54 2.82
C ALA A 31 6.33 -6.10 2.39
N HIS A 32 6.30 -7.21 1.66
CA HIS A 32 5.04 -7.89 1.37
C HIS A 32 4.34 -8.33 2.64
N SER A 33 5.11 -8.79 3.63
CA SER A 33 4.60 -9.32 4.87
C SER A 33 4.35 -8.14 5.84
N ASP A 34 3.60 -7.15 5.37
CA ASP A 34 3.12 -6.01 6.15
C ASP A 34 1.60 -6.00 6.21
N LEU A 35 0.91 -6.70 5.30
CA LEU A 35 -0.52 -6.92 5.38
C LEU A 35 -0.81 -8.28 5.99
N ASP A 36 -1.98 -8.36 6.58
CA ASP A 36 -2.58 -9.51 7.25
C ASP A 36 -4.01 -9.57 6.71
N GLU A 37 -4.75 -10.62 7.03
CA GLU A 37 -6.07 -10.86 6.45
C GLU A 37 -7.00 -9.69 6.75
N ARG A 38 -6.83 -9.07 7.93
CA ARG A 38 -7.60 -7.94 8.41
C ARG A 38 -7.43 -6.68 7.55
N ALA A 39 -6.42 -6.59 6.68
CA ALA A 39 -6.27 -5.49 5.73
C ALA A 39 -6.73 -5.92 4.34
N ILE A 40 -6.58 -7.20 3.99
CA ILE A 40 -7.04 -7.71 2.70
C ILE A 40 -8.57 -7.67 2.68
N GLU A 41 -9.23 -8.03 3.79
CA GLU A 41 -10.69 -8.10 3.89
C GLU A 41 -11.33 -6.80 3.39
N ALA A 42 -10.85 -5.67 3.91
CA ALA A 42 -11.44 -4.37 3.65
C ALA A 42 -10.93 -3.77 2.33
N LEU A 43 -9.86 -4.33 1.77
CA LEU A 43 -9.40 -4.04 0.42
C LEU A 43 -10.02 -5.00 -0.59
N LYS A 44 -10.74 -6.04 -0.19
CA LYS A 44 -11.45 -6.92 -1.12
C LYS A 44 -12.67 -6.21 -1.71
N GLU A 45 -13.10 -5.10 -1.11
CA GLU A 45 -14.38 -4.47 -1.38
C GLU A 45 -14.24 -2.95 -1.49
N PHE A 46 -14.07 -2.47 -2.73
CA PHE A 46 -14.15 -1.06 -3.11
C PHE A 46 -14.86 -0.91 -4.46
N ASN A 47 -15.25 0.32 -4.79
CA ASN A 47 -15.43 0.79 -6.15
C ASN A 47 -14.10 1.04 -6.80
N GLU A 48 -14.12 1.06 -8.13
CA GLU A 48 -12.98 1.16 -9.03
C GLU A 48 -11.97 2.25 -8.62
N ASP A 49 -12.46 3.43 -8.25
CA ASP A 49 -11.58 4.55 -7.87
C ASP A 49 -11.22 4.48 -6.38
N GLY A 50 -12.12 3.90 -5.57
CA GLY A 50 -12.03 3.79 -4.12
C GLY A 50 -10.71 3.18 -3.65
N ALA A 51 -10.22 2.17 -4.35
CA ALA A 51 -8.88 1.64 -4.13
C ALA A 51 -7.83 2.70 -4.45
N LEU A 52 -7.80 3.12 -5.72
CA LEU A 52 -6.73 3.93 -6.30
C LEU A 52 -6.57 5.29 -5.61
N ALA A 53 -7.59 5.79 -4.94
CA ALA A 53 -7.53 7.03 -4.16
C ALA A 53 -6.74 6.80 -2.87
N VAL A 54 -7.04 5.70 -2.20
CA VAL A 54 -6.50 5.33 -0.89
C VAL A 54 -5.06 4.87 -1.04
N LEU A 55 -4.77 4.06 -2.05
CA LEU A 55 -3.42 3.59 -2.31
C LEU A 55 -2.49 4.78 -2.51
N GLN A 56 -2.99 5.86 -3.14
CA GLN A 56 -2.21 7.06 -3.31
C GLN A 56 -1.85 7.70 -1.96
N GLN A 57 -2.81 7.84 -1.07
CA GLN A 57 -2.57 8.34 0.27
C GLN A 57 -1.52 7.49 0.98
N PHE A 58 -1.62 6.16 0.88
CA PHE A 58 -0.70 5.25 1.57
C PHE A 58 0.74 5.42 1.10
N LYS A 59 0.97 5.62 -0.20
CA LYS A 59 2.30 5.94 -0.75
C LYS A 59 2.94 7.16 -0.08
N ASP A 60 2.11 8.03 0.49
CA ASP A 60 2.48 9.33 1.01
C ASP A 60 2.09 9.38 2.49
N SER A 61 2.55 8.37 3.24
CA SER A 61 2.47 8.34 4.70
C SER A 61 3.85 8.03 5.28
N ASP A 62 4.04 8.39 6.54
CA ASP A 62 5.25 8.11 7.30
C ASP A 62 5.17 6.68 7.80
N LEU A 63 5.85 5.76 7.12
CA LEU A 63 5.94 4.35 7.48
C LEU A 63 7.35 4.01 7.98
N SER A 64 8.20 5.03 8.22
CA SER A 64 9.60 4.86 8.58
C SER A 64 9.74 4.24 9.96
N HIS A 65 8.83 4.53 10.89
CA HIS A 65 8.92 4.19 12.30
C HIS A 65 7.54 3.71 12.77
N VAL A 66 7.01 2.66 12.16
CA VAL A 66 5.75 2.03 12.54
C VAL A 66 6.00 0.53 12.66
N GLN A 67 5.05 -0.19 13.28
CA GLN A 67 5.07 -1.64 13.39
C GLN A 67 4.15 -2.19 12.29
N ASN A 68 2.84 -2.30 12.54
CA ASN A 68 1.88 -2.87 11.61
C ASN A 68 1.42 -1.86 10.57
N LYS A 69 2.14 -1.79 9.45
CA LYS A 69 1.73 -1.02 8.27
C LYS A 69 0.31 -1.37 7.79
N SER A 70 -0.21 -2.58 8.05
CA SER A 70 -1.59 -2.96 7.74
C SER A 70 -2.59 -2.04 8.44
N ALA A 71 -2.37 -1.76 9.72
CA ALA A 71 -3.26 -0.92 10.50
C ALA A 71 -3.31 0.48 9.90
N PHE A 72 -2.17 1.01 9.43
CA PHE A 72 -2.12 2.32 8.78
C PHE A 72 -3.05 2.33 7.55
N LEU A 73 -2.98 1.30 6.71
CA LEU A 73 -3.78 1.24 5.48
C LEU A 73 -5.27 1.14 5.82
N CYS A 74 -5.61 0.37 6.87
CA CYS A 74 -6.95 0.31 7.43
C CYS A 74 -7.42 1.64 8.04
N GLY A 75 -6.49 2.50 8.49
CA GLY A 75 -6.80 3.83 8.95
C GLY A 75 -7.30 4.68 7.79
N VAL A 76 -6.46 4.94 6.79
CA VAL A 76 -6.80 5.89 5.73
C VAL A 76 -8.09 5.50 4.97
N MET A 77 -8.33 4.20 4.74
CA MET A 77 -9.55 3.77 4.06
C MET A 77 -10.82 4.11 4.86
N LYS A 78 -10.74 4.27 6.18
CA LYS A 78 -11.86 4.69 6.99
C LYS A 78 -12.17 6.16 6.68
N THR A 79 -11.13 7.00 6.57
CA THR A 79 -11.23 8.45 6.52
C THR A 79 -11.76 8.91 5.18
N TYR A 80 -11.16 8.53 4.04
CA TYR A 80 -11.59 9.09 2.74
C TYR A 80 -13.09 8.87 2.50
N ARG A 81 -13.60 7.71 2.94
CA ARG A 81 -14.99 7.29 2.88
C ARG A 81 -15.96 8.32 3.44
N GLN A 82 -15.57 9.17 4.41
CA GLN A 82 -16.47 10.17 4.98
C GLN A 82 -17.08 11.06 3.89
N ARG A 83 -16.32 11.41 2.84
CA ARG A 83 -16.83 12.25 1.76
C ARG A 83 -17.83 11.53 0.86
N GLU A 84 -17.86 10.20 0.89
CA GLU A 84 -18.65 9.36 0.00
C GLU A 84 -19.96 8.97 0.69
N LYS A 85 -19.86 8.18 1.76
CA LYS A 85 -20.99 7.55 2.42
C LYS A 85 -20.54 7.18 3.83
N GLN A 86 -21.47 7.06 4.78
CA GLN A 86 -21.13 7.05 6.21
C GLN A 86 -21.80 5.89 6.94
N GLY A 87 -21.12 4.75 6.99
CA GLY A 87 -21.51 3.59 7.76
C GLY A 87 -20.28 2.77 8.11
N THR A 88 -19.25 3.46 8.58
CA THR A 88 -17.95 2.91 8.96
C THR A 88 -17.44 3.77 10.11
N LYS A 89 -16.92 3.16 11.19
CA LYS A 89 -16.21 3.83 12.29
C LYS A 89 -15.36 2.80 13.03
N VAL A 90 -14.12 2.60 12.57
CA VAL A 90 -13.16 1.66 13.17
C VAL A 90 -11.76 2.27 13.02
N ALA A 91 -11.60 3.54 13.39
CA ALA A 91 -10.28 4.12 13.61
C ALA A 91 -9.52 3.27 14.64
N ASP A 92 -8.19 3.21 14.52
CA ASP A 92 -7.31 2.46 15.41
C ASP A 92 -5.90 3.05 15.32
N SER A 93 -4.99 2.76 16.24
CA SER A 93 -3.64 3.32 16.30
C SER A 93 -2.70 2.27 16.92
N SER A 94 -1.39 2.44 16.77
CA SER A 94 -0.35 1.45 17.00
C SER A 94 0.98 2.09 16.61
N LYS A 95 1.94 2.10 17.53
CA LYS A 95 3.32 2.54 17.34
C LYS A 95 4.26 1.56 18.03
N GLY A 96 5.31 1.13 17.34
CA GLY A 96 6.34 0.22 17.83
C GLY A 96 7.57 0.32 16.92
N PRO A 97 8.46 1.30 17.12
CA PRO A 97 9.58 1.57 16.23
C PRO A 97 10.69 0.52 16.35
N ASP A 98 11.58 0.44 15.35
CA ASP A 98 12.67 -0.53 15.25
C ASP A 98 13.52 -0.24 14.02
N GLU A 99 14.49 0.67 14.13
CA GLU A 99 15.43 1.05 13.08
C GLU A 99 16.83 0.53 13.42
N ALA A 100 17.18 -0.66 12.93
CA ALA A 100 18.54 -1.19 12.96
C ALA A 100 18.75 -2.14 11.78
N LYS A 101 18.76 -1.61 10.55
CA LYS A 101 18.77 -2.43 9.34
C LYS A 101 19.50 -1.75 8.19
N ILE A 102 19.97 -2.52 7.21
CA ILE A 102 20.87 -2.06 6.14
C ILE A 102 20.65 -2.77 4.81
N LYS A 103 19.94 -3.91 4.86
CA LYS A 103 19.42 -4.54 3.66
C LYS A 103 18.27 -3.73 3.07
N ALA A 104 17.52 -2.96 3.87
CA ALA A 104 16.62 -1.91 3.40
C ALA A 104 17.43 -0.63 3.13
N LEU A 105 16.77 0.54 3.16
CA LEU A 105 17.34 1.88 2.95
C LEU A 105 18.18 1.92 1.66
N LEU A 106 17.55 1.52 0.56
CA LEU A 106 18.08 1.75 -0.79
C LEU A 106 16.92 1.86 -1.78
N GLU A 107 17.24 2.31 -2.99
CA GLU A 107 16.35 2.39 -4.15
C GLU A 107 17.18 2.04 -5.41
N ARG A 108 16.52 1.87 -6.58
CA ARG A 108 17.19 1.44 -7.82
C ARG A 108 16.42 1.92 -9.06
N THR A 109 16.88 1.58 -10.26
CA THR A 109 16.29 1.97 -11.52
C THR A 109 16.83 1.03 -12.60
N GLY A 110 15.97 0.70 -13.56
CA GLY A 110 16.28 -0.13 -14.71
C GLY A 110 17.00 0.70 -15.77
N TYR A 111 16.33 1.72 -16.30
CA TYR A 111 16.85 2.72 -17.24
C TYR A 111 15.99 3.98 -17.11
N THR A 112 16.33 5.06 -17.81
CA THR A 112 15.43 6.16 -18.10
C THR A 112 15.88 6.83 -19.40
N LEU A 113 15.00 7.63 -20.01
CA LEU A 113 15.23 8.38 -21.23
C LEU A 113 15.97 9.67 -20.89
N ASP A 114 17.15 9.53 -20.28
CA ASP A 114 18.04 10.64 -19.92
C ASP A 114 19.51 10.21 -19.86
N VAL A 115 19.82 8.92 -20.03
CA VAL A 115 21.16 8.37 -19.85
C VAL A 115 21.42 7.27 -20.87
N THR A 116 22.67 7.14 -21.33
CA THR A 116 23.23 6.07 -22.12
C THR A 116 23.16 4.79 -21.30
N THR A 117 22.05 4.08 -21.46
CA THR A 117 21.73 2.82 -20.80
C THR A 117 21.75 1.64 -21.79
N GLY A 118 22.08 1.90 -23.05
CA GLY A 118 22.57 0.96 -24.03
C GLY A 118 23.76 1.64 -24.69
N GLY A 1 -2.27 -23.94 13.69
CA GLY A 1 -3.68 -23.81 13.38
C GLY A 1 -3.98 -22.44 12.83
N SER A 2 -5.01 -21.81 13.38
CA SER A 2 -5.62 -20.56 12.98
C SER A 2 -6.09 -19.82 14.24
N GLU A 3 -6.59 -18.60 14.03
CA GLU A 3 -6.75 -17.56 15.02
C GLU A 3 -7.23 -16.29 14.33
N ASN A 4 -6.55 -15.85 13.27
CA ASN A 4 -6.95 -14.67 12.48
C ASN A 4 -8.38 -14.82 11.95
N PHE A 5 -8.82 -16.03 11.62
CA PHE A 5 -10.19 -16.26 11.15
C PHE A 5 -11.22 -15.77 12.17
N GLN A 6 -10.89 -15.79 13.46
CA GLN A 6 -11.74 -15.29 14.53
C GLN A 6 -11.44 -13.83 14.83
N THR A 7 -10.19 -13.37 14.74
CA THR A 7 -9.83 -12.03 15.23
C THR A 7 -10.64 -10.97 14.47
N LEU A 8 -10.89 -11.22 13.17
CA LEU A 8 -11.61 -10.35 12.25
C LEU A 8 -13.07 -10.17 12.69
N LEU A 9 -13.69 -11.25 13.17
CA LEU A 9 -15.08 -11.28 13.60
C LEU A 9 -15.27 -10.37 14.81
N ASP A 10 -14.23 -10.19 15.64
CA ASP A 10 -14.20 -9.23 16.75
C ASP A 10 -13.76 -7.82 16.35
N ALA A 11 -13.23 -7.65 15.15
CA ALA A 11 -12.64 -6.41 14.67
C ALA A 11 -13.63 -5.54 13.88
N GLY A 12 -14.91 -5.94 13.83
CA GLY A 12 -15.98 -5.23 13.11
C GLY A 12 -16.49 -6.01 11.90
N LEU A 13 -15.80 -7.05 11.45
CA LEU A 13 -16.01 -7.63 10.12
C LEU A 13 -17.01 -8.80 10.17
N PRO A 14 -17.70 -9.08 9.05
CA PRO A 14 -18.56 -10.25 8.93
C PRO A 14 -17.73 -11.51 8.70
N GLN A 15 -18.36 -12.67 8.92
CA GLN A 15 -17.71 -13.96 8.71
C GLN A 15 -17.30 -14.13 7.25
N LYS A 16 -18.18 -13.80 6.29
CA LYS A 16 -17.91 -13.99 4.86
C LYS A 16 -16.63 -13.31 4.39
N VAL A 17 -16.25 -12.18 4.99
CA VAL A 17 -15.00 -11.53 4.68
C VAL A 17 -13.85 -12.39 5.23
N ALA A 18 -13.93 -12.78 6.50
CA ALA A 18 -12.93 -13.60 7.16
C ALA A 18 -12.73 -14.95 6.44
N GLU A 19 -13.80 -15.55 5.92
CA GLU A 19 -13.83 -16.79 5.16
C GLU A 19 -13.01 -16.71 3.86
N LYS A 20 -12.59 -15.52 3.44
CA LYS A 20 -11.76 -15.30 2.25
C LYS A 20 -10.38 -14.74 2.63
N LEU A 21 -10.09 -14.55 3.91
CA LEU A 21 -8.85 -13.97 4.44
C LEU A 21 -8.10 -14.96 5.33
N ASP A 22 -8.84 -15.90 5.90
CA ASP A 22 -8.38 -17.02 6.71
C ASP A 22 -7.16 -17.70 6.10
N GLU A 23 -7.27 -18.11 4.84
CA GLU A 23 -6.36 -18.95 4.10
C GLU A 23 -4.98 -18.33 3.98
N ILE A 24 -4.92 -17.00 3.85
CA ILE A 24 -3.68 -16.24 3.77
C ILE A 24 -2.86 -16.51 5.04
N TYR A 25 -3.51 -16.48 6.21
CA TYR A 25 -2.84 -16.70 7.48
C TYR A 25 -2.47 -18.18 7.69
N VAL A 26 -3.03 -19.11 6.93
CA VAL A 26 -2.75 -20.53 7.06
C VAL A 26 -1.62 -20.92 6.09
N ALA A 27 -1.61 -20.40 4.86
CA ALA A 27 -0.75 -20.87 3.78
C ALA A 27 0.69 -20.30 3.87
N GLY A 28 1.08 -19.77 5.03
CA GLY A 28 2.41 -19.21 5.27
C GLY A 28 2.66 -17.91 4.51
N LEU A 29 1.62 -17.30 3.92
CA LEU A 29 1.74 -16.13 3.05
C LEU A 29 2.04 -14.87 3.85
N VAL A 30 1.80 -14.87 5.16
CA VAL A 30 2.06 -13.70 5.99
C VAL A 30 2.73 -14.05 7.31
N ALA A 31 3.32 -13.04 7.96
CA ALA A 31 3.93 -13.11 9.26
C ALA A 31 2.99 -12.74 10.42
N HIS A 32 1.69 -13.01 10.31
CA HIS A 32 0.63 -12.76 11.32
C HIS A 32 0.36 -11.26 11.58
N SER A 33 1.37 -10.40 11.60
CA SER A 33 1.22 -8.96 11.58
C SER A 33 2.12 -8.43 10.46
N ASP A 34 1.75 -8.80 9.23
CA ASP A 34 2.43 -8.39 8.00
C ASP A 34 1.75 -7.18 7.35
N LEU A 35 0.73 -6.62 8.02
CA LEU A 35 -0.06 -5.48 7.62
C LEU A 35 0.27 -4.32 8.54
N ASP A 36 -0.01 -3.09 8.11
CA ASP A 36 0.25 -1.89 8.90
C ASP A 36 -1.01 -1.51 9.67
N GLU A 37 -0.86 -0.66 10.68
CA GLU A 37 -1.95 -0.06 11.46
C GLU A 37 -2.90 0.72 10.52
N ARG A 38 -2.31 1.39 9.53
CA ARG A 38 -2.98 2.06 8.43
C ARG A 38 -3.86 1.06 7.67
N ALA A 39 -3.30 -0.09 7.30
CA ALA A 39 -4.01 -1.10 6.54
C ALA A 39 -5.24 -1.56 7.35
N ILE A 40 -5.08 -1.83 8.65
CA ILE A 40 -6.15 -2.36 9.48
C ILE A 40 -7.33 -1.40 9.45
N GLU A 41 -7.10 -0.09 9.61
CA GLU A 41 -8.17 0.89 9.68
C GLU A 41 -9.00 0.85 8.40
N ALA A 42 -8.32 0.89 7.25
CA ALA A 42 -8.99 0.84 5.96
C ALA A 42 -9.61 -0.54 5.67
N LEU A 43 -9.29 -1.55 6.48
CA LEU A 43 -9.79 -2.91 6.43
C LEU A 43 -10.75 -3.21 7.60
N LYS A 44 -11.21 -2.19 8.32
CA LYS A 44 -12.46 -2.20 9.06
C LYS A 44 -13.54 -1.59 8.17
N GLU A 45 -13.27 -0.44 7.55
CA GLU A 45 -14.31 0.43 7.01
C GLU A 45 -14.66 0.10 5.55
N PHE A 46 -15.10 -1.12 5.25
CA PHE A 46 -15.66 -1.51 3.95
C PHE A 46 -17.11 -2.02 4.11
N ASN A 47 -17.75 -2.33 2.98
CA ASN A 47 -19.04 -2.99 2.85
C ASN A 47 -18.85 -4.50 2.63
N GLU A 48 -19.96 -5.20 2.40
CA GLU A 48 -20.03 -6.63 2.16
C GLU A 48 -19.06 -7.17 1.11
N ASP A 49 -18.81 -6.47 -0.01
CA ASP A 49 -17.99 -7.00 -1.10
C ASP A 49 -16.68 -6.22 -1.27
N GLY A 50 -16.55 -5.05 -0.63
CA GLY A 50 -15.37 -4.21 -0.75
C GLY A 50 -14.11 -4.97 -0.36
N ALA A 51 -14.16 -5.67 0.78
CA ALA A 51 -13.10 -6.59 1.19
C ALA A 51 -12.93 -7.74 0.20
N LEU A 52 -14.02 -8.42 -0.19
CA LEU A 52 -14.01 -9.63 -1.01
C LEU A 52 -13.27 -9.43 -2.33
N ALA A 53 -13.39 -8.24 -2.94
CA ALA A 53 -12.73 -7.92 -4.19
C ALA A 53 -11.22 -7.83 -3.99
N VAL A 54 -10.82 -7.22 -2.89
CA VAL A 54 -9.47 -6.80 -2.58
C VAL A 54 -8.67 -8.00 -2.05
N LEU A 55 -9.30 -8.80 -1.18
CA LEU A 55 -8.75 -10.04 -0.64
C LEU A 55 -8.32 -10.95 -1.76
N GLN A 56 -9.10 -11.00 -2.85
CA GLN A 56 -8.82 -11.90 -3.96
C GLN A 56 -7.44 -11.59 -4.52
N GLN A 57 -7.26 -10.36 -5.00
CA GLN A 57 -6.04 -9.92 -5.64
C GLN A 57 -4.84 -9.96 -4.70
N PHE A 58 -5.03 -9.76 -3.40
CA PHE A 58 -3.94 -9.88 -2.46
C PHE A 58 -3.42 -11.33 -2.40
N LYS A 59 -4.29 -12.34 -2.40
CA LYS A 59 -3.87 -13.75 -2.56
C LYS A 59 -3.13 -13.89 -3.88
N ASP A 60 -3.72 -13.37 -4.95
CA ASP A 60 -3.34 -13.57 -6.33
C ASP A 60 -2.44 -12.41 -6.75
N SER A 61 -1.33 -12.22 -6.03
CA SER A 61 -0.33 -11.20 -6.32
C SER A 61 1.09 -11.77 -6.32
N ASP A 62 2.00 -10.99 -6.91
CA ASP A 62 3.45 -11.23 -6.95
C ASP A 62 4.06 -10.93 -5.59
N LEU A 63 4.04 -11.93 -4.71
CA LEU A 63 4.61 -11.87 -3.38
C LEU A 63 5.96 -12.60 -3.37
N SER A 64 6.67 -12.66 -4.50
CA SER A 64 8.02 -13.20 -4.54
C SER A 64 8.97 -12.23 -3.85
N HIS A 65 9.24 -11.07 -4.45
CA HIS A 65 10.32 -10.15 -4.05
C HIS A 65 9.72 -8.86 -3.49
N VAL A 66 8.55 -8.99 -2.85
CA VAL A 66 7.89 -7.95 -2.10
C VAL A 66 8.76 -7.60 -0.89
N GLN A 67 9.06 -6.32 -0.72
CA GLN A 67 9.78 -5.83 0.46
C GLN A 67 8.81 -5.69 1.64
N ASN A 68 7.63 -5.09 1.40
CA ASN A 68 6.63 -4.74 2.41
C ASN A 68 5.29 -5.32 1.99
N LYS A 69 4.87 -6.41 2.61
CA LYS A 69 3.62 -7.06 2.27
C LYS A 69 2.38 -6.18 2.49
N SER A 70 2.47 -5.13 3.30
CA SER A 70 1.29 -4.38 3.71
C SER A 70 0.92 -3.34 2.66
N ALA A 71 1.91 -2.64 2.12
CA ALA A 71 1.73 -1.61 1.11
C ALA A 71 1.04 -2.20 -0.13
N PHE A 72 1.26 -3.49 -0.40
CA PHE A 72 0.57 -4.25 -1.43
C PHE A 72 -0.94 -4.17 -1.21
N LEU A 73 -1.42 -4.34 0.03
CA LEU A 73 -2.84 -4.31 0.32
C LEU A 73 -3.37 -2.89 0.19
N CYS A 74 -2.61 -1.91 0.71
CA CYS A 74 -2.92 -0.49 0.57
C CYS A 74 -3.02 -0.10 -0.92
N GLY A 75 -2.31 -0.84 -1.77
CA GLY A 75 -2.08 -0.69 -3.18
C GLY A 75 -2.96 -1.58 -4.07
N VAL A 76 -3.93 -2.32 -3.55
CA VAL A 76 -5.10 -2.76 -4.30
C VAL A 76 -6.37 -2.05 -3.81
N MET A 77 -6.47 -1.75 -2.49
CA MET A 77 -7.65 -1.06 -1.97
C MET A 77 -7.83 0.37 -2.50
N LYS A 78 -6.85 0.92 -3.23
CA LYS A 78 -6.85 2.31 -3.67
C LYS A 78 -7.25 2.46 -5.14
N THR A 79 -7.23 1.38 -5.92
CA THR A 79 -7.75 1.32 -7.29
C THR A 79 -9.16 0.78 -7.33
N TYR A 80 -9.46 -0.36 -6.67
CA TYR A 80 -10.75 -1.00 -6.87
C TYR A 80 -11.90 -0.04 -6.50
N ARG A 81 -11.71 0.79 -5.46
CA ARG A 81 -12.61 1.86 -5.03
C ARG A 81 -12.97 2.89 -6.11
N GLN A 82 -12.36 2.85 -7.30
CA GLN A 82 -12.86 3.55 -8.48
C GLN A 82 -14.36 3.22 -8.70
N ARG A 83 -14.72 1.94 -8.51
CA ARG A 83 -15.99 1.35 -8.91
C ARG A 83 -16.92 1.13 -7.72
N GLU A 84 -16.69 1.82 -6.59
CA GLU A 84 -17.58 1.80 -5.44
C GLU A 84 -18.30 3.15 -5.26
N LYS A 85 -17.97 4.14 -6.10
CA LYS A 85 -18.36 5.56 -6.07
C LYS A 85 -17.93 6.29 -4.80
N GLN A 86 -18.16 5.74 -3.61
CA GLN A 86 -17.42 6.10 -2.41
C GLN A 86 -15.95 5.78 -2.61
N GLY A 87 -15.10 6.41 -1.81
CA GLY A 87 -13.75 5.96 -1.51
C GLY A 87 -12.82 7.10 -1.11
N THR A 88 -13.32 8.34 -0.98
CA THR A 88 -12.49 9.51 -1.20
C THR A 88 -12.72 10.54 -0.10
N LYS A 89 -11.73 10.68 0.77
CA LYS A 89 -11.76 11.55 1.94
C LYS A 89 -10.41 12.22 2.08
N VAL A 90 -10.28 13.42 1.52
CA VAL A 90 -9.07 14.25 1.53
C VAL A 90 -9.49 15.71 1.74
N ALA A 91 -10.26 15.96 2.79
CA ALA A 91 -10.82 17.25 3.15
C ALA A 91 -9.77 18.26 3.62
N ASP A 92 -8.48 17.91 3.55
CA ASP A 92 -7.33 18.66 4.03
C ASP A 92 -6.25 18.65 2.94
N SER A 93 -5.98 19.83 2.36
CA SER A 93 -4.87 20.14 1.46
C SER A 93 -4.59 21.65 1.57
N SER A 94 -3.41 22.12 1.13
CA SER A 94 -3.08 23.55 0.96
C SER A 94 -1.64 23.85 0.44
N LYS A 95 -0.77 22.86 0.21
CA LYS A 95 0.68 23.08 0.34
C LYS A 95 1.58 22.37 -0.67
N GLY A 96 2.80 22.90 -0.84
CA GLY A 96 3.91 22.29 -1.55
C GLY A 96 4.90 23.33 -2.09
N PRO A 97 5.79 23.92 -1.28
CA PRO A 97 6.79 24.88 -1.76
C PRO A 97 7.94 24.16 -2.49
N ASP A 98 8.46 24.73 -3.57
CA ASP A 98 9.60 24.18 -4.32
C ASP A 98 10.32 25.34 -5.00
N GLU A 99 11.23 26.00 -4.28
CA GLU A 99 11.74 27.32 -4.69
C GLU A 99 13.18 27.58 -4.23
N ALA A 100 13.96 26.51 -3.98
CA ALA A 100 15.30 26.62 -3.42
C ALA A 100 16.29 25.54 -3.90
N LYS A 101 15.95 24.80 -4.96
CA LYS A 101 16.52 23.47 -5.19
C LYS A 101 17.49 23.53 -6.38
N ILE A 102 18.78 23.63 -6.05
CA ILE A 102 19.90 23.68 -6.98
C ILE A 102 20.15 22.23 -7.40
N LYS A 103 20.73 21.41 -6.51
CA LYS A 103 20.98 19.97 -6.62
C LYS A 103 21.97 19.54 -7.72
N ALA A 104 22.03 20.25 -8.84
CA ALA A 104 23.09 20.30 -9.84
C ALA A 104 23.12 21.74 -10.35
N LEU A 105 23.62 21.97 -11.57
CA LEU A 105 23.85 23.27 -12.21
C LEU A 105 24.87 24.09 -11.42
N LEU A 106 26.10 24.10 -11.94
CA LEU A 106 27.23 24.90 -11.47
C LEU A 106 28.14 25.04 -12.69
N GLU A 107 28.57 26.25 -13.02
CA GLU A 107 29.44 26.54 -14.15
C GLU A 107 30.92 26.29 -13.77
N ARG A 108 31.84 26.61 -14.68
CA ARG A 108 33.26 26.70 -14.34
C ARG A 108 34.00 27.52 -15.38
N THR A 109 35.27 27.78 -15.07
CA THR A 109 36.30 28.29 -15.94
C THR A 109 37.59 27.73 -15.34
N GLY A 110 38.57 27.42 -16.18
CA GLY A 110 39.83 26.82 -15.76
C GLY A 110 40.50 26.17 -16.96
N TYR A 111 41.34 26.91 -17.67
CA TYR A 111 42.30 26.42 -18.65
C TYR A 111 43.48 27.39 -18.66
N THR A 112 44.47 27.17 -19.53
CA THR A 112 45.57 28.08 -19.78
C THR A 112 45.62 28.39 -21.28
N LEU A 113 46.59 29.20 -21.71
CA LEU A 113 46.79 29.64 -23.09
C LEU A 113 47.36 28.52 -23.98
N ASP A 114 47.27 27.26 -23.55
CA ASP A 114 47.76 26.09 -24.22
C ASP A 114 46.74 25.02 -23.86
N VAL A 115 46.06 24.55 -24.89
CA VAL A 115 45.14 23.42 -24.86
C VAL A 115 45.80 22.13 -24.37
N THR A 116 47.13 22.03 -24.40
CA THR A 116 47.90 20.83 -24.06
C THR A 116 48.03 20.72 -22.52
N THR A 117 46.90 20.66 -21.81
CA THR A 117 46.82 20.41 -20.38
C THR A 117 45.50 19.67 -20.16
N GLY A 118 45.50 18.70 -19.24
CA GLY A 118 44.41 17.80 -18.92
C GLY A 118 44.99 16.68 -18.06
N GLY A 1 -0.48 -24.52 0.08
CA GLY A 1 -1.03 -23.66 -0.98
C GLY A 1 -0.19 -22.39 -1.07
N SER A 2 -0.39 -21.49 -0.13
CA SER A 2 0.26 -20.19 -0.04
C SER A 2 0.72 -19.96 1.40
N GLU A 3 1.68 -19.06 1.62
CA GLU A 3 2.30 -18.84 2.91
C GLU A 3 1.75 -17.56 3.54
N ASN A 4 1.56 -16.50 2.74
CA ASN A 4 0.82 -15.32 3.14
C ASN A 4 -0.56 -15.69 3.71
N PHE A 5 -1.19 -16.73 3.18
CA PHE A 5 -2.50 -17.19 3.66
C PHE A 5 -2.48 -17.50 5.15
N GLN A 6 -1.35 -17.95 5.69
CA GLN A 6 -1.21 -18.33 7.09
C GLN A 6 -0.48 -17.25 7.89
N THR A 7 0.40 -16.44 7.27
CA THR A 7 1.12 -15.38 8.01
C THR A 7 0.10 -14.41 8.61
N LEU A 8 -1.01 -14.16 7.92
CA LEU A 8 -2.07 -13.24 8.34
C LEU A 8 -2.72 -13.71 9.64
N LEU A 9 -3.06 -15.00 9.68
CA LEU A 9 -3.63 -15.67 10.84
C LEU A 9 -2.63 -15.54 11.99
N ASP A 10 -1.36 -15.82 11.69
CA ASP A 10 -0.25 -15.76 12.62
C ASP A 10 -0.06 -14.36 13.21
N ALA A 11 -0.31 -13.34 12.41
CA ALA A 11 -0.13 -11.95 12.77
C ALA A 11 -1.27 -11.42 13.63
N GLY A 12 -2.39 -12.13 13.71
CA GLY A 12 -3.52 -11.79 14.56
C GLY A 12 -4.87 -11.93 13.86
N LEU A 13 -4.87 -11.98 12.53
CA LEU A 13 -6.03 -11.65 11.72
C LEU A 13 -6.96 -12.87 11.61
N PRO A 14 -8.25 -12.66 11.36
CA PRO A 14 -9.21 -13.75 11.28
C PRO A 14 -9.11 -14.45 9.92
N GLN A 15 -9.60 -15.69 9.89
CA GLN A 15 -9.71 -16.51 8.70
C GLN A 15 -10.40 -15.72 7.58
N LYS A 16 -11.59 -15.13 7.81
CA LYS A 16 -12.34 -14.43 6.77
C LYS A 16 -11.52 -13.34 6.06
N VAL A 17 -10.63 -12.65 6.76
CA VAL A 17 -9.83 -11.59 6.16
C VAL A 17 -8.77 -12.23 5.27
N ALA A 18 -8.08 -13.28 5.75
CA ALA A 18 -7.10 -14.00 4.94
C ALA A 18 -7.76 -14.64 3.72
N GLU A 19 -8.97 -15.18 3.88
CA GLU A 19 -9.83 -15.74 2.86
C GLU A 19 -10.24 -14.71 1.81
N LYS A 20 -9.95 -13.41 1.99
CA LYS A 20 -10.08 -12.39 0.95
C LYS A 20 -8.76 -11.58 0.85
N LEU A 21 -7.61 -12.23 0.97
CA LEU A 21 -6.27 -11.72 0.66
C LEU A 21 -5.41 -12.80 0.00
N ASP A 22 -5.57 -14.06 0.40
CA ASP A 22 -4.76 -15.18 -0.04
C ASP A 22 -4.58 -15.22 -1.56
N GLU A 23 -5.67 -15.01 -2.28
CA GLU A 23 -5.80 -15.29 -3.68
C GLU A 23 -5.14 -14.20 -4.51
N ILE A 24 -4.96 -13.01 -3.92
CA ILE A 24 -4.31 -11.88 -4.58
C ILE A 24 -2.86 -12.32 -4.88
N TYR A 25 -2.23 -12.97 -3.90
CA TYR A 25 -0.87 -13.50 -4.02
C TYR A 25 -0.76 -14.64 -5.05
N VAL A 26 -1.87 -15.23 -5.45
CA VAL A 26 -1.92 -16.37 -6.37
C VAL A 26 -2.30 -15.88 -7.78
N ALA A 27 -2.99 -14.74 -7.90
CA ALA A 27 -3.44 -14.23 -9.18
C ALA A 27 -2.33 -13.50 -9.94
N GLY A 28 -1.27 -13.08 -9.25
CA GLY A 28 -0.21 -12.27 -9.84
C GLY A 28 -0.42 -10.78 -9.62
N LEU A 29 -1.23 -10.39 -8.62
CA LEU A 29 -1.58 -9.01 -8.36
C LEU A 29 -0.54 -8.30 -7.47
N VAL A 30 0.37 -9.01 -6.81
CA VAL A 30 1.32 -8.39 -5.88
C VAL A 30 2.76 -8.85 -6.07
N ALA A 31 3.69 -8.09 -5.49
CA ALA A 31 5.10 -8.38 -5.50
C ALA A 31 5.59 -9.06 -4.24
N HIS A 32 4.73 -9.81 -3.54
CA HIS A 32 5.04 -10.50 -2.29
C HIS A 32 5.57 -9.53 -1.21
N SER A 33 6.86 -9.23 -1.18
CA SER A 33 7.47 -8.08 -0.53
C SER A 33 7.10 -6.83 -1.35
N ASP A 34 5.88 -6.32 -1.13
CA ASP A 34 5.28 -5.21 -1.83
C ASP A 34 4.74 -4.16 -0.84
N LEU A 35 3.82 -4.59 0.04
CA LEU A 35 3.21 -3.75 1.07
C LEU A 35 4.27 -3.20 2.02
N ASP A 36 3.93 -2.13 2.72
CA ASP A 36 4.66 -1.64 3.87
C ASP A 36 4.01 -2.22 5.12
N GLU A 37 4.79 -2.16 6.19
CA GLU A 37 4.37 -2.29 7.57
C GLU A 37 3.22 -1.33 7.92
N ARG A 38 3.16 -0.20 7.22
CA ARG A 38 2.13 0.81 7.31
C ARG A 38 0.76 0.18 7.05
N ALA A 39 0.66 -0.63 5.98
CA ALA A 39 -0.56 -1.35 5.67
C ALA A 39 -0.81 -2.45 6.69
N ILE A 40 0.24 -3.15 7.18
CA ILE A 40 0.06 -4.22 8.16
C ILE A 40 -0.67 -3.71 9.39
N GLU A 41 -0.24 -2.56 9.92
CA GLU A 41 -0.84 -1.94 11.09
C GLU A 41 -2.31 -1.63 10.86
N ALA A 42 -2.63 -0.97 9.76
CA ALA A 42 -4.01 -0.60 9.49
C ALA A 42 -4.87 -1.84 9.20
N LEU A 43 -4.27 -2.88 8.61
CA LEU A 43 -4.84 -4.22 8.43
C LEU A 43 -4.86 -5.02 9.74
N LYS A 44 -4.65 -4.40 10.90
CA LYS A 44 -4.80 -5.02 12.21
C LYS A 44 -5.74 -4.19 13.09
N GLU A 45 -6.48 -3.20 12.54
CA GLU A 45 -7.44 -2.41 13.31
C GLU A 45 -8.83 -2.25 12.65
N PHE A 46 -9.09 -2.94 11.54
CA PHE A 46 -10.40 -2.95 10.86
C PHE A 46 -11.49 -3.60 11.72
N ASN A 47 -12.71 -3.72 11.18
CA ASN A 47 -13.73 -4.64 11.64
C ASN A 47 -13.85 -5.83 10.68
N GLU A 48 -14.78 -6.72 10.98
CA GLU A 48 -15.13 -7.97 10.32
C GLU A 48 -15.55 -7.78 8.86
N ASP A 49 -16.14 -6.64 8.49
CA ASP A 49 -16.41 -6.33 7.09
C ASP A 49 -15.42 -5.30 6.54
N GLY A 50 -14.48 -4.86 7.38
CA GLY A 50 -13.65 -3.71 7.08
C GLY A 50 -12.55 -4.07 6.12
N ALA A 51 -11.75 -5.11 6.44
CA ALA A 51 -10.80 -5.59 5.44
C ALA A 51 -11.56 -6.07 4.20
N LEU A 52 -12.72 -6.70 4.40
CA LEU A 52 -13.52 -7.24 3.29
C LEU A 52 -14.07 -6.17 2.35
N ALA A 53 -14.05 -4.91 2.78
CA ALA A 53 -14.35 -3.74 1.96
C ALA A 53 -13.08 -3.27 1.25
N VAL A 54 -11.96 -3.18 1.97
CA VAL A 54 -10.72 -2.58 1.51
C VAL A 54 -10.12 -3.50 0.45
N LEU A 55 -9.96 -4.77 0.79
CA LEU A 55 -9.38 -5.79 -0.03
C LEU A 55 -10.22 -6.13 -1.28
N GLN A 56 -11.49 -5.72 -1.34
CA GLN A 56 -12.29 -5.86 -2.55
C GLN A 56 -11.71 -4.96 -3.64
N GLN A 57 -11.73 -3.64 -3.43
CA GLN A 57 -11.25 -2.69 -4.42
C GLN A 57 -9.75 -2.91 -4.72
N PHE A 58 -9.01 -3.42 -3.74
CA PHE A 58 -7.61 -3.81 -3.89
C PHE A 58 -7.40 -4.83 -5.02
N LYS A 59 -8.25 -5.84 -5.13
CA LYS A 59 -8.20 -6.82 -6.22
C LYS A 59 -8.33 -6.15 -7.58
N ASP A 60 -9.20 -5.14 -7.67
CA ASP A 60 -9.56 -4.53 -8.95
C ASP A 60 -8.88 -3.17 -9.12
N SER A 61 -7.70 -3.01 -8.53
CA SER A 61 -6.86 -1.83 -8.72
C SER A 61 -6.12 -1.93 -10.07
N ASP A 62 -5.50 -0.84 -10.52
CA ASP A 62 -4.69 -0.81 -11.73
C ASP A 62 -3.25 -1.11 -11.33
N LEU A 63 -2.90 -2.39 -11.24
CA LEU A 63 -1.62 -2.83 -10.67
C LEU A 63 -0.61 -3.09 -11.79
N SER A 64 -0.42 -2.09 -12.65
CA SER A 64 0.46 -2.21 -13.79
C SER A 64 1.93 -2.24 -13.35
N HIS A 65 2.37 -1.22 -12.62
CA HIS A 65 3.76 -0.93 -12.26
C HIS A 65 3.81 -0.28 -10.87
N VAL A 66 2.98 -0.76 -9.96
CA VAL A 66 2.89 -0.22 -8.61
C VAL A 66 4.08 -0.74 -7.82
N GLN A 67 5.05 0.13 -7.54
CA GLN A 67 6.21 -0.17 -6.73
C GLN A 67 5.89 -0.30 -5.23
N ASN A 68 4.72 0.15 -4.78
CA ASN A 68 4.31 0.09 -3.38
C ASN A 68 2.79 -0.07 -3.29
N LYS A 69 2.30 -1.31 -3.19
CA LYS A 69 0.87 -1.59 -3.02
C LYS A 69 0.27 -0.91 -1.78
N SER A 70 1.04 -0.64 -0.72
CA SER A 70 0.55 -0.03 0.50
C SER A 70 -0.01 1.35 0.22
N ALA A 71 0.75 2.16 -0.55
CA ALA A 71 0.34 3.51 -0.90
C ALA A 71 -0.95 3.54 -1.74
N PHE A 72 -1.41 2.40 -2.27
CA PHE A 72 -2.73 2.23 -2.87
C PHE A 72 -3.73 1.83 -1.78
N LEU A 73 -3.45 0.75 -1.03
CA LEU A 73 -4.36 0.14 -0.07
C LEU A 73 -4.79 1.14 1.01
N CYS A 74 -3.85 1.95 1.49
CA CYS A 74 -4.07 2.98 2.50
C CYS A 74 -5.09 4.03 1.99
N GLY A 75 -5.21 4.20 0.66
CA GLY A 75 -6.22 5.02 0.02
C GLY A 75 -7.61 4.40 0.21
N VAL A 76 -7.82 3.18 -0.27
CA VAL A 76 -9.15 2.55 -0.22
C VAL A 76 -9.65 2.43 1.23
N MET A 77 -8.76 2.26 2.20
CA MET A 77 -9.11 2.33 3.62
C MET A 77 -9.83 3.65 3.93
N LYS A 78 -9.20 4.78 3.70
CA LYS A 78 -9.84 6.08 3.93
C LYS A 78 -11.12 6.25 3.10
N THR A 79 -11.24 5.61 1.94
CA THR A 79 -12.48 5.65 1.17
C THR A 79 -13.59 4.93 1.95
N TYR A 80 -13.44 3.64 2.26
CA TYR A 80 -14.58 2.89 2.79
C TYR A 80 -14.94 3.38 4.22
N ARG A 81 -13.95 3.88 4.99
CA ARG A 81 -14.18 4.49 6.31
C ARG A 81 -15.17 5.65 6.26
N GLN A 82 -15.34 6.32 5.13
CA GLN A 82 -16.35 7.37 5.02
C GLN A 82 -17.76 6.78 5.12
N ARG A 83 -17.98 5.53 4.67
CA ARG A 83 -19.28 4.86 4.57
C ARG A 83 -19.45 3.70 5.57
N GLU A 84 -18.42 3.38 6.37
CA GLU A 84 -18.49 2.44 7.49
C GLU A 84 -19.68 2.78 8.41
N LYS A 85 -19.50 3.83 9.20
CA LYS A 85 -20.29 4.13 10.38
C LYS A 85 -20.43 5.64 10.45
N GLN A 86 -21.35 6.13 11.26
CA GLN A 86 -21.68 7.54 11.34
C GLN A 86 -21.14 8.10 12.66
N GLY A 87 -19.82 8.24 12.77
CA GLY A 87 -19.17 8.68 14.00
C GLY A 87 -17.94 9.55 13.78
N THR A 88 -17.53 9.85 12.54
CA THR A 88 -16.24 10.47 12.24
C THR A 88 -16.42 11.53 11.15
N LYS A 89 -15.94 12.74 11.42
CA LYS A 89 -15.57 13.72 10.39
C LYS A 89 -14.05 13.75 10.24
N VAL A 90 -13.57 14.06 9.04
CA VAL A 90 -12.20 14.43 8.71
C VAL A 90 -12.33 15.45 7.58
N ALA A 91 -12.21 16.74 7.89
CA ALA A 91 -12.81 17.83 7.13
C ALA A 91 -11.78 18.85 6.60
N ASP A 92 -10.49 18.50 6.56
CA ASP A 92 -9.39 19.43 6.33
C ASP A 92 -8.61 18.97 5.11
N SER A 93 -8.20 19.89 4.24
CA SER A 93 -7.70 19.58 2.90
C SER A 93 -6.85 20.72 2.34
N SER A 94 -5.72 20.96 2.98
CA SER A 94 -4.94 22.18 2.87
C SER A 94 -3.55 21.91 2.29
N LYS A 95 -3.52 21.67 0.97
CA LYS A 95 -2.28 21.51 0.21
C LYS A 95 -1.72 22.88 -0.22
N GLY A 96 -0.87 22.91 -1.24
CA GLY A 96 -0.24 24.09 -1.80
C GLY A 96 1.05 23.66 -2.47
N PRO A 97 2.20 23.75 -1.80
CA PRO A 97 3.49 23.41 -2.41
C PRO A 97 3.63 21.89 -2.58
N ASP A 98 4.42 21.45 -3.56
CA ASP A 98 4.66 20.04 -3.90
C ASP A 98 6.12 19.83 -4.34
N GLU A 99 7.00 20.78 -4.00
CA GLU A 99 8.30 20.98 -4.63
C GLU A 99 9.28 19.86 -4.28
N ALA A 100 10.14 19.51 -5.24
CA ALA A 100 11.11 18.43 -5.15
C ALA A 100 12.42 18.69 -5.94
N LYS A 101 12.51 19.77 -6.73
CA LYS A 101 13.71 20.14 -7.48
C LYS A 101 14.46 21.25 -6.72
N ILE A 102 15.33 20.87 -5.78
CA ILE A 102 15.92 21.80 -4.81
C ILE A 102 17.32 21.41 -4.35
N LYS A 103 17.58 20.12 -4.14
CA LYS A 103 18.90 19.62 -3.77
C LYS A 103 19.83 19.63 -4.98
N ALA A 104 19.40 19.07 -6.10
CA ALA A 104 20.20 18.90 -7.31
C ALA A 104 20.42 20.21 -8.08
N LEU A 105 20.46 21.36 -7.41
CA LEU A 105 20.47 22.68 -8.03
C LEU A 105 21.78 23.00 -8.75
N LEU A 106 22.87 22.25 -8.49
CA LEU A 106 24.13 22.29 -9.21
C LEU A 106 24.68 20.86 -9.26
N GLU A 107 25.63 20.63 -10.16
CA GLU A 107 26.58 19.51 -10.13
C GLU A 107 27.95 20.05 -10.52
N ARG A 108 29.00 19.25 -10.37
CA ARG A 108 30.39 19.63 -10.63
C ARG A 108 31.24 18.37 -10.85
N THR A 109 30.85 17.54 -11.82
CA THR A 109 31.40 16.22 -12.03
C THR A 109 31.10 15.90 -13.48
N GLY A 110 32.02 15.17 -14.11
CA GLY A 110 31.90 14.53 -15.40
C GLY A 110 32.90 13.38 -15.41
N TYR A 111 32.73 12.46 -16.34
CA TYR A 111 33.60 11.32 -16.62
C TYR A 111 33.68 11.17 -18.14
N THR A 112 34.62 10.36 -18.64
CA THR A 112 34.81 10.14 -20.06
C THR A 112 35.50 8.78 -20.26
N LEU A 113 35.59 8.33 -21.50
CA LEU A 113 35.95 6.96 -21.91
C LEU A 113 37.41 6.83 -22.34
N ASP A 114 38.14 7.94 -22.36
CA ASP A 114 39.47 8.07 -22.97
C ASP A 114 40.59 8.24 -21.95
N VAL A 115 40.33 8.88 -20.80
CA VAL A 115 41.40 9.30 -19.89
C VAL A 115 41.10 9.00 -18.42
N THR A 116 39.94 8.41 -18.08
CA THR A 116 39.53 8.22 -16.68
C THR A 116 38.75 6.91 -16.47
N THR A 117 38.89 5.92 -17.33
CA THR A 117 38.28 4.61 -17.15
C THR A 117 39.21 3.55 -17.78
N GLY A 118 38.88 2.28 -17.61
CA GLY A 118 39.66 1.11 -17.96
C GLY A 118 39.07 -0.08 -17.21
N GLY A 1 -10.74 -24.54 14.43
CA GLY A 1 -11.83 -24.86 13.49
C GLY A 1 -13.02 -24.00 13.87
N SER A 2 -13.48 -23.15 12.96
CA SER A 2 -14.05 -21.86 13.32
C SER A 2 -15.37 -21.62 12.59
N GLU A 3 -16.13 -20.62 13.02
CA GLU A 3 -17.16 -19.97 12.22
C GLU A 3 -16.45 -19.00 11.27
N ASN A 4 -16.16 -17.79 11.74
CA ASN A 4 -15.59 -16.56 11.18
C ASN A 4 -16.22 -16.10 9.85
N PHE A 5 -16.50 -17.02 8.95
CA PHE A 5 -17.00 -16.76 7.61
C PHE A 5 -18.28 -15.93 7.68
N GLN A 6 -19.21 -16.39 8.51
CA GLN A 6 -20.48 -15.73 8.72
C GLN A 6 -20.32 -14.37 9.40
N THR A 7 -19.36 -14.20 10.32
CA THR A 7 -19.35 -12.99 11.16
C THR A 7 -18.85 -11.83 10.30
N LEU A 8 -17.92 -12.08 9.36
CA LEU A 8 -17.41 -11.07 8.41
C LEU A 8 -18.53 -10.62 7.47
N LEU A 9 -19.35 -11.58 7.04
CA LEU A 9 -20.55 -11.37 6.25
C LEU A 9 -21.62 -10.56 6.99
N ASP A 10 -21.49 -10.41 8.31
CA ASP A 10 -22.30 -9.57 9.20
C ASP A 10 -21.52 -8.32 9.68
N ALA A 11 -20.27 -8.14 9.23
CA ALA A 11 -19.38 -7.06 9.67
C ALA A 11 -19.17 -5.99 8.60
N GLY A 12 -19.85 -6.10 7.46
CA GLY A 12 -19.79 -5.15 6.36
C GLY A 12 -19.26 -5.78 5.07
N LEU A 13 -18.63 -6.94 5.16
CA LEU A 13 -17.78 -7.44 4.09
C LEU A 13 -18.60 -8.36 3.19
N PRO A 14 -18.30 -8.40 1.87
CA PRO A 14 -18.97 -9.30 0.96
C PRO A 14 -18.49 -10.73 1.17
N GLN A 15 -19.28 -11.67 0.66
CA GLN A 15 -19.01 -13.10 0.67
C GLN A 15 -17.60 -13.39 0.16
N LYS A 16 -17.28 -12.83 -1.01
CA LYS A 16 -16.03 -13.16 -1.69
C LYS A 16 -14.80 -12.79 -0.86
N VAL A 17 -14.86 -11.69 -0.10
CA VAL A 17 -13.79 -11.31 0.81
C VAL A 17 -13.65 -12.39 1.90
N ALA A 18 -14.78 -12.85 2.47
CA ALA A 18 -14.77 -13.84 3.53
C ALA A 18 -14.08 -15.14 3.09
N GLU A 19 -14.28 -15.60 1.86
CA GLU A 19 -13.59 -16.81 1.38
C GLU A 19 -12.07 -16.65 1.24
N LYS A 20 -11.55 -15.42 1.10
CA LYS A 20 -10.09 -15.20 1.07
C LYS A 20 -9.55 -14.90 2.47
N LEU A 21 -10.42 -14.82 3.47
CA LEU A 21 -10.08 -14.44 4.83
C LEU A 21 -10.21 -15.63 5.78
N ASP A 22 -11.16 -16.53 5.52
CA ASP A 22 -11.45 -17.71 6.33
C ASP A 22 -10.21 -18.50 6.64
N GLU A 23 -9.40 -18.78 5.62
CA GLU A 23 -8.21 -19.60 5.73
C GLU A 23 -7.29 -19.11 6.85
N ILE A 24 -7.26 -17.79 7.05
CA ILE A 24 -6.43 -17.14 8.04
C ILE A 24 -6.99 -17.45 9.45
N TYR A 25 -8.31 -17.46 9.64
CA TYR A 25 -8.96 -17.78 10.91
C TYR A 25 -9.00 -19.27 11.21
N VAL A 26 -8.70 -20.11 10.21
CA VAL A 26 -8.72 -21.56 10.37
C VAL A 26 -7.29 -22.02 10.64
N ALA A 27 -6.31 -21.66 9.82
CA ALA A 27 -5.03 -22.35 9.82
C ALA A 27 -4.03 -21.72 10.81
N GLY A 28 -4.54 -21.07 11.85
CA GLY A 28 -3.73 -20.57 12.95
C GLY A 28 -2.82 -19.41 12.56
N LEU A 29 -3.23 -18.52 11.64
CA LEU A 29 -2.52 -17.27 11.42
C LEU A 29 -2.92 -16.20 12.45
N VAL A 30 -4.16 -16.19 12.94
CA VAL A 30 -4.67 -15.06 13.74
C VAL A 30 -5.36 -15.44 15.04
N ALA A 31 -5.61 -14.45 15.91
CA ALA A 31 -6.15 -14.63 17.26
C ALA A 31 -7.44 -13.84 17.53
N HIS A 32 -8.32 -13.75 16.53
CA HIS A 32 -9.53 -12.92 16.38
C HIS A 32 -9.21 -11.43 16.40
N SER A 33 -8.34 -10.95 17.29
CA SER A 33 -8.13 -9.54 17.60
C SER A 33 -6.79 -9.02 17.06
N ASP A 34 -6.26 -9.71 16.06
CA ASP A 34 -4.91 -9.61 15.51
C ASP A 34 -4.69 -8.33 14.67
N LEU A 35 -5.60 -7.35 14.78
CA LEU A 35 -5.57 -6.07 14.08
C LEU A 35 -5.86 -4.96 15.08
N ASP A 36 -5.36 -3.76 14.79
CA ASP A 36 -5.79 -2.53 15.44
C ASP A 36 -6.99 -2.01 14.65
N GLU A 37 -7.81 -1.16 15.26
CA GLU A 37 -9.04 -0.63 14.67
C GLU A 37 -8.76 0.16 13.38
N ARG A 38 -7.54 0.69 13.31
CA ARG A 38 -7.00 1.42 12.18
C ARG A 38 -7.05 0.57 10.92
N ALA A 39 -6.68 -0.71 11.02
CA ALA A 39 -6.78 -1.62 9.91
C ALA A 39 -8.27 -1.90 9.65
N ILE A 40 -9.09 -2.11 10.69
CA ILE A 40 -10.51 -2.48 10.55
C ILE A 40 -11.25 -1.43 9.71
N GLU A 41 -11.16 -0.15 10.06
CA GLU A 41 -11.78 0.93 9.31
C GLU A 41 -11.42 0.82 7.83
N ALA A 42 -10.12 0.75 7.55
CA ALA A 42 -9.65 0.71 6.18
C ALA A 42 -10.06 -0.59 5.47
N LEU A 43 -10.42 -1.63 6.21
CA LEU A 43 -10.81 -2.95 5.74
C LEU A 43 -12.34 -3.13 5.77
N LYS A 44 -13.15 -2.09 5.95
CA LYS A 44 -14.62 -2.15 5.79
C LYS A 44 -15.06 -1.69 4.41
N GLU A 45 -14.41 -0.68 3.85
CA GLU A 45 -14.69 -0.17 2.51
C GLU A 45 -13.56 -0.66 1.62
N PHE A 46 -13.84 -1.59 0.71
CA PHE A 46 -12.96 -1.92 -0.40
C PHE A 46 -13.79 -2.49 -1.55
N ASN A 47 -13.22 -2.47 -2.75
CA ASN A 47 -13.73 -3.12 -3.93
C ASN A 47 -13.33 -4.60 -3.93
N GLU A 48 -13.89 -5.33 -4.89
CA GLU A 48 -13.79 -6.77 -5.13
C GLU A 48 -12.38 -7.23 -5.55
N ASP A 49 -11.45 -6.31 -5.79
CA ASP A 49 -10.03 -6.64 -5.98
C ASP A 49 -9.16 -5.81 -5.03
N GLY A 50 -9.80 -5.11 -4.10
CA GLY A 50 -9.15 -4.45 -2.98
C GLY A 50 -8.77 -5.53 -1.98
N ALA A 51 -9.71 -5.91 -1.12
CA ALA A 51 -9.43 -6.75 0.05
C ALA A 51 -8.70 -8.02 -0.36
N LEU A 52 -9.20 -8.63 -1.43
CA LEU A 52 -8.73 -9.88 -2.00
C LEU A 52 -7.21 -9.83 -2.25
N ALA A 53 -6.71 -8.73 -2.80
CA ALA A 53 -5.30 -8.57 -3.16
C ALA A 53 -4.45 -8.40 -1.90
N VAL A 54 -5.01 -7.75 -0.88
CA VAL A 54 -4.29 -7.47 0.35
C VAL A 54 -4.16 -8.77 1.13
N LEU A 55 -5.28 -9.47 1.32
CA LEU A 55 -5.35 -10.72 2.06
C LEU A 55 -4.46 -11.78 1.44
N GLN A 56 -4.38 -11.81 0.11
CA GLN A 56 -3.53 -12.76 -0.58
C GLN A 56 -2.07 -12.64 -0.10
N GLN A 57 -1.48 -11.46 -0.27
CA GLN A 57 -0.14 -11.14 0.22
C GLN A 57 -0.02 -11.32 1.74
N PHE A 58 -1.04 -11.00 2.52
CA PHE A 58 -1.02 -11.20 3.97
C PHE A 58 -0.75 -12.66 4.32
N LYS A 59 -1.48 -13.61 3.69
CA LYS A 59 -1.24 -15.05 3.84
C LYS A 59 0.20 -15.40 3.49
N ASP A 60 0.76 -14.74 2.48
CA ASP A 60 2.09 -15.02 1.92
C ASP A 60 3.20 -14.20 2.58
N SER A 61 2.90 -13.47 3.66
CA SER A 61 3.89 -12.63 4.33
C SER A 61 4.83 -13.49 5.18
N ASP A 62 6.02 -12.94 5.36
CA ASP A 62 7.09 -13.45 6.21
C ASP A 62 6.71 -13.06 7.64
N LEU A 63 5.94 -13.92 8.31
CA LEU A 63 5.38 -13.65 9.63
C LEU A 63 6.16 -14.36 10.73
N SER A 64 7.19 -15.15 10.41
CA SER A 64 7.87 -16.01 11.38
C SER A 64 8.42 -15.29 12.61
N HIS A 65 8.63 -13.96 12.58
CA HIS A 65 9.19 -13.24 13.72
C HIS A 65 8.41 -11.95 14.06
N VAL A 66 7.27 -11.70 13.41
CA VAL A 66 6.50 -10.47 13.62
C VAL A 66 6.04 -10.39 15.08
N GLN A 67 5.79 -9.16 15.57
CA GLN A 67 5.15 -8.93 16.84
C GLN A 67 3.68 -8.57 16.56
N ASN A 68 3.39 -7.34 16.12
CA ASN A 68 2.05 -6.87 15.81
C ASN A 68 1.72 -7.22 14.36
N LYS A 69 0.78 -8.13 14.12
CA LYS A 69 0.35 -8.47 12.77
C LYS A 69 -0.21 -7.27 12.02
N SER A 70 -0.99 -6.40 12.69
CA SER A 70 -1.66 -5.26 12.06
C SER A 70 -0.69 -4.46 11.19
N ALA A 71 0.54 -4.27 11.67
CA ALA A 71 1.56 -3.49 11.02
C ALA A 71 1.83 -3.97 9.58
N PHE A 72 1.69 -5.27 9.30
CA PHE A 72 1.89 -5.88 7.99
C PHE A 72 0.71 -5.58 7.07
N LEU A 73 -0.54 -5.59 7.58
CA LEU A 73 -1.72 -5.48 6.75
C LEU A 73 -2.05 -4.01 6.48
N CYS A 74 -1.79 -3.12 7.46
CA CYS A 74 -1.64 -1.68 7.28
C CYS A 74 -0.45 -1.32 6.37
N GLY A 75 0.40 -2.29 6.02
CA GLY A 75 1.46 -2.17 5.04
C GLY A 75 0.89 -2.49 3.67
N VAL A 76 0.44 -3.72 3.46
CA VAL A 76 0.05 -4.16 2.12
C VAL A 76 -1.12 -3.33 1.59
N MET A 77 -2.10 -2.90 2.41
CA MET A 77 -3.21 -2.08 1.90
C MET A 77 -2.74 -0.72 1.35
N LYS A 78 -1.49 -0.34 1.55
CA LYS A 78 -0.84 0.76 0.85
C LYS A 78 -0.24 0.19 -0.43
N THR A 79 0.74 -0.72 -0.31
CA THR A 79 1.58 -1.18 -1.40
C THR A 79 0.77 -1.70 -2.58
N TYR A 80 -0.27 -2.50 -2.34
CA TYR A 80 -1.01 -3.13 -3.40
C TYR A 80 -1.64 -2.07 -4.31
N ARG A 81 -2.00 -0.91 -3.74
CA ARG A 81 -2.69 0.15 -4.46
C ARG A 81 -1.84 0.76 -5.55
N GLN A 82 -0.53 0.52 -5.56
CA GLN A 82 0.29 0.93 -6.68
C GLN A 82 -0.24 0.34 -8.01
N ARG A 83 -0.91 -0.82 -7.96
CA ARG A 83 -1.57 -1.42 -9.13
C ARG A 83 -3.02 -0.98 -9.36
N GLU A 84 -3.64 -0.14 -8.51
CA GLU A 84 -4.90 0.54 -8.82
C GLU A 84 -4.70 2.03 -9.10
N LYS A 85 -3.46 2.52 -8.92
CA LYS A 85 -3.08 3.91 -9.11
C LYS A 85 -3.17 4.31 -10.59
N GLN A 86 -3.01 5.60 -10.82
CA GLN A 86 -2.61 6.16 -12.09
C GLN A 86 -1.28 5.49 -12.46
N GLY A 87 -1.30 4.65 -13.49
CA GLY A 87 -0.18 3.85 -13.97
C GLY A 87 -0.56 3.24 -15.31
N THR A 88 -1.31 3.99 -16.14
CA THR A 88 -1.77 3.53 -17.43
C THR A 88 -1.88 4.74 -18.37
N LYS A 89 -2.23 4.45 -19.62
CA LYS A 89 -2.48 5.41 -20.69
C LYS A 89 -3.81 6.12 -20.42
N VAL A 90 -3.75 7.20 -19.63
CA VAL A 90 -4.84 8.14 -19.38
C VAL A 90 -4.23 9.52 -19.61
N ALA A 91 -4.04 9.85 -20.88
CA ALA A 91 -3.59 11.15 -21.33
C ALA A 91 -4.80 12.06 -21.32
N ASP A 92 -4.83 13.10 -20.48
CA ASP A 92 -5.99 13.97 -20.47
C ASP A 92 -5.76 15.39 -19.93
N SER A 93 -4.58 15.73 -19.43
CA SER A 93 -4.41 17.00 -18.74
C SER A 93 -2.94 17.41 -18.75
N SER A 94 -2.72 18.72 -18.82
CA SER A 94 -1.57 19.36 -19.40
C SER A 94 -1.54 20.80 -18.88
N LYS A 95 -0.68 21.04 -17.91
CA LYS A 95 -0.23 22.34 -17.46
C LYS A 95 1.27 22.40 -17.74
N GLY A 96 1.79 23.57 -18.07
CA GLY A 96 3.23 23.83 -18.18
C GLY A 96 3.66 24.77 -17.05
N PRO A 97 3.98 24.27 -15.85
CA PRO A 97 4.68 25.06 -14.84
C PRO A 97 6.12 25.33 -15.30
N ASP A 98 6.79 26.29 -14.68
CA ASP A 98 8.18 26.09 -14.28
C ASP A 98 8.43 26.90 -13.01
N GLU A 99 9.43 26.54 -12.22
CA GLU A 99 9.97 27.35 -11.14
C GLU A 99 11.33 26.76 -10.74
N ALA A 100 12.38 27.60 -10.65
CA ALA A 100 13.77 27.21 -10.46
C ALA A 100 14.37 28.17 -9.43
N LYS A 101 14.70 27.66 -8.25
CA LYS A 101 14.94 28.45 -7.05
C LYS A 101 16.39 28.28 -6.61
N ILE A 102 17.19 29.35 -6.71
CA ILE A 102 18.65 29.37 -6.53
C ILE A 102 19.08 28.55 -5.30
N LYS A 103 18.69 28.95 -4.09
CA LYS A 103 19.23 28.55 -2.78
C LYS A 103 20.69 28.94 -2.63
N ALA A 104 21.55 28.45 -3.50
CA ALA A 104 22.96 28.81 -3.60
C ALA A 104 23.38 28.72 -5.05
N LEU A 105 24.47 29.40 -5.40
CA LEU A 105 25.21 29.24 -6.65
C LEU A 105 26.65 29.62 -6.33
N LEU A 106 27.62 29.03 -7.04
CA LEU A 106 29.04 29.39 -6.93
C LEU A 106 29.68 28.94 -8.24
N GLU A 107 30.15 29.89 -9.04
CA GLU A 107 31.03 29.64 -10.18
C GLU A 107 31.96 30.86 -10.26
N ARG A 108 33.14 30.71 -10.88
CA ARG A 108 34.19 31.72 -10.99
C ARG A 108 35.25 31.35 -12.05
N THR A 109 35.04 30.32 -12.87
CA THR A 109 36.13 29.55 -13.46
C THR A 109 35.97 29.19 -14.94
N GLY A 110 34.89 29.68 -15.55
CA GLY A 110 34.58 29.42 -16.95
C GLY A 110 35.47 30.20 -17.91
N TYR A 111 36.68 29.70 -18.19
CA TYR A 111 37.54 30.17 -19.28
C TYR A 111 38.32 28.98 -19.85
N THR A 112 39.08 29.20 -20.93
CA THR A 112 39.90 28.19 -21.60
C THR A 112 41.18 28.87 -22.13
N LEU A 113 42.06 28.13 -22.83
CA LEU A 113 43.33 28.65 -23.36
C LEU A 113 43.20 29.07 -24.83
N ASP A 114 42.04 28.82 -25.41
CA ASP A 114 41.80 28.53 -26.82
C ASP A 114 40.54 29.23 -27.33
N VAL A 115 39.85 29.98 -26.47
CA VAL A 115 38.63 30.70 -26.80
C VAL A 115 38.92 32.19 -26.95
N THR A 116 38.08 32.88 -27.71
CA THR A 116 38.11 34.32 -27.91
C THR A 116 37.51 35.04 -26.69
N THR A 117 38.02 34.77 -25.49
CA THR A 117 37.71 35.55 -24.30
C THR A 117 38.39 36.93 -24.38
N GLY A 118 38.05 37.80 -23.44
CA GLY A 118 38.96 38.80 -22.91
C GLY A 118 39.11 38.52 -21.42
N GLY A 1 -18.76 -21.41 8.92
CA GLY A 1 -17.81 -20.68 9.76
C GLY A 1 -18.52 -19.77 10.74
N SER A 2 -17.84 -18.68 11.09
CA SER A 2 -18.34 -17.61 11.94
C SER A 2 -19.56 -16.94 11.31
N GLU A 3 -20.33 -16.19 12.11
CA GLU A 3 -21.32 -15.27 11.55
C GLU A 3 -20.63 -14.13 10.81
N ASN A 4 -19.46 -13.72 11.30
CA ASN A 4 -18.69 -12.60 10.78
C ASN A 4 -18.06 -12.92 9.42
N PHE A 5 -18.42 -14.03 8.77
CA PHE A 5 -18.13 -14.36 7.37
C PHE A 5 -19.17 -13.70 6.45
N GLN A 6 -20.43 -13.64 6.88
CA GLN A 6 -21.56 -13.19 6.06
C GLN A 6 -21.54 -11.67 5.88
N THR A 7 -21.03 -10.92 6.86
CA THR A 7 -20.96 -9.47 6.77
C THR A 7 -20.24 -9.05 5.49
N LEU A 8 -19.06 -9.61 5.22
CA LEU A 8 -18.23 -9.27 4.09
C LEU A 8 -19.02 -9.39 2.80
N LEU A 9 -19.74 -10.50 2.65
CA LEU A 9 -20.56 -10.87 1.51
C LEU A 9 -21.74 -9.92 1.31
N ASP A 10 -22.14 -9.14 2.32
CA ASP A 10 -23.23 -8.15 2.20
C ASP A 10 -22.73 -6.71 2.22
N ALA A 11 -21.50 -6.49 2.67
CA ALA A 11 -20.89 -5.18 2.90
C ALA A 11 -20.30 -4.57 1.62
N GLY A 12 -20.18 -5.36 0.55
CA GLY A 12 -19.62 -4.97 -0.73
C GLY A 12 -18.56 -5.94 -1.22
N LEU A 13 -18.12 -6.93 -0.42
CA LEU A 13 -16.92 -7.70 -0.68
C LEU A 13 -17.26 -9.11 -1.18
N PRO A 14 -16.41 -9.70 -2.03
CA PRO A 14 -16.65 -11.03 -2.59
C PRO A 14 -16.39 -12.14 -1.58
N GLN A 15 -16.91 -13.32 -1.92
CA GLN A 15 -16.73 -14.56 -1.19
C GLN A 15 -15.25 -14.86 -1.01
N LYS A 16 -14.45 -14.91 -2.09
CA LYS A 16 -13.01 -15.21 -2.03
C LYS A 16 -12.28 -14.42 -0.94
N VAL A 17 -12.68 -13.18 -0.69
CA VAL A 17 -12.05 -12.37 0.33
C VAL A 17 -12.54 -12.85 1.72
N ALA A 18 -13.85 -12.99 1.93
CA ALA A 18 -14.41 -13.49 3.18
C ALA A 18 -13.88 -14.90 3.53
N GLU A 19 -13.68 -15.74 2.52
CA GLU A 19 -13.15 -17.10 2.62
C GLU A 19 -11.76 -17.10 3.25
N LYS A 20 -11.04 -15.98 3.25
CA LYS A 20 -9.70 -15.83 3.82
C LYS A 20 -9.73 -15.01 5.11
N LEU A 21 -10.92 -14.64 5.60
CA LEU A 21 -11.09 -13.74 6.72
C LEU A 21 -11.72 -14.44 7.92
N ASP A 22 -12.70 -15.32 7.68
CA ASP A 22 -13.36 -16.12 8.71
C ASP A 22 -12.34 -16.75 9.67
N GLU A 23 -11.28 -17.32 9.11
CA GLU A 23 -10.23 -18.03 9.83
C GLU A 23 -9.63 -17.21 10.96
N ILE A 24 -9.41 -15.92 10.70
CA ILE A 24 -8.70 -15.03 11.59
C ILE A 24 -9.57 -14.82 12.84
N TYR A 25 -10.88 -14.66 12.65
CA TYR A 25 -11.80 -14.43 13.76
C TYR A 25 -11.90 -15.66 14.65
N VAL A 26 -11.83 -16.85 14.06
CA VAL A 26 -12.06 -18.12 14.75
C VAL A 26 -10.83 -18.40 15.62
N ALA A 27 -9.63 -18.16 15.09
CA ALA A 27 -8.37 -18.49 15.73
C ALA A 27 -8.07 -17.60 16.95
N GLY A 28 -8.91 -16.58 17.24
CA GLY A 28 -8.59 -15.61 18.26
C GLY A 28 -7.52 -14.63 17.81
N LEU A 29 -7.27 -14.50 16.50
CA LEU A 29 -6.30 -13.52 15.99
C LEU A 29 -6.87 -12.09 16.06
N VAL A 30 -8.17 -11.95 16.32
CA VAL A 30 -8.79 -10.67 16.67
C VAL A 30 -9.76 -10.82 17.82
N ALA A 31 -10.05 -9.68 18.46
CA ALA A 31 -11.08 -9.48 19.46
C ALA A 31 -12.50 -9.28 18.89
N HIS A 32 -12.73 -9.59 17.61
CA HIS A 32 -13.95 -9.27 16.85
C HIS A 32 -14.08 -7.76 16.62
N SER A 33 -14.42 -6.97 17.63
CA SER A 33 -14.49 -5.50 17.51
C SER A 33 -13.08 -4.94 17.74
N ASP A 34 -12.14 -5.26 16.85
CA ASP A 34 -10.70 -5.01 17.00
C ASP A 34 -10.12 -4.09 15.91
N LEU A 35 -10.91 -3.86 14.84
CA LEU A 35 -10.62 -2.87 13.81
C LEU A 35 -11.31 -1.56 14.21
N ASP A 36 -11.13 -0.49 13.43
CA ASP A 36 -11.97 0.69 13.48
C ASP A 36 -12.56 0.95 12.10
N GLU A 37 -13.44 1.95 12.01
CA GLU A 37 -14.14 2.28 10.78
C GLU A 37 -13.16 2.65 9.67
N ARG A 38 -12.03 3.25 10.03
CA ARG A 38 -11.05 3.77 9.09
C ARG A 38 -10.36 2.62 8.38
N ALA A 39 -10.09 1.51 9.09
CA ALA A 39 -9.70 0.29 8.43
C ALA A 39 -10.82 -0.20 7.51
N ILE A 40 -12.08 -0.19 7.94
CA ILE A 40 -13.21 -0.71 7.15
C ILE A 40 -13.40 0.08 5.84
N GLU A 41 -13.13 1.39 5.80
CA GLU A 41 -13.12 2.19 4.57
C GLU A 41 -12.08 1.63 3.61
N ALA A 42 -10.85 1.43 4.07
CA ALA A 42 -9.75 0.96 3.24
C ALA A 42 -9.83 -0.55 2.97
N LEU A 43 -10.84 -1.24 3.51
CA LEU A 43 -11.20 -2.63 3.25
C LEU A 43 -12.56 -2.71 2.51
N LYS A 44 -12.95 -1.66 1.78
CA LYS A 44 -14.21 -1.57 1.04
C LYS A 44 -13.97 -1.73 -0.47
N GLU A 45 -12.92 -1.11 -1.03
CA GLU A 45 -12.74 -0.95 -2.48
C GLU A 45 -11.34 -1.38 -2.96
N PHE A 46 -11.09 -2.69 -2.96
CA PHE A 46 -9.79 -3.30 -3.31
C PHE A 46 -9.88 -4.09 -4.62
N ASN A 47 -8.86 -4.89 -4.92
CA ASN A 47 -8.78 -5.88 -5.99
C ASN A 47 -8.77 -7.30 -5.42
N GLU A 48 -8.78 -8.26 -6.32
CA GLU A 48 -8.85 -9.70 -6.10
C GLU A 48 -7.66 -10.29 -5.36
N ASP A 49 -6.50 -9.64 -5.38
CA ASP A 49 -5.34 -10.07 -4.61
C ASP A 49 -5.07 -9.13 -3.43
N GLY A 50 -5.70 -7.96 -3.41
CA GLY A 50 -5.41 -6.90 -2.46
C GLY A 50 -5.74 -7.32 -1.05
N ALA A 51 -7.03 -7.50 -0.77
CA ALA A 51 -7.45 -7.97 0.54
C ALA A 51 -6.78 -9.30 0.89
N LEU A 52 -6.61 -10.20 -0.09
CA LEU A 52 -6.08 -11.54 0.09
C LEU A 52 -4.65 -11.53 0.62
N ALA A 53 -3.81 -10.59 0.15
CA ALA A 53 -2.41 -10.50 0.49
C ALA A 53 -2.25 -9.95 1.90
N VAL A 54 -3.12 -9.01 2.23
CA VAL A 54 -3.02 -8.20 3.44
C VAL A 54 -3.58 -9.00 4.60
N LEU A 55 -4.73 -9.64 4.41
CA LEU A 55 -5.37 -10.47 5.41
C LEU A 55 -4.42 -11.55 5.88
N GLN A 56 -3.59 -12.10 4.98
CA GLN A 56 -2.65 -13.15 5.31
C GLN A 56 -1.54 -12.61 6.21
N GLN A 57 -0.79 -11.61 5.77
CA GLN A 57 0.31 -11.05 6.57
C GLN A 57 -0.13 -10.64 7.99
N PHE A 58 -1.37 -10.18 8.12
CA PHE A 58 -1.99 -9.88 9.42
C PHE A 58 -2.01 -11.06 10.37
N LYS A 59 -2.22 -12.26 9.87
CA LYS A 59 -2.19 -13.51 10.64
C LYS A 59 -0.84 -13.76 11.28
N ASP A 60 0.24 -13.54 10.53
CA ASP A 60 1.60 -13.92 10.92
C ASP A 60 2.33 -12.79 11.67
N SER A 61 1.68 -11.64 11.85
CA SER A 61 2.28 -10.48 12.50
C SER A 61 2.46 -10.73 14.00
N ASP A 62 3.28 -9.90 14.66
CA ASP A 62 3.46 -9.96 16.09
C ASP A 62 2.22 -9.36 16.72
N LEU A 63 1.32 -10.19 17.25
CA LEU A 63 0.10 -9.75 17.92
C LEU A 63 0.19 -10.18 19.38
N SER A 64 1.16 -9.62 20.09
CA SER A 64 1.41 -9.86 21.51
C SER A 64 1.22 -8.57 22.33
N HIS A 65 1.64 -7.41 21.82
CA HIS A 65 1.72 -6.16 22.57
C HIS A 65 1.37 -4.94 21.69
N VAL A 66 0.90 -5.16 20.46
CA VAL A 66 0.32 -4.16 19.57
C VAL A 66 -0.69 -3.31 20.35
N GLN A 67 -0.66 -1.99 20.18
CA GLN A 67 -1.63 -1.12 20.82
C GLN A 67 -2.91 -1.09 19.98
N ASN A 68 -2.78 -0.63 18.73
CA ASN A 68 -3.91 -0.41 17.85
C ASN A 68 -3.91 -1.51 16.80
N LYS A 69 -4.59 -2.63 17.11
CA LYS A 69 -4.78 -3.76 16.19
C LYS A 69 -5.19 -3.28 14.80
N SER A 70 -6.09 -2.28 14.72
CA SER A 70 -6.61 -1.84 13.45
C SER A 70 -5.50 -1.33 12.53
N ALA A 71 -4.61 -0.48 13.05
CA ALA A 71 -3.59 0.17 12.25
C ALA A 71 -2.51 -0.81 11.76
N PHE A 72 -2.35 -1.97 12.40
CA PHE A 72 -1.45 -2.98 11.87
C PHE A 72 -1.91 -3.36 10.45
N LEU A 73 -3.22 -3.54 10.25
CA LEU A 73 -3.76 -3.94 8.96
C LEU A 73 -3.71 -2.75 7.99
N CYS A 74 -3.83 -1.52 8.51
CA CYS A 74 -3.81 -0.34 7.65
C CYS A 74 -2.38 -0.09 7.14
N GLY A 75 -1.37 -0.62 7.84
CA GLY A 75 0.03 -0.53 7.47
C GLY A 75 0.33 -1.46 6.31
N VAL A 76 0.03 -2.75 6.47
CA VAL A 76 0.34 -3.74 5.45
C VAL A 76 -0.34 -3.36 4.13
N MET A 77 -1.60 -2.92 4.13
CA MET A 77 -2.30 -2.55 2.90
C MET A 77 -1.65 -1.37 2.16
N LYS A 78 -0.78 -0.59 2.79
CA LYS A 78 -0.10 0.57 2.20
C LYS A 78 1.40 0.31 2.09
N THR A 79 1.78 -0.97 2.07
CA THR A 79 3.14 -1.46 1.94
C THR A 79 3.17 -2.51 0.81
N TYR A 80 2.31 -3.54 0.87
CA TYR A 80 2.32 -4.62 -0.13
C TYR A 80 2.20 -4.09 -1.56
N ARG A 81 1.34 -3.10 -1.84
CA ARG A 81 1.19 -2.48 -3.16
C ARG A 81 2.51 -1.99 -3.76
N GLN A 82 3.44 -1.49 -2.92
CA GLN A 82 4.71 -0.97 -3.39
C GLN A 82 5.61 -2.10 -3.86
N ARG A 83 5.52 -3.25 -3.19
CA ARG A 83 6.12 -4.49 -3.69
C ARG A 83 5.46 -4.91 -4.99
N GLU A 84 4.13 -4.92 -5.04
CA GLU A 84 3.35 -5.34 -6.22
C GLU A 84 3.45 -4.40 -7.42
N LYS A 85 4.32 -3.39 -7.41
CA LYS A 85 4.63 -2.61 -8.62
C LYS A 85 5.34 -3.50 -9.65
N GLN A 86 5.55 -2.96 -10.86
CA GLN A 86 6.34 -3.61 -11.89
C GLN A 86 7.75 -3.81 -11.35
N GLY A 87 8.10 -5.08 -11.17
CA GLY A 87 9.38 -5.59 -10.73
C GLY A 87 9.52 -6.97 -11.38
N THR A 88 9.27 -7.04 -12.68
CA THR A 88 9.37 -8.21 -13.51
C THR A 88 9.63 -7.71 -14.95
N LYS A 89 10.28 -8.52 -15.77
CA LYS A 89 10.70 -8.12 -17.12
C LYS A 89 9.48 -7.78 -17.98
N VAL A 90 9.62 -6.83 -18.89
CA VAL A 90 8.56 -6.44 -19.82
C VAL A 90 9.19 -5.88 -21.09
N ALA A 91 9.24 -6.70 -22.13
CA ALA A 91 9.76 -6.38 -23.46
C ALA A 91 8.80 -5.50 -24.27
N ASP A 92 8.07 -4.55 -23.66
CA ASP A 92 7.11 -3.70 -24.35
C ASP A 92 7.00 -2.34 -23.66
N SER A 93 7.62 -1.32 -24.24
CA SER A 93 7.61 0.05 -23.74
C SER A 93 8.28 1.00 -24.75
N SER A 94 7.87 2.27 -24.75
CA SER A 94 8.43 3.32 -25.57
C SER A 94 8.14 4.66 -24.88
N LYS A 95 8.80 4.93 -23.74
CA LYS A 95 8.74 6.23 -23.06
C LYS A 95 10.10 6.46 -22.41
N GLY A 96 10.66 7.67 -22.57
CA GLY A 96 11.88 8.07 -21.89
C GLY A 96 12.04 9.59 -21.98
N PRO A 97 11.26 10.38 -21.23
CA PRO A 97 11.46 11.81 -21.18
C PRO A 97 12.65 12.15 -20.29
N ASP A 98 13.35 13.23 -20.60
CA ASP A 98 14.37 13.84 -19.74
C ASP A 98 14.34 15.33 -20.08
N GLU A 99 13.95 16.18 -19.12
CA GLU A 99 13.82 17.61 -19.31
C GLU A 99 14.13 18.34 -17.99
N ALA A 100 13.76 19.61 -17.87
CA ALA A 100 13.89 20.48 -16.69
C ALA A 100 15.28 20.38 -16.04
N LYS A 101 16.29 20.94 -16.71
CA LYS A 101 17.68 20.90 -16.27
C LYS A 101 17.84 21.47 -14.85
N ILE A 102 18.89 21.02 -14.14
CA ILE A 102 19.34 21.64 -12.89
C ILE A 102 20.84 21.99 -12.98
N LYS A 103 21.64 21.21 -13.73
CA LYS A 103 23.08 21.44 -13.87
C LYS A 103 23.45 22.78 -14.50
N ALA A 104 22.50 23.51 -15.08
CA ALA A 104 22.70 24.85 -15.58
C ALA A 104 21.67 25.72 -14.86
N LEU A 105 22.05 26.21 -13.68
CA LEU A 105 21.26 27.11 -12.84
C LEU A 105 22.22 28.21 -12.37
N LEU A 106 22.80 28.91 -13.34
CA LEU A 106 23.50 30.16 -13.15
C LEU A 106 23.30 30.95 -14.44
N GLU A 107 23.34 32.27 -14.34
CA GLU A 107 23.33 33.20 -15.44
C GLU A 107 24.19 34.36 -14.96
N ARG A 108 25.20 34.76 -15.75
CA ARG A 108 25.83 36.09 -15.73
C ARG A 108 26.90 36.12 -16.83
N THR A 109 27.55 37.26 -16.97
CA THR A 109 28.68 37.56 -17.83
C THR A 109 29.37 38.72 -17.13
N GLY A 110 30.70 38.81 -17.21
CA GLY A 110 31.45 39.87 -16.55
C GLY A 110 32.96 39.87 -16.77
N TYR A 111 33.52 38.87 -17.46
CA TYR A 111 34.93 38.83 -17.86
C TYR A 111 34.95 38.18 -19.23
N THR A 112 35.85 38.63 -20.10
CA THR A 112 36.07 38.10 -21.44
C THR A 112 37.57 38.29 -21.73
N LEU A 113 38.11 37.59 -22.74
CA LEU A 113 39.43 37.93 -23.30
C LEU A 113 39.34 39.13 -24.25
N ASP A 114 38.13 39.65 -24.48
CA ASP A 114 37.84 40.79 -25.35
C ASP A 114 36.89 41.72 -24.59
N VAL A 115 37.45 42.41 -23.58
CA VAL A 115 36.94 43.61 -22.95
C VAL A 115 38.17 44.38 -22.44
N THR A 116 37.94 45.56 -21.86
CA THR A 116 38.94 46.30 -21.11
C THR A 116 39.10 45.63 -19.73
N THR A 117 39.80 44.50 -19.68
CA THR A 117 40.06 43.79 -18.43
C THR A 117 41.05 44.58 -17.57
N GLY A 118 41.09 44.23 -16.29
CA GLY A 118 42.30 44.20 -15.49
C GLY A 118 42.44 42.78 -14.96
N GLY A 1 4.37 -10.38 -8.19
CA GLY A 1 3.45 -10.78 -7.11
C GLY A 1 3.70 -12.19 -6.64
N SER A 2 3.80 -12.36 -5.31
CA SER A 2 3.94 -13.63 -4.61
C SER A 2 2.72 -14.55 -4.81
N GLU A 3 2.76 -15.76 -4.21
CA GLU A 3 1.75 -16.80 -4.35
C GLU A 3 0.33 -16.27 -4.03
N ASN A 4 0.24 -15.34 -3.09
CA ASN A 4 -0.98 -14.68 -2.62
C ASN A 4 -1.62 -13.73 -3.64
N PHE A 5 -1.04 -13.55 -4.82
CA PHE A 5 -1.61 -12.73 -5.88
C PHE A 5 -2.91 -13.37 -6.37
N GLN A 6 -2.82 -14.57 -6.94
CA GLN A 6 -3.88 -15.23 -7.69
C GLN A 6 -5.06 -15.66 -6.82
N THR A 7 -4.91 -15.76 -5.50
CA THR A 7 -6.03 -16.02 -4.61
C THR A 7 -7.00 -14.83 -4.59
N LEU A 8 -6.48 -13.60 -4.66
CA LEU A 8 -7.28 -12.38 -4.60
C LEU A 8 -8.24 -12.32 -5.78
N LEU A 9 -7.73 -12.66 -6.97
CA LEU A 9 -8.50 -12.70 -8.19
C LEU A 9 -9.68 -13.65 -8.06
N ASP A 10 -9.46 -14.84 -7.49
CA ASP A 10 -10.52 -15.84 -7.35
C ASP A 10 -11.51 -15.49 -6.24
N ALA A 11 -11.05 -14.71 -5.28
CA ALA A 11 -11.85 -14.22 -4.16
C ALA A 11 -12.72 -13.03 -4.56
N GLY A 12 -12.78 -12.68 -5.85
CA GLY A 12 -13.69 -11.67 -6.35
C GLY A 12 -13.05 -10.31 -6.57
N LEU A 13 -11.76 -10.14 -6.25
CA LEU A 13 -11.12 -8.83 -6.27
C LEU A 13 -10.54 -8.55 -7.66
N PRO A 14 -10.40 -7.26 -8.02
CA PRO A 14 -9.81 -6.88 -9.29
C PRO A 14 -8.29 -7.08 -9.28
N GLN A 15 -7.74 -7.27 -10.47
CA GLN A 15 -6.34 -7.49 -10.76
C GLN A 15 -5.47 -6.35 -10.20
N LYS A 16 -5.87 -5.09 -10.38
CA LYS A 16 -5.17 -3.93 -9.82
C LYS A 16 -4.93 -4.05 -8.32
N VAL A 17 -5.91 -4.53 -7.57
CA VAL A 17 -5.78 -4.61 -6.12
C VAL A 17 -4.70 -5.65 -5.81
N ALA A 18 -4.73 -6.81 -6.46
CA ALA A 18 -3.66 -7.79 -6.33
C ALA A 18 -2.30 -7.19 -6.67
N GLU A 19 -2.21 -6.49 -7.80
CA GLU A 19 -0.99 -5.86 -8.32
C GLU A 19 -0.39 -4.79 -7.38
N LYS A 20 -1.10 -4.31 -6.36
CA LYS A 20 -0.51 -3.48 -5.32
C LYS A 20 -0.31 -4.31 -4.04
N LEU A 21 -1.30 -5.12 -3.66
CA LEU A 21 -1.31 -5.89 -2.42
C LEU A 21 -0.19 -6.91 -2.37
N ASP A 22 0.14 -7.55 -3.49
CA ASP A 22 1.21 -8.55 -3.52
C ASP A 22 2.49 -8.04 -2.91
N GLU A 23 2.81 -6.76 -3.14
CA GLU A 23 4.03 -6.13 -2.75
C GLU A 23 4.23 -6.17 -1.23
N ILE A 24 3.14 -6.13 -0.47
CA ILE A 24 3.13 -6.17 0.99
C ILE A 24 3.67 -7.54 1.43
N TYR A 25 3.22 -8.61 0.76
CA TYR A 25 3.64 -9.98 1.03
C TYR A 25 5.10 -10.26 0.62
N VAL A 26 5.79 -9.33 -0.04
CA VAL A 26 7.18 -9.48 -0.46
C VAL A 26 8.12 -8.83 0.54
N ALA A 27 7.77 -7.65 1.08
CA ALA A 27 8.63 -6.95 2.03
C ALA A 27 8.59 -7.56 3.44
N GLY A 28 7.95 -8.72 3.64
CA GLY A 28 7.82 -9.35 4.93
C GLY A 28 6.83 -8.65 5.87
N LEU A 29 6.01 -7.73 5.34
CA LEU A 29 5.01 -7.05 6.15
C LEU A 29 3.96 -8.03 6.66
N VAL A 30 3.82 -9.19 6.02
CA VAL A 30 3.02 -10.29 6.50
C VAL A 30 3.73 -11.61 6.30
N ALA A 31 3.37 -12.58 7.14
CA ALA A 31 3.74 -13.98 7.07
C ALA A 31 2.70 -14.83 6.35
N HIS A 32 1.91 -14.23 5.47
CA HIS A 32 0.92 -14.89 4.61
C HIS A 32 -0.21 -15.61 5.36
N SER A 33 -0.26 -15.45 6.68
CA SER A 33 -1.41 -15.74 7.54
C SER A 33 -1.52 -14.69 8.66
N ASP A 34 -1.04 -13.47 8.40
CA ASP A 34 -1.14 -12.35 9.33
C ASP A 34 -2.47 -11.59 9.20
N LEU A 35 -3.36 -12.03 8.30
CA LEU A 35 -4.73 -11.53 8.14
C LEU A 35 -5.72 -12.65 8.42
N ASP A 36 -6.66 -12.40 9.33
CA ASP A 36 -7.76 -13.28 9.71
C ASP A 36 -8.97 -13.08 8.80
N GLU A 37 -9.89 -14.04 8.91
CA GLU A 37 -11.15 -14.18 8.21
C GLU A 37 -11.95 -12.88 8.27
N ARG A 38 -11.91 -12.22 9.44
CA ARG A 38 -12.65 -10.99 9.66
C ARG A 38 -12.19 -9.91 8.69
N ALA A 39 -10.87 -9.73 8.54
CA ALA A 39 -10.29 -8.73 7.67
C ALA A 39 -10.43 -9.16 6.22
N ILE A 40 -10.26 -10.45 5.91
CA ILE A 40 -10.43 -10.99 4.55
C ILE A 40 -11.84 -10.67 4.01
N GLU A 41 -12.88 -10.87 4.82
CA GLU A 41 -14.26 -10.57 4.50
C GLU A 41 -14.40 -9.10 4.12
N ALA A 42 -13.93 -8.20 4.98
CA ALA A 42 -14.05 -6.77 4.74
C ALA A 42 -13.08 -6.28 3.65
N LEU A 43 -12.14 -7.13 3.21
CA LEU A 43 -11.31 -6.94 2.02
C LEU A 43 -11.91 -7.67 0.81
N LYS A 44 -13.19 -8.09 0.87
CA LYS A 44 -13.99 -8.54 -0.25
C LYS A 44 -15.03 -7.48 -0.63
N GLU A 45 -15.14 -6.37 0.12
CA GLU A 45 -15.83 -5.19 -0.37
C GLU A 45 -15.08 -3.89 -0.14
N PHE A 46 -14.82 -3.19 -1.23
CA PHE A 46 -14.40 -1.81 -1.30
C PHE A 46 -14.76 -1.31 -2.71
N ASN A 47 -14.51 -0.04 -2.98
CA ASN A 47 -14.34 0.47 -4.33
C ASN A 47 -12.90 0.26 -4.78
N GLU A 48 -12.68 0.51 -6.07
CA GLU A 48 -11.39 0.47 -6.77
C GLU A 48 -10.32 1.16 -5.93
N ASP A 49 -10.58 2.41 -5.57
CA ASP A 49 -9.58 3.23 -4.89
C ASP A 49 -9.68 3.07 -3.36
N GLY A 50 -10.63 2.27 -2.89
CA GLY A 50 -10.84 2.00 -1.48
C GLY A 50 -9.75 1.08 -0.98
N ALA A 51 -9.68 -0.12 -1.56
CA ALA A 51 -8.59 -1.06 -1.30
C ALA A 51 -7.26 -0.34 -1.43
N LEU A 52 -7.10 0.38 -2.54
CA LEU A 52 -5.84 0.96 -2.92
C LEU A 52 -5.38 2.10 -2.01
N ALA A 53 -6.29 2.75 -1.29
CA ALA A 53 -5.98 3.71 -0.23
C ALA A 53 -5.65 2.97 1.06
N VAL A 54 -6.46 1.97 1.40
CA VAL A 54 -6.44 1.32 2.71
C VAL A 54 -5.15 0.53 2.87
N LEU A 55 -4.86 -0.27 1.86
CA LEU A 55 -3.69 -1.12 1.79
C LEU A 55 -2.43 -0.27 1.74
N GLN A 56 -2.50 0.94 1.19
CA GLN A 56 -1.39 1.90 1.18
C GLN A 56 -0.97 2.23 2.61
N GLN A 57 -1.92 2.69 3.41
CA GLN A 57 -1.67 3.00 4.82
C GLN A 57 -1.11 1.81 5.56
N PHE A 58 -1.61 0.61 5.27
CA PHE A 58 -1.18 -0.63 5.91
C PHE A 58 0.31 -0.94 5.68
N LYS A 59 0.89 -0.44 4.59
CA LYS A 59 2.32 -0.51 4.34
C LYS A 59 3.15 0.26 5.34
N ASP A 60 2.53 1.20 6.03
CA ASP A 60 3.20 2.25 6.77
C ASP A 60 2.64 2.42 8.18
N SER A 61 1.74 1.53 8.62
CA SER A 61 1.30 1.52 10.00
C SER A 61 2.48 1.15 10.92
N ASP A 62 2.36 1.48 12.19
CA ASP A 62 3.33 1.10 13.22
C ASP A 62 3.12 -0.37 13.58
N LEU A 63 3.75 -1.26 12.82
CA LEU A 63 3.61 -2.70 12.95
C LEU A 63 4.75 -3.28 13.79
N SER A 64 5.30 -2.51 14.74
CA SER A 64 6.43 -2.93 15.55
C SER A 64 6.10 -4.06 16.53
N HIS A 65 5.02 -3.94 17.33
CA HIS A 65 4.70 -4.85 18.44
C HIS A 65 3.28 -5.42 18.31
N VAL A 66 2.67 -5.25 17.14
CA VAL A 66 1.29 -5.60 16.81
C VAL A 66 1.00 -7.08 17.12
N GLN A 67 0.06 -7.33 18.05
CA GLN A 67 -0.36 -8.67 18.42
C GLN A 67 -1.03 -9.40 17.24
N ASN A 68 -1.80 -8.68 16.43
CA ASN A 68 -2.62 -9.22 15.36
C ASN A 68 -2.57 -8.22 14.21
N LYS A 69 -1.75 -8.48 13.19
CA LYS A 69 -1.59 -7.59 12.05
C LYS A 69 -2.95 -7.25 11.39
N SER A 70 -3.92 -8.15 11.40
CA SER A 70 -5.27 -7.86 10.93
C SER A 70 -5.90 -6.67 11.65
N ALA A 71 -5.68 -6.54 12.96
CA ALA A 71 -6.33 -5.54 13.79
C ALA A 71 -5.77 -4.13 13.52
N PHE A 72 -4.69 -3.98 12.76
CA PHE A 72 -4.31 -2.69 12.21
C PHE A 72 -5.12 -2.36 10.96
N LEU A 73 -5.25 -3.35 10.07
CA LEU A 73 -5.92 -3.17 8.79
C LEU A 73 -7.42 -2.95 8.99
N CYS A 74 -7.98 -3.53 10.06
CA CYS A 74 -9.37 -3.37 10.47
C CYS A 74 -9.67 -1.92 10.87
N GLY A 75 -8.65 -1.15 11.27
CA GLY A 75 -8.80 0.22 11.72
C GLY A 75 -8.98 1.11 10.50
N VAL A 76 -7.94 1.15 9.64
CA VAL A 76 -7.93 1.99 8.46
C VAL A 76 -9.21 1.77 7.63
N MET A 77 -9.63 0.52 7.37
CA MET A 77 -10.78 0.29 6.48
C MET A 77 -12.11 0.81 7.06
N LYS A 78 -12.21 1.09 8.36
CA LYS A 78 -13.39 1.74 8.92
C LYS A 78 -13.22 3.25 8.79
N THR A 79 -12.10 3.78 9.26
CA THR A 79 -11.77 5.20 9.33
C THR A 79 -11.86 5.84 7.96
N TYR A 80 -11.09 5.37 6.98
CA TYR A 80 -10.88 6.08 5.72
C TYR A 80 -12.19 6.44 5.01
N ARG A 81 -13.23 5.61 5.14
CA ARG A 81 -14.53 5.80 4.52
C ARG A 81 -15.22 7.09 4.99
N GLN A 82 -14.77 7.68 6.11
CA GLN A 82 -15.21 8.98 6.59
C GLN A 82 -15.11 10.05 5.50
N ARG A 83 -14.08 9.99 4.66
CA ARG A 83 -13.91 10.96 3.57
C ARG A 83 -15.06 10.86 2.55
N GLU A 84 -15.76 9.73 2.47
CA GLU A 84 -16.94 9.55 1.63
C GLU A 84 -18.21 9.93 2.41
N LYS A 85 -18.32 9.45 3.66
CA LYS A 85 -19.48 9.61 4.52
C LYS A 85 -19.44 10.99 5.15
N GLN A 86 -20.04 11.96 4.48
CA GLN A 86 -20.27 13.31 4.97
C GLN A 86 -20.93 13.20 6.35
N GLY A 87 -20.24 13.66 7.39
CA GLY A 87 -20.53 13.32 8.78
C GLY A 87 -19.22 13.15 9.56
N THR A 88 -18.18 13.88 9.18
CA THR A 88 -16.87 13.99 9.80
C THR A 88 -16.29 15.30 9.26
N LYS A 89 -15.32 15.88 9.95
CA LYS A 89 -14.65 17.10 9.54
C LYS A 89 -13.16 16.88 9.48
N VAL A 90 -12.42 17.87 8.99
CA VAL A 90 -10.99 17.88 8.83
C VAL A 90 -10.49 19.16 9.48
N ALA A 91 -10.15 19.07 10.76
CA ALA A 91 -9.54 20.13 11.54
C ALA A 91 -8.57 19.50 12.54
N ASP A 92 -7.70 18.58 12.11
CA ASP A 92 -6.68 18.00 12.99
C ASP A 92 -5.33 17.77 12.30
N SER A 93 -4.27 17.65 13.08
CA SER A 93 -2.86 17.71 12.73
C SER A 93 -2.46 16.50 11.89
N SER A 94 -2.55 16.62 10.55
CA SER A 94 -2.32 15.58 9.56
C SER A 94 -2.20 16.23 8.18
N LYS A 95 -0.97 16.30 7.66
CA LYS A 95 -0.66 16.50 6.24
C LYS A 95 0.10 15.27 5.75
N GLY A 96 0.08 15.00 4.44
CA GLY A 96 0.86 13.94 3.81
C GLY A 96 1.66 14.50 2.64
N PRO A 97 2.76 15.24 2.88
CA PRO A 97 3.66 15.62 1.81
C PRO A 97 4.45 14.40 1.34
N ASP A 98 4.52 14.20 0.03
CA ASP A 98 5.67 13.52 -0.54
C ASP A 98 5.98 14.22 -1.86
N GLU A 99 7.24 14.58 -2.09
CA GLU A 99 7.70 15.45 -3.16
C GLU A 99 9.09 14.94 -3.60
N ALA A 100 9.51 15.17 -4.86
CA ALA A 100 10.62 14.44 -5.47
C ALA A 100 11.68 15.38 -6.04
N LYS A 101 12.70 15.68 -5.23
CA LYS A 101 13.91 16.36 -5.69
C LYS A 101 14.74 15.37 -6.51
N ILE A 102 14.40 15.14 -7.78
CA ILE A 102 15.27 14.38 -8.69
C ILE A 102 16.55 15.19 -8.93
N LYS A 103 16.46 16.53 -8.94
CA LYS A 103 17.58 17.45 -9.06
C LYS A 103 18.65 17.26 -8.00
N ALA A 104 18.30 16.72 -6.83
CA ALA A 104 19.23 16.50 -5.73
C ALA A 104 20.07 15.24 -5.97
N LEU A 105 20.65 15.11 -7.16
CA LEU A 105 21.38 13.95 -7.64
C LEU A 105 22.72 14.46 -8.21
N LEU A 106 23.64 13.57 -8.56
CA LEU A 106 25.02 13.93 -8.89
C LEU A 106 25.43 13.17 -10.16
N GLU A 107 24.82 13.56 -11.28
CA GLU A 107 25.27 13.22 -12.62
C GLU A 107 26.66 13.82 -12.86
N ARG A 108 27.46 13.27 -13.78
CA ARG A 108 28.69 13.88 -14.29
C ARG A 108 28.98 13.22 -15.64
N THR A 109 30.19 13.40 -16.14
CA THR A 109 30.67 12.93 -17.41
C THR A 109 32.11 12.50 -17.14
N GLY A 110 32.53 11.46 -17.86
CA GLY A 110 33.93 11.09 -17.99
C GLY A 110 34.38 11.49 -19.38
N TYR A 111 34.37 10.56 -20.32
CA TYR A 111 34.52 10.81 -21.74
C TYR A 111 33.64 9.80 -22.47
N THR A 112 33.24 10.09 -23.71
CA THR A 112 32.58 9.13 -24.58
C THR A 112 32.71 9.63 -26.03
N LEU A 113 32.68 8.69 -26.97
CA LEU A 113 32.19 8.76 -28.33
C LEU A 113 31.95 7.32 -28.75
N ASP A 114 31.84 7.06 -30.06
CA ASP A 114 31.49 5.80 -30.72
C ASP A 114 32.45 4.62 -30.44
N VAL A 115 33.45 4.76 -29.56
CA VAL A 115 34.45 3.74 -29.29
C VAL A 115 34.90 3.81 -27.81
N THR A 116 35.62 2.78 -27.36
CA THR A 116 36.29 2.67 -26.07
C THR A 116 37.30 3.82 -25.94
N THR A 117 36.81 4.94 -25.44
CA THR A 117 37.58 6.15 -25.15
C THR A 117 37.94 6.14 -23.65
N GLY A 118 38.27 4.94 -23.16
CA GLY A 118 38.20 4.47 -21.79
C GLY A 118 37.78 3.01 -21.87
N GLY A 1 -3.88 -22.36 2.86
CA GLY A 1 -3.66 -20.90 2.85
C GLY A 1 -4.37 -20.28 1.67
N SER A 2 -3.63 -19.83 0.64
CA SER A 2 -4.05 -19.36 -0.69
C SER A 2 -2.80 -18.85 -1.43
N GLU A 3 -2.91 -18.54 -2.73
CA GLU A 3 -1.79 -18.01 -3.54
C GLU A 3 -1.23 -16.75 -2.86
N ASN A 4 -2.13 -15.84 -2.52
CA ASN A 4 -1.96 -14.52 -1.93
C ASN A 4 -1.43 -14.56 -0.50
N PHE A 5 -1.24 -15.72 0.10
CA PHE A 5 -0.64 -15.83 1.42
C PHE A 5 0.84 -15.42 1.34
N GLN A 6 1.59 -16.09 0.47
CA GLN A 6 3.05 -16.06 0.44
C GLN A 6 3.61 -14.74 -0.10
N THR A 7 2.85 -14.02 -0.94
CA THR A 7 3.33 -12.76 -1.49
C THR A 7 3.44 -11.72 -0.36
N LEU A 8 2.55 -11.74 0.62
CA LEU A 8 2.52 -10.77 1.73
C LEU A 8 3.78 -10.89 2.57
N LEU A 9 4.18 -12.14 2.81
CA LEU A 9 5.41 -12.52 3.50
C LEU A 9 6.66 -11.99 2.80
N ASP A 10 6.57 -11.67 1.50
CA ASP A 10 7.68 -11.08 0.74
C ASP A 10 7.51 -9.61 0.41
N ALA A 11 6.28 -9.09 0.48
CA ALA A 11 5.96 -7.71 0.21
C ALA A 11 6.39 -6.80 1.37
N GLY A 12 6.55 -7.36 2.57
CA GLY A 12 7.03 -6.63 3.74
C GLY A 12 6.34 -7.08 5.02
N LEU A 13 5.27 -7.87 4.94
CA LEU A 13 4.44 -8.17 6.09
C LEU A 13 4.95 -9.45 6.76
N PRO A 14 4.72 -9.65 8.06
CA PRO A 14 5.08 -10.88 8.76
C PRO A 14 4.10 -12.00 8.46
N GLN A 15 4.50 -13.21 8.86
CA GLN A 15 3.72 -14.42 8.88
C GLN A 15 2.32 -14.16 9.44
N LYS A 16 2.25 -13.73 10.70
CA LYS A 16 1.02 -13.45 11.42
C LYS A 16 0.06 -12.54 10.65
N VAL A 17 0.57 -11.46 10.06
CA VAL A 17 -0.25 -10.52 9.31
C VAL A 17 -0.75 -11.15 8.00
N ALA A 18 0.04 -12.03 7.37
CA ALA A 18 -0.42 -12.72 6.17
C ALA A 18 -1.52 -13.72 6.53
N GLU A 19 -1.40 -14.42 7.67
CA GLU A 19 -2.44 -15.33 8.17
C GLU A 19 -3.70 -14.55 8.53
N LYS A 20 -3.56 -13.33 9.05
CA LYS A 20 -4.73 -12.51 9.37
C LYS A 20 -5.30 -11.83 8.11
N LEU A 21 -4.95 -12.31 6.91
CA LEU A 21 -5.47 -11.86 5.62
C LEU A 21 -5.86 -13.02 4.71
N ASP A 22 -5.13 -14.15 4.72
CA ASP A 22 -5.39 -15.23 3.76
C ASP A 22 -6.83 -15.72 3.79
N GLU A 23 -7.43 -15.90 4.96
CA GLU A 23 -8.76 -16.50 5.10
C GLU A 23 -9.80 -15.63 4.39
N ILE A 24 -9.51 -14.33 4.32
CA ILE A 24 -10.44 -13.34 3.84
C ILE A 24 -10.70 -13.67 2.35
N TYR A 25 -9.62 -14.04 1.65
CA TYR A 25 -9.65 -14.48 0.26
C TYR A 25 -10.29 -15.86 0.06
N VAL A 26 -10.68 -16.57 1.12
CA VAL A 26 -11.22 -17.93 1.03
C VAL A 26 -12.72 -17.95 1.38
N ALA A 27 -13.24 -16.91 2.04
CA ALA A 27 -14.67 -16.76 2.31
C ALA A 27 -15.32 -15.72 1.37
N GLY A 28 -14.63 -15.29 0.32
CA GLY A 28 -15.22 -14.51 -0.75
C GLY A 28 -15.49 -13.06 -0.40
N LEU A 29 -14.94 -12.54 0.72
CA LEU A 29 -15.11 -11.18 1.21
C LEU A 29 -14.55 -10.17 0.21
N VAL A 30 -13.70 -10.65 -0.70
CA VAL A 30 -12.85 -9.83 -1.54
C VAL A 30 -12.81 -10.40 -2.97
N ALA A 31 -12.29 -9.59 -3.87
CA ALA A 31 -12.11 -9.87 -5.29
C ALA A 31 -10.67 -9.66 -5.71
N HIS A 32 -9.72 -10.34 -5.08
CA HIS A 32 -8.28 -10.23 -5.34
C HIS A 32 -7.78 -8.77 -5.40
N SER A 33 -7.86 -8.12 -6.57
CA SER A 33 -7.71 -6.69 -6.76
C SER A 33 -9.01 -5.99 -6.39
N ASP A 34 -9.30 -5.98 -5.09
CA ASP A 34 -10.34 -5.21 -4.40
C ASP A 34 -9.72 -4.03 -3.61
N LEU A 35 -8.42 -3.80 -3.80
CA LEU A 35 -7.55 -3.00 -2.94
C LEU A 35 -6.82 -1.95 -3.75
N ASP A 36 -7.16 -0.68 -3.54
CA ASP A 36 -6.55 0.44 -4.27
C ASP A 36 -5.12 0.69 -3.77
N GLU A 37 -4.28 1.36 -4.58
CA GLU A 37 -2.85 1.57 -4.28
C GLU A 37 -2.70 2.30 -2.95
N ARG A 38 -3.59 3.26 -2.68
CA ARG A 38 -3.53 4.06 -1.46
C ARG A 38 -3.61 3.16 -0.23
N ALA A 39 -4.54 2.21 -0.21
CA ALA A 39 -4.78 1.36 0.94
C ALA A 39 -3.77 0.21 0.95
N ILE A 40 -3.27 -0.25 -0.21
CA ILE A 40 -2.14 -1.18 -0.33
C ILE A 40 -0.90 -0.59 0.35
N GLU A 41 -0.62 0.69 0.14
CA GLU A 41 0.55 1.37 0.70
C GLU A 41 0.47 1.45 2.22
N ALA A 42 -0.69 1.87 2.74
CA ALA A 42 -0.89 1.94 4.17
C ALA A 42 -0.85 0.53 4.80
N LEU A 43 -1.37 -0.49 4.10
CA LEU A 43 -1.23 -1.91 4.44
C LEU A 43 0.21 -2.43 4.24
N LYS A 44 1.23 -1.57 4.27
CA LYS A 44 2.65 -1.91 4.23
C LYS A 44 3.50 -1.06 5.19
N GLU A 45 2.90 -0.20 6.02
CA GLU A 45 3.65 0.63 6.95
C GLU A 45 3.05 0.63 8.36
N PHE A 46 2.16 -0.31 8.69
CA PHE A 46 1.65 -0.52 10.04
C PHE A 46 2.73 -1.12 10.96
N ASN A 47 2.44 -1.11 12.26
CA ASN A 47 3.11 -1.86 13.32
C ASN A 47 2.56 -3.28 13.40
N GLU A 48 3.22 -4.11 14.20
CA GLU A 48 2.88 -5.48 14.56
C GLU A 48 1.41 -5.65 14.91
N ASP A 49 0.88 -4.87 15.85
CA ASP A 49 -0.52 -5.00 16.26
C ASP A 49 -1.47 -4.43 15.20
N GLY A 50 -0.97 -3.54 14.34
CA GLY A 50 -1.78 -2.63 13.55
C GLY A 50 -2.69 -3.35 12.57
N ALA A 51 -2.10 -4.12 11.65
CA ALA A 51 -2.88 -4.90 10.70
C ALA A 51 -3.72 -5.91 11.48
N LEU A 52 -3.13 -6.60 12.45
CA LEU A 52 -3.82 -7.65 13.21
C LEU A 52 -5.08 -7.15 13.93
N ALA A 53 -5.15 -5.86 14.25
CA ALA A 53 -6.26 -5.20 14.92
C ALA A 53 -7.31 -4.71 13.92
N VAL A 54 -6.87 -4.32 12.73
CA VAL A 54 -7.70 -3.78 11.66
C VAL A 54 -8.39 -4.93 10.96
N LEU A 55 -7.60 -5.85 10.42
CA LEU A 55 -8.04 -6.96 9.62
C LEU A 55 -9.03 -7.84 10.38
N GLN A 56 -8.96 -7.87 11.71
CA GLN A 56 -9.88 -8.61 12.56
C GLN A 56 -11.32 -8.28 12.22
N GLN A 57 -11.65 -7.01 12.39
CA GLN A 57 -12.95 -6.44 12.08
C GLN A 57 -13.29 -6.63 10.60
N PHE A 58 -12.31 -6.48 9.69
CA PHE A 58 -12.52 -6.64 8.25
C PHE A 58 -13.01 -8.04 7.87
N LYS A 59 -12.63 -9.08 8.62
CA LYS A 59 -13.15 -10.45 8.44
C LYS A 59 -14.65 -10.56 8.72
N ASP A 60 -15.24 -9.53 9.29
CA ASP A 60 -16.58 -9.56 9.87
C ASP A 60 -17.43 -8.37 9.44
N SER A 61 -17.05 -7.67 8.37
CA SER A 61 -17.89 -6.64 7.74
C SER A 61 -18.78 -7.28 6.68
N ASP A 62 -19.92 -6.65 6.42
CA ASP A 62 -20.74 -6.99 5.26
C ASP A 62 -20.01 -6.49 4.03
N LEU A 63 -19.44 -7.43 3.28
CA LEU A 63 -18.75 -7.13 2.04
C LEU A 63 -19.50 -7.80 0.89
N SER A 64 -20.83 -7.84 0.98
CA SER A 64 -21.69 -8.46 -0.01
C SER A 64 -22.10 -7.47 -1.11
N HIS A 65 -22.29 -6.18 -0.78
CA HIS A 65 -22.86 -5.17 -1.66
C HIS A 65 -21.98 -3.92 -1.63
N VAL A 66 -20.71 -4.07 -1.95
CA VAL A 66 -19.69 -3.04 -1.82
C VAL A 66 -18.86 -2.95 -3.11
N GLN A 67 -18.97 -1.79 -3.78
CA GLN A 67 -18.26 -1.50 -5.02
C GLN A 67 -16.73 -1.57 -4.89
N ASN A 68 -16.19 -1.31 -3.69
CA ASN A 68 -14.77 -1.12 -3.40
C ASN A 68 -14.50 -1.59 -1.97
N LYS A 69 -13.79 -2.70 -1.79
CA LYS A 69 -13.47 -3.25 -0.47
C LYS A 69 -12.53 -2.33 0.31
N SER A 70 -11.52 -1.71 -0.31
CA SER A 70 -10.55 -0.95 0.47
C SER A 70 -11.12 0.31 1.06
N ALA A 71 -12.17 0.87 0.45
CA ALA A 71 -12.94 1.93 1.08
C ALA A 71 -13.35 1.57 2.52
N PHE A 72 -13.76 0.32 2.76
CA PHE A 72 -14.10 -0.17 4.08
C PHE A 72 -12.83 -0.31 4.92
N LEU A 73 -11.72 -0.81 4.35
CA LEU A 73 -10.49 -1.08 5.08
C LEU A 73 -9.94 0.26 5.59
N CYS A 74 -9.90 1.26 4.72
CA CYS A 74 -9.37 2.58 4.96
C CYS A 74 -9.99 3.17 6.23
N GLY A 75 -11.30 3.02 6.37
CA GLY A 75 -12.05 3.43 7.54
C GLY A 75 -11.52 2.76 8.80
N VAL A 76 -11.43 1.43 8.81
CA VAL A 76 -10.96 0.68 9.97
C VAL A 76 -9.53 1.09 10.31
N MET A 77 -8.61 1.14 9.33
CA MET A 77 -7.22 1.50 9.60
C MET A 77 -7.03 2.95 10.08
N LYS A 78 -8.02 3.84 9.97
CA LYS A 78 -7.92 5.19 10.54
C LYS A 78 -8.77 5.33 11.80
N THR A 79 -9.75 4.47 12.01
CA THR A 79 -10.46 4.34 13.28
C THR A 79 -9.50 3.81 14.34
N TYR A 80 -8.90 2.63 14.16
CA TYR A 80 -8.25 1.93 15.27
C TYR A 80 -7.14 2.77 15.91
N ARG A 81 -6.43 3.58 15.10
CA ARG A 81 -5.37 4.51 15.52
C ARG A 81 -5.81 5.50 16.59
N GLN A 82 -7.12 5.66 16.82
CA GLN A 82 -7.67 6.37 17.96
C GLN A 82 -6.99 5.91 19.26
N ARG A 83 -6.71 4.60 19.41
CA ARG A 83 -6.07 4.04 20.58
C ARG A 83 -4.62 4.51 20.67
N GLU A 84 -3.82 4.29 19.63
CA GLU A 84 -2.42 4.72 19.58
C GLU A 84 -2.24 6.23 19.78
N LYS A 85 -3.24 7.02 19.34
CA LYS A 85 -3.27 8.48 19.24
C LYS A 85 -2.41 9.01 18.09
N GLN A 86 -1.51 8.21 17.51
CA GLN A 86 -0.59 8.60 16.44
C GLN A 86 -0.97 7.92 15.14
N GLY A 87 -0.51 8.51 14.03
CA GLY A 87 -0.73 8.01 12.69
C GLY A 87 -1.41 9.10 11.86
N THR A 88 -0.95 10.34 12.01
CA THR A 88 -1.27 11.48 11.17
C THR A 88 0.04 12.24 10.99
N LYS A 89 0.36 12.70 9.77
CA LYS A 89 1.53 13.53 9.48
C LYS A 89 1.45 14.03 8.04
N VAL A 90 2.36 14.93 7.66
CA VAL A 90 2.41 15.58 6.36
C VAL A 90 3.51 14.89 5.57
N ALA A 91 3.20 13.67 5.13
CA ALA A 91 4.12 12.77 4.45
C ALA A 91 3.34 11.77 3.61
N ASP A 92 2.97 12.13 2.39
CA ASP A 92 2.42 11.22 1.38
C ASP A 92 3.02 11.60 0.03
N SER A 93 3.20 10.64 -0.88
CA SER A 93 3.70 10.80 -2.24
C SER A 93 3.66 9.44 -2.96
N SER A 94 3.46 9.49 -4.27
CA SER A 94 4.06 8.67 -5.32
C SER A 94 3.42 9.00 -6.67
N LYS A 95 4.20 9.61 -7.57
CA LYS A 95 3.83 9.94 -8.95
C LYS A 95 5.12 10.24 -9.73
N GLY A 96 5.00 10.76 -10.95
CA GLY A 96 6.12 11.16 -11.80
C GLY A 96 7.03 9.97 -12.14
N PRO A 97 6.61 9.06 -13.03
CA PRO A 97 7.44 7.94 -13.46
C PRO A 97 8.56 8.39 -14.40
N ASP A 98 9.54 7.50 -14.62
CA ASP A 98 10.54 7.60 -15.69
C ASP A 98 11.42 6.35 -15.65
N GLU A 99 11.42 5.54 -16.71
CA GLU A 99 12.06 4.24 -16.74
C GLU A 99 12.79 3.87 -18.04
N ALA A 100 13.41 4.86 -18.67
CA ALA A 100 14.26 4.69 -19.84
C ALA A 100 15.67 5.18 -19.50
N LYS A 101 16.60 4.25 -19.38
CA LYS A 101 18.02 4.51 -19.19
C LYS A 101 18.60 5.18 -20.42
N ILE A 102 18.42 6.50 -20.52
CA ILE A 102 18.88 7.30 -21.65
C ILE A 102 19.24 8.73 -21.21
N LYS A 103 18.53 9.24 -20.20
CA LYS A 103 18.75 10.55 -19.59
C LYS A 103 20.21 10.74 -19.21
N ALA A 104 20.82 9.69 -18.66
CA ALA A 104 22.22 9.56 -18.26
C ALA A 104 23.19 9.51 -19.45
N LEU A 105 22.92 10.25 -20.52
CA LEU A 105 23.78 10.39 -21.70
C LEU A 105 23.68 11.85 -22.14
N LEU A 106 24.18 12.75 -21.29
CA LEU A 106 24.25 14.18 -21.49
C LEU A 106 25.71 14.60 -21.56
N GLU A 107 25.95 15.82 -22.03
CA GLU A 107 27.27 16.41 -22.22
C GLU A 107 27.17 17.87 -21.77
N ARG A 108 28.29 18.61 -21.79
CA ARG A 108 28.36 19.99 -21.31
C ARG A 108 29.54 20.75 -21.95
N THR A 109 30.03 20.34 -23.11
CA THR A 109 31.38 20.65 -23.55
C THR A 109 31.36 20.89 -25.05
N GLY A 110 30.82 22.06 -25.39
CA GLY A 110 30.68 22.55 -26.75
C GLY A 110 30.62 24.07 -26.70
N TYR A 111 29.72 24.67 -27.46
CA TYR A 111 29.41 26.09 -27.33
C TYR A 111 28.78 26.38 -25.96
N THR A 112 28.58 27.66 -25.67
CA THR A 112 27.66 28.17 -24.68
C THR A 112 27.25 29.55 -25.18
N LEU A 113 26.22 29.57 -26.01
CA LEU A 113 25.44 30.74 -26.39
C LEU A 113 24.08 30.18 -26.78
N ASP A 114 23.11 31.05 -27.00
CA ASP A 114 21.86 30.73 -27.68
C ASP A 114 22.10 30.69 -29.19
N VAL A 115 22.56 31.79 -29.79
CA VAL A 115 22.39 32.08 -31.21
C VAL A 115 23.51 31.50 -32.11
N THR A 116 24.37 30.63 -31.59
CA THR A 116 25.51 30.08 -32.33
C THR A 116 25.70 28.57 -32.16
N THR A 117 24.76 27.85 -31.53
CA THR A 117 24.94 26.45 -31.17
C THR A 117 23.91 25.53 -31.87
N GLY A 118 23.22 26.01 -32.91
CA GLY A 118 22.31 25.26 -33.74
C GLY A 118 22.31 25.90 -35.12
N GLY A 1 -7.91 -26.07 6.91
CA GLY A 1 -7.38 -24.73 7.14
C GLY A 1 -6.57 -24.20 5.97
N SER A 2 -6.09 -22.98 6.14
CA SER A 2 -5.72 -22.02 5.11
C SER A 2 -4.21 -21.80 5.12
N GLU A 3 -3.69 -21.11 4.12
CA GLU A 3 -2.27 -20.82 3.99
C GLU A 3 -1.93 -19.37 4.40
N ASN A 4 -2.95 -18.53 4.60
CA ASN A 4 -2.78 -17.11 4.91
C ASN A 4 -3.26 -16.76 6.33
N PHE A 5 -3.75 -17.71 7.12
CA PHE A 5 -4.05 -17.44 8.53
C PHE A 5 -2.73 -17.16 9.25
N GLN A 6 -1.81 -18.12 9.20
CA GLN A 6 -0.54 -18.06 9.89
C GLN A 6 0.31 -16.89 9.40
N THR A 7 0.24 -16.53 8.12
CA THR A 7 1.17 -15.54 7.57
C THR A 7 0.89 -14.15 8.18
N LEU A 8 -0.34 -13.92 8.65
CA LEU A 8 -0.76 -12.70 9.32
C LEU A 8 -0.23 -12.71 10.75
N LEU A 9 -0.46 -13.79 11.50
CA LEU A 9 0.13 -13.98 12.82
C LEU A 9 1.64 -13.72 12.75
N ASP A 10 2.33 -14.32 11.77
CA ASP A 10 3.78 -14.31 11.67
C ASP A 10 4.35 -12.94 11.37
N ALA A 11 3.60 -12.14 10.63
CA ALA A 11 3.91 -10.77 10.30
C ALA A 11 3.70 -9.82 11.48
N GLY A 12 3.12 -10.28 12.59
CA GLY A 12 2.96 -9.46 13.80
C GLY A 12 1.52 -9.38 14.27
N LEU A 13 0.57 -9.80 13.45
CA LEU A 13 -0.79 -9.28 13.53
C LEU A 13 -1.59 -10.16 14.50
N PRO A 14 -2.50 -9.59 15.30
CA PRO A 14 -3.21 -10.29 16.38
C PRO A 14 -4.19 -11.29 15.80
N GLN A 15 -4.38 -12.42 16.47
CA GLN A 15 -5.22 -13.51 15.98
C GLN A 15 -6.62 -13.04 15.60
N LYS A 16 -7.24 -12.17 16.41
CA LYS A 16 -8.57 -11.64 16.13
C LYS A 16 -8.63 -11.02 14.73
N VAL A 17 -7.58 -10.31 14.29
CA VAL A 17 -7.55 -9.74 12.96
C VAL A 17 -7.47 -10.86 11.91
N ALA A 18 -6.56 -11.84 12.03
CA ALA A 18 -6.42 -12.92 11.06
C ALA A 18 -7.69 -13.73 10.91
N GLU A 19 -8.35 -14.04 12.03
CA GLU A 19 -9.62 -14.76 12.09
C GLU A 19 -10.65 -14.07 11.20
N LYS A 20 -10.75 -12.74 11.34
CA LYS A 20 -11.69 -11.89 10.61
C LYS A 20 -11.19 -11.55 9.21
N LEU A 21 -10.06 -12.10 8.77
CA LEU A 21 -9.61 -12.09 7.37
C LEU A 21 -9.84 -13.45 6.71
N ASP A 22 -9.64 -14.54 7.44
CA ASP A 22 -9.63 -15.93 6.96
C ASP A 22 -10.81 -16.26 6.03
N GLU A 23 -12.01 -15.88 6.43
CA GLU A 23 -13.24 -16.17 5.72
C GLU A 23 -13.27 -15.55 4.31
N ILE A 24 -12.58 -14.43 4.09
CA ILE A 24 -12.49 -13.77 2.79
C ILE A 24 -11.74 -14.72 1.83
N TYR A 25 -10.66 -15.31 2.32
CA TYR A 25 -9.83 -16.26 1.59
C TYR A 25 -10.49 -17.63 1.44
N VAL A 26 -11.67 -17.85 1.99
CA VAL A 26 -12.36 -19.14 1.86
C VAL A 26 -13.62 -18.98 1.01
N ALA A 27 -14.35 -17.87 1.16
CA ALA A 27 -15.62 -17.66 0.47
C ALA A 27 -15.44 -17.56 -1.05
N GLY A 28 -14.23 -17.25 -1.51
CA GLY A 28 -13.95 -16.96 -2.91
C GLY A 28 -13.97 -15.46 -3.20
N LEU A 29 -14.01 -14.62 -2.16
CA LEU A 29 -14.06 -13.17 -2.29
C LEU A 29 -12.72 -12.63 -2.80
N VAL A 30 -11.65 -13.42 -2.76
CA VAL A 30 -10.37 -13.04 -3.34
C VAL A 30 -9.77 -14.17 -4.17
N ALA A 31 -8.76 -13.82 -4.96
CA ALA A 31 -7.91 -14.70 -5.73
C ALA A 31 -6.55 -15.00 -5.07
N HIS A 32 -6.50 -15.05 -3.73
CA HIS A 32 -5.27 -15.11 -2.93
C HIS A 32 -4.40 -13.89 -3.17
N SER A 33 -3.60 -13.84 -4.24
CA SER A 33 -2.71 -12.71 -4.53
C SER A 33 -3.47 -11.51 -5.11
N ASP A 34 -4.71 -11.32 -4.70
CA ASP A 34 -5.64 -10.27 -5.13
C ASP A 34 -5.37 -8.96 -4.37
N LEU A 35 -4.15 -8.79 -3.87
CA LEU A 35 -3.66 -7.67 -3.09
C LEU A 35 -2.32 -7.20 -3.67
N ASP A 36 -1.67 -6.26 -3.00
CA ASP A 36 -0.31 -5.82 -3.24
C ASP A 36 0.40 -5.73 -1.91
N GLU A 37 1.73 -5.64 -1.94
CA GLU A 37 2.61 -5.39 -0.79
C GLU A 37 2.15 -4.16 -0.02
N ARG A 38 1.64 -3.18 -0.78
CA ARG A 38 1.09 -1.93 -0.32
C ARG A 38 -0.10 -2.12 0.61
N ALA A 39 -0.94 -3.14 0.37
CA ALA A 39 -2.04 -3.43 1.29
C ALA A 39 -1.42 -3.97 2.58
N ILE A 40 -0.44 -4.87 2.47
CA ILE A 40 0.13 -5.59 3.61
C ILE A 40 0.83 -4.63 4.59
N GLU A 41 1.65 -3.69 4.10
CA GLU A 41 2.33 -2.69 4.94
C GLU A 41 1.32 -1.93 5.77
N ALA A 42 0.29 -1.38 5.10
CA ALA A 42 -0.73 -0.58 5.75
C ALA A 42 -1.42 -1.42 6.81
N LEU A 43 -1.80 -2.65 6.46
CA LEU A 43 -2.43 -3.65 7.31
C LEU A 43 -1.42 -4.25 8.31
N LYS A 44 -0.53 -3.45 8.88
CA LYS A 44 0.31 -3.80 10.02
C LYS A 44 0.25 -2.73 11.12
N GLU A 45 0.07 -1.46 10.76
CA GLU A 45 -0.01 -0.35 11.71
C GLU A 45 -1.46 -0.13 12.18
N PHE A 46 -2.01 -1.00 13.04
CA PHE A 46 -3.36 -0.79 13.60
C PHE A 46 -3.44 -1.19 15.08
N ASN A 47 -4.51 -0.76 15.73
CA ASN A 47 -5.00 -1.24 17.02
C ASN A 47 -5.92 -2.45 16.86
N GLU A 48 -6.36 -3.01 18.00
CA GLU A 48 -7.25 -4.14 18.14
C GLU A 48 -8.45 -4.05 17.21
N ASP A 49 -9.20 -2.97 17.31
CA ASP A 49 -10.50 -2.86 16.68
C ASP A 49 -10.37 -2.28 15.27
N GLY A 50 -9.14 -1.93 14.87
CA GLY A 50 -8.88 -1.09 13.72
C GLY A 50 -9.00 -1.90 12.44
N ALA A 51 -8.10 -2.86 12.22
CA ALA A 51 -8.19 -3.68 11.03
C ALA A 51 -9.48 -4.54 11.03
N LEU A 52 -10.09 -4.78 12.18
CA LEU A 52 -11.42 -5.40 12.25
C LEU A 52 -12.47 -4.50 11.58
N ALA A 53 -12.37 -3.19 11.79
CA ALA A 53 -13.35 -2.20 11.32
C ALA A 53 -13.41 -2.17 9.80
N VAL A 54 -12.26 -2.35 9.18
CA VAL A 54 -12.03 -2.28 7.75
C VAL A 54 -12.39 -3.63 7.12
N LEU A 55 -11.92 -4.72 7.73
CA LEU A 55 -12.15 -6.05 7.22
C LEU A 55 -13.63 -6.38 7.22
N GLN A 56 -14.36 -5.90 8.22
CA GLN A 56 -15.79 -6.15 8.29
C GLN A 56 -16.47 -5.69 7.00
N GLN A 57 -16.30 -4.42 6.68
CA GLN A 57 -16.76 -3.82 5.43
C GLN A 57 -16.33 -4.64 4.22
N PHE A 58 -15.05 -5.04 4.13
CA PHE A 58 -14.55 -5.78 2.97
C PHE A 58 -15.38 -7.06 2.73
N LYS A 59 -15.69 -7.82 3.78
CA LYS A 59 -16.58 -8.99 3.65
C LYS A 59 -17.94 -8.55 3.11
N ASP A 60 -18.44 -7.43 3.63
CA ASP A 60 -19.80 -6.92 3.50
C ASP A 60 -19.85 -5.79 2.45
N SER A 61 -19.14 -6.00 1.34
CA SER A 61 -19.03 -5.08 0.20
C SER A 61 -19.53 -5.78 -1.06
N ASP A 62 -19.60 -5.04 -2.16
CA ASP A 62 -20.02 -5.50 -3.49
C ASP A 62 -18.77 -5.90 -4.28
N LEU A 63 -18.38 -7.19 -4.23
CA LEU A 63 -17.09 -7.65 -4.77
C LEU A 63 -17.20 -8.58 -5.99
N SER A 64 -18.36 -8.69 -6.63
CA SER A 64 -18.54 -9.65 -7.72
C SER A 64 -18.00 -9.16 -9.07
N HIS A 65 -17.86 -7.87 -9.33
CA HIS A 65 -17.50 -7.31 -10.64
C HIS A 65 -16.21 -6.46 -10.61
N VAL A 66 -15.56 -6.42 -9.46
CA VAL A 66 -14.35 -5.68 -9.22
C VAL A 66 -13.15 -6.44 -9.80
N GLN A 67 -12.60 -5.92 -10.90
CA GLN A 67 -11.36 -6.40 -11.49
C GLN A 67 -10.12 -6.19 -10.62
N ASN A 68 -10.18 -5.30 -9.63
CA ASN A 68 -9.06 -4.89 -8.78
C ASN A 68 -9.49 -4.94 -7.33
N LYS A 69 -9.36 -6.12 -6.73
CA LYS A 69 -9.72 -6.40 -5.34
C LYS A 69 -8.81 -5.61 -4.39
N SER A 70 -7.55 -5.33 -4.77
CA SER A 70 -6.65 -4.58 -3.90
C SER A 70 -7.14 -3.15 -3.71
N ALA A 71 -7.69 -2.53 -4.76
CA ALA A 71 -8.24 -1.18 -4.66
C ALA A 71 -9.30 -1.09 -3.56
N PHE A 72 -10.05 -2.17 -3.33
CA PHE A 72 -11.09 -2.18 -2.33
C PHE A 72 -10.49 -2.13 -0.93
N LEU A 73 -9.39 -2.85 -0.65
CA LEU A 73 -8.87 -2.91 0.70
C LEU A 73 -8.13 -1.61 1.01
N CYS A 74 -7.46 -1.02 0.01
CA CYS A 74 -6.88 0.30 0.09
C CYS A 74 -7.98 1.35 0.31
N GLY A 75 -9.11 1.21 -0.36
CA GLY A 75 -10.28 2.06 -0.22
C GLY A 75 -10.69 2.08 1.24
N VAL A 76 -11.13 0.93 1.78
CA VAL A 76 -11.68 0.97 3.14
C VAL A 76 -10.58 1.20 4.20
N MET A 77 -9.31 0.81 4.01
CA MET A 77 -8.31 1.04 5.05
C MET A 77 -8.08 2.53 5.26
N LYS A 78 -8.27 3.34 4.21
CA LYS A 78 -8.18 4.79 4.31
C LYS A 78 -9.42 5.38 4.98
N THR A 79 -10.50 4.60 5.11
CA THR A 79 -11.81 5.06 5.50
C THR A 79 -12.25 4.49 6.86
N TYR A 80 -11.87 3.29 7.37
CA TYR A 80 -12.40 2.93 8.67
C TYR A 80 -11.89 3.89 9.77
N ARG A 81 -10.72 4.50 9.52
CA ARG A 81 -10.03 5.56 10.28
C ARG A 81 -10.83 6.85 10.45
N GLN A 82 -12.15 6.83 10.25
CA GLN A 82 -13.08 7.91 10.47
C GLN A 82 -14.19 7.43 11.39
N ARG A 83 -14.81 6.28 11.09
CA ARG A 83 -15.89 5.71 11.88
C ARG A 83 -15.41 5.08 13.20
N GLU A 84 -14.09 5.02 13.44
CA GLU A 84 -13.57 4.83 14.79
C GLU A 84 -13.80 6.13 15.56
N LYS A 85 -12.92 7.13 15.44
CA LYS A 85 -13.17 8.49 15.85
C LYS A 85 -12.81 9.44 14.72
N GLN A 86 -13.38 10.63 14.79
CA GLN A 86 -12.97 11.79 14.03
C GLN A 86 -11.72 12.40 14.68
N GLY A 87 -10.61 11.68 14.64
CA GLY A 87 -9.32 12.08 15.19
C GLY A 87 -8.14 11.69 14.32
N THR A 88 -8.37 11.21 13.09
CA THR A 88 -7.39 10.48 12.29
C THR A 88 -7.55 10.86 10.81
N LYS A 89 -6.57 11.59 10.26
CA LYS A 89 -6.46 11.78 8.80
C LYS A 89 -5.58 10.67 8.21
N VAL A 90 -5.52 10.64 6.88
CA VAL A 90 -4.73 9.74 6.06
C VAL A 90 -4.12 10.66 5.00
N ALA A 91 -2.92 11.17 5.28
CA ALA A 91 -2.32 12.24 4.50
C ALA A 91 -0.81 12.16 4.62
N ASP A 92 -0.22 11.09 4.09
CA ASP A 92 1.11 10.65 4.52
C ASP A 92 1.88 10.15 3.31
N SER A 93 2.84 10.92 2.79
CA SER A 93 3.56 10.60 1.56
C SER A 93 4.89 11.35 1.43
N SER A 94 5.93 10.68 0.94
CA SER A 94 7.22 11.25 0.62
C SER A 94 7.95 10.27 -0.31
N LYS A 95 8.18 10.64 -1.56
CA LYS A 95 9.03 9.89 -2.48
C LYS A 95 9.74 10.84 -3.42
N GLY A 96 11.03 10.60 -3.63
CA GLY A 96 11.79 11.20 -4.72
C GLY A 96 13.27 10.87 -4.55
N PRO A 97 13.76 9.72 -5.02
CA PRO A 97 15.17 9.38 -4.99
C PRO A 97 15.96 10.15 -6.06
N ASP A 98 17.27 10.30 -5.86
CA ASP A 98 18.13 11.16 -6.66
C ASP A 98 19.45 10.44 -6.88
N GLU A 99 19.61 9.84 -8.06
CA GLU A 99 20.83 9.19 -8.49
C GLU A 99 21.15 9.66 -9.91
N ALA A 100 22.28 10.34 -10.07
CA ALA A 100 22.94 10.70 -11.32
C ALA A 100 24.39 11.09 -10.97
N LYS A 101 25.38 10.61 -11.71
CA LYS A 101 26.79 10.99 -11.55
C LYS A 101 27.22 11.76 -12.79
N ILE A 102 27.82 12.93 -12.60
CA ILE A 102 28.25 13.82 -13.69
C ILE A 102 29.73 14.17 -13.46
N LYS A 103 30.04 15.03 -12.48
CA LYS A 103 31.31 15.70 -12.23
C LYS A 103 31.81 16.59 -13.36
N ALA A 104 31.74 16.16 -14.62
CA ALA A 104 32.41 16.81 -15.73
C ALA A 104 31.51 16.78 -16.96
N LEU A 105 30.84 17.89 -17.26
CA LEU A 105 29.94 18.05 -18.40
C LEU A 105 29.77 19.57 -18.61
N LEU A 106 30.39 20.16 -19.63
CA LEU A 106 30.31 21.60 -19.93
C LEU A 106 30.74 21.88 -21.38
N GLU A 107 29.84 21.58 -22.30
CA GLU A 107 29.98 21.90 -23.72
C GLU A 107 29.73 23.39 -23.93
N ARG A 108 30.51 24.03 -24.83
CA ARG A 108 30.21 25.36 -25.35
C ARG A 108 31.06 25.58 -26.61
N THR A 109 31.10 26.83 -27.05
CA THR A 109 31.73 27.39 -28.21
C THR A 109 31.99 28.85 -27.82
N GLY A 110 33.06 29.44 -28.33
CA GLY A 110 33.35 30.85 -28.16
C GLY A 110 33.79 31.46 -29.49
N TYR A 111 35.04 31.23 -29.86
CA TYR A 111 35.62 31.61 -31.13
C TYR A 111 36.58 30.48 -31.54
N THR A 112 36.90 30.41 -32.83
CA THR A 112 37.88 29.57 -33.48
C THR A 112 37.81 29.95 -34.96
N LEU A 113 38.92 29.76 -35.69
CA LEU A 113 39.04 29.70 -37.14
C LEU A 113 40.51 29.42 -37.42
N ASP A 114 40.81 29.01 -38.64
CA ASP A 114 42.17 28.80 -39.13
C ASP A 114 42.86 30.13 -39.43
N VAL A 115 42.11 31.17 -39.80
CA VAL A 115 42.63 32.41 -40.35
C VAL A 115 42.28 33.63 -39.48
N THR A 116 41.58 33.43 -38.35
CA THR A 116 40.91 34.53 -37.65
C THR A 116 41.04 34.48 -36.13
N THR A 117 42.01 33.74 -35.58
CA THR A 117 42.32 33.79 -34.16
C THR A 117 43.84 33.78 -33.96
N GLY A 118 44.27 34.09 -32.73
CA GLY A 118 45.42 33.47 -32.10
C GLY A 118 44.92 32.87 -30.80
N GLY A 1 3.18 -9.75 -13.06
CA GLY A 1 2.65 -10.77 -12.13
C GLY A 1 3.53 -10.82 -10.90
N SER A 2 2.98 -11.21 -9.74
CA SER A 2 3.70 -11.20 -8.48
C SER A 2 3.43 -12.46 -7.66
N GLU A 3 4.33 -12.76 -6.72
CA GLU A 3 4.16 -13.79 -5.71
C GLU A 3 2.90 -13.49 -4.88
N ASN A 4 2.74 -12.24 -4.45
CA ASN A 4 1.62 -11.83 -3.61
C ASN A 4 0.27 -11.88 -4.35
N PHE A 5 0.23 -12.10 -5.66
CA PHE A 5 -1.04 -12.22 -6.36
C PHE A 5 -1.79 -13.47 -5.90
N GLN A 6 -1.20 -14.65 -6.11
CA GLN A 6 -1.90 -15.92 -5.90
C GLN A 6 -2.21 -16.18 -4.42
N THR A 7 -1.40 -15.66 -3.49
CA THR A 7 -1.69 -15.85 -2.07
C THR A 7 -3.06 -15.24 -1.75
N LEU A 8 -3.41 -14.09 -2.35
CA LEU A 8 -4.69 -13.40 -2.17
C LEU A 8 -5.82 -14.23 -2.77
N LEU A 9 -5.55 -14.87 -3.91
CA LEU A 9 -6.48 -15.81 -4.54
C LEU A 9 -6.72 -17.05 -3.70
N ASP A 10 -5.92 -17.30 -2.64
CA ASP A 10 -6.15 -18.33 -1.64
C ASP A 10 -6.45 -17.75 -0.24
N ALA A 11 -6.57 -16.43 -0.13
CA ALA A 11 -6.67 -15.72 1.15
C ALA A 11 -8.11 -15.41 1.56
N GLY A 12 -9.10 -15.97 0.87
CA GLY A 12 -10.51 -15.68 1.14
C GLY A 12 -11.02 -14.52 0.29
N LEU A 13 -10.31 -14.14 -0.77
CA LEU A 13 -10.54 -12.93 -1.56
C LEU A 13 -10.74 -13.28 -3.04
N PRO A 14 -11.53 -12.48 -3.78
CA PRO A 14 -11.76 -12.67 -5.21
C PRO A 14 -10.56 -12.20 -6.03
N GLN A 15 -10.48 -12.67 -7.28
CA GLN A 15 -9.42 -12.26 -8.19
C GLN A 15 -9.37 -10.75 -8.32
N LYS A 16 -10.50 -10.06 -8.57
CA LYS A 16 -10.51 -8.62 -8.81
C LYS A 16 -9.85 -7.83 -7.71
N VAL A 17 -9.98 -8.27 -6.45
CA VAL A 17 -9.32 -7.61 -5.33
C VAL A 17 -7.80 -7.84 -5.41
N ALA A 18 -7.36 -9.05 -5.80
CA ALA A 18 -5.94 -9.36 -5.95
C ALA A 18 -5.30 -8.52 -7.06
N GLU A 19 -5.98 -8.32 -8.18
CA GLU A 19 -5.45 -7.57 -9.34
C GLU A 19 -5.08 -6.15 -8.92
N LYS A 20 -5.93 -5.49 -8.13
CA LYS A 20 -5.68 -4.13 -7.66
C LYS A 20 -4.62 -4.08 -6.54
N LEU A 21 -4.10 -5.23 -6.06
CA LEU A 21 -3.17 -5.32 -4.93
C LEU A 21 -1.79 -5.77 -5.37
N ASP A 22 -1.67 -6.67 -6.37
CA ASP A 22 -0.36 -7.07 -6.89
C ASP A 22 0.50 -5.88 -7.26
N GLU A 23 -0.12 -4.85 -7.84
CA GLU A 23 0.58 -3.69 -8.37
C GLU A 23 1.34 -2.95 -7.25
N ILE A 24 0.78 -2.89 -6.04
CA ILE A 24 1.36 -2.21 -4.88
C ILE A 24 2.72 -2.84 -4.56
N TYR A 25 2.82 -4.17 -4.65
CA TYR A 25 4.06 -4.88 -4.36
C TYR A 25 5.11 -4.67 -5.46
N VAL A 26 4.74 -4.16 -6.63
CA VAL A 26 5.63 -3.93 -7.78
C VAL A 26 6.01 -2.44 -7.86
N ALA A 27 5.22 -1.56 -7.24
CA ALA A 27 5.42 -0.12 -7.24
C ALA A 27 6.41 0.37 -6.19
N GLY A 28 6.93 -0.50 -5.32
CA GLY A 28 7.75 -0.06 -4.19
C GLY A 28 6.93 0.56 -3.06
N LEU A 29 5.59 0.46 -3.11
CA LEU A 29 4.68 1.05 -2.13
C LEU A 29 4.73 0.28 -0.80
N VAL A 30 5.45 -0.84 -0.75
CA VAL A 30 5.64 -1.65 0.44
C VAL A 30 7.07 -2.20 0.53
N ALA A 31 7.37 -2.83 1.67
CA ALA A 31 8.58 -3.55 2.00
C ALA A 31 8.32 -5.05 2.22
N HIS A 32 7.32 -5.61 1.53
CA HIS A 32 6.86 -7.00 1.59
C HIS A 32 6.07 -7.27 2.88
N SER A 33 6.61 -7.05 4.08
CA SER A 33 5.91 -7.22 5.35
C SER A 33 5.40 -5.88 5.93
N ASP A 34 5.28 -4.86 5.09
CA ASP A 34 4.83 -3.53 5.49
C ASP A 34 3.38 -3.58 5.98
N LEU A 35 2.56 -4.47 5.39
CA LEU A 35 1.15 -4.70 5.73
C LEU A 35 0.96 -6.21 5.88
N ASP A 36 0.56 -6.67 7.07
CA ASP A 36 0.11 -8.02 7.37
C ASP A 36 -0.29 -8.16 8.83
N GLU A 37 -0.74 -9.37 9.18
CA GLU A 37 -1.24 -9.93 10.40
C GLU A 37 -2.57 -9.24 10.66
N ARG A 38 -2.48 -8.06 11.25
CA ARG A 38 -3.65 -7.25 11.49
C ARG A 38 -4.20 -6.70 10.18
N ALA A 39 -3.32 -6.29 9.27
CA ALA A 39 -3.80 -5.76 8.00
C ALA A 39 -4.30 -6.89 7.09
N ILE A 40 -4.04 -8.17 7.40
CA ILE A 40 -4.75 -9.29 6.76
C ILE A 40 -6.14 -9.42 7.37
N GLU A 41 -6.29 -9.47 8.70
CA GLU A 41 -7.58 -9.72 9.36
C GLU A 41 -8.68 -8.88 8.75
N ALA A 42 -8.47 -7.56 8.72
CA ALA A 42 -9.49 -6.62 8.30
C ALA A 42 -9.58 -6.49 6.77
N LEU A 43 -8.54 -6.89 6.02
CA LEU A 43 -8.64 -7.07 4.57
C LEU A 43 -9.31 -8.39 4.23
N LYS A 44 -9.40 -9.37 5.12
CA LYS A 44 -10.11 -10.60 4.82
C LYS A 44 -11.63 -10.38 4.77
N GLU A 45 -12.14 -9.24 5.24
CA GLU A 45 -13.58 -9.00 5.42
C GLU A 45 -14.00 -7.66 4.77
N PHE A 46 -14.37 -7.67 3.49
CA PHE A 46 -14.95 -6.53 2.77
C PHE A 46 -16.15 -6.92 1.91
N ASN A 47 -16.82 -5.94 1.30
CA ASN A 47 -17.64 -6.08 0.11
C ASN A 47 -16.77 -5.96 -1.13
N GLU A 48 -17.35 -6.28 -2.28
CA GLU A 48 -16.79 -6.21 -3.62
C GLU A 48 -16.05 -4.89 -3.89
N ASP A 49 -16.66 -3.76 -3.58
CA ASP A 49 -16.04 -2.46 -3.84
C ASP A 49 -15.07 -2.06 -2.72
N GLY A 50 -15.10 -2.76 -1.59
CA GLY A 50 -14.56 -2.30 -0.32
C GLY A 50 -13.04 -2.37 -0.21
N ALA A 51 -12.43 -3.52 -0.52
CA ALA A 51 -10.98 -3.56 -0.66
C ALA A 51 -10.57 -2.73 -1.87
N LEU A 52 -11.29 -2.84 -2.98
CA LEU A 52 -10.93 -2.16 -4.21
C LEU A 52 -10.76 -0.66 -4.01
N ALA A 53 -11.70 -0.04 -3.30
CA ALA A 53 -11.75 1.38 -3.05
C ALA A 53 -10.55 1.77 -2.18
N VAL A 54 -10.30 0.97 -1.16
CA VAL A 54 -9.37 1.25 -0.08
C VAL A 54 -7.94 1.08 -0.57
N LEU A 55 -7.68 0.04 -1.33
CA LEU A 55 -6.39 -0.23 -1.94
C LEU A 55 -6.00 0.93 -2.85
N GLN A 56 -6.98 1.48 -3.57
CA GLN A 56 -6.77 2.61 -4.49
C GLN A 56 -6.46 3.87 -3.68
N GLN A 57 -7.03 4.02 -2.49
CA GLN A 57 -6.66 5.10 -1.61
C GLN A 57 -5.22 4.92 -1.14
N PHE A 58 -4.86 3.70 -0.71
CA PHE A 58 -3.53 3.37 -0.21
C PHE A 58 -2.46 3.66 -1.27
N LYS A 59 -2.70 3.31 -2.52
CA LYS A 59 -1.83 3.64 -3.66
C LYS A 59 -1.56 5.14 -3.74
N ASP A 60 -2.54 5.98 -3.45
CA ASP A 60 -2.49 7.43 -3.56
C ASP A 60 -2.08 8.02 -2.20
N SER A 61 -1.02 7.48 -1.60
CA SER A 61 -0.49 7.98 -0.35
C SER A 61 1.02 8.17 -0.50
N ASP A 62 1.61 9.09 0.26
CA ASP A 62 3.05 9.33 0.26
C ASP A 62 3.67 8.48 1.36
N LEU A 63 4.20 7.32 1.00
CA LEU A 63 4.54 6.26 1.93
C LEU A 63 6.05 6.12 2.10
N SER A 64 6.86 7.06 1.60
CA SER A 64 8.31 6.99 1.71
C SER A 64 8.79 7.04 3.19
N HIS A 65 8.08 7.71 4.08
CA HIS A 65 8.66 8.22 5.33
C HIS A 65 7.75 8.02 6.56
N VAL A 66 6.61 7.35 6.39
CA VAL A 66 5.62 7.00 7.42
C VAL A 66 6.20 5.98 8.43
N GLN A 67 5.57 5.82 9.61
CA GLN A 67 5.93 4.81 10.61
C GLN A 67 5.44 3.41 10.20
N ASN A 68 4.16 3.10 10.43
CA ASN A 68 3.64 1.72 10.44
C ASN A 68 2.55 1.64 9.37
N LYS A 69 2.88 1.32 8.12
CA LYS A 69 1.90 1.38 7.03
C LYS A 69 0.68 0.52 7.31
N SER A 70 0.80 -0.56 8.10
CA SER A 70 -0.35 -1.38 8.42
C SER A 70 -1.34 -0.62 9.29
N ALA A 71 -0.89 0.34 10.10
CA ALA A 71 -1.76 1.25 10.84
C ALA A 71 -2.43 2.21 9.86
N PHE A 72 -1.70 2.73 8.86
CA PHE A 72 -2.22 3.65 7.86
C PHE A 72 -3.34 2.97 7.05
N LEU A 73 -3.12 1.71 6.63
CA LEU A 73 -4.12 0.93 5.92
C LEU A 73 -5.36 0.70 6.80
N CYS A 74 -5.13 0.39 8.09
CA CYS A 74 -6.19 0.25 9.07
C CYS A 74 -6.96 1.58 9.22
N GLY A 75 -6.31 2.72 9.06
CA GLY A 75 -6.88 4.05 9.18
C GLY A 75 -7.89 4.32 8.08
N VAL A 76 -7.47 4.15 6.82
CA VAL A 76 -8.36 4.41 5.69
C VAL A 76 -9.57 3.48 5.72
N MET A 77 -9.38 2.18 6.01
CA MET A 77 -10.50 1.24 6.00
C MET A 77 -11.55 1.57 7.10
N LYS A 78 -11.13 2.15 8.23
CA LYS A 78 -12.06 2.61 9.27
C LYS A 78 -12.83 3.87 8.85
N THR A 79 -12.29 4.65 7.90
CA THR A 79 -12.91 5.88 7.44
C THR A 79 -13.98 5.57 6.39
N TYR A 80 -13.63 4.97 5.25
CA TYR A 80 -14.51 4.94 4.07
C TYR A 80 -15.88 4.30 4.36
N ARG A 81 -15.94 3.32 5.27
CA ARG A 81 -17.18 2.65 5.64
C ARG A 81 -18.23 3.62 6.18
N GLN A 82 -17.85 4.83 6.57
CA GLN A 82 -18.78 5.89 6.96
C GLN A 82 -19.77 6.24 5.85
N ARG A 83 -19.39 6.08 4.56
CA ARG A 83 -20.35 6.27 3.48
C ARG A 83 -21.38 5.15 3.51
N GLU A 84 -20.93 3.91 3.74
CA GLU A 84 -21.75 2.72 3.66
C GLU A 84 -22.74 2.67 4.82
N LYS A 85 -22.27 2.58 6.08
CA LYS A 85 -23.13 2.49 7.24
C LYS A 85 -22.43 3.07 8.47
N GLN A 86 -23.23 3.69 9.33
CA GLN A 86 -22.90 4.07 10.69
C GLN A 86 -22.53 2.81 11.49
N GLY A 87 -21.32 2.77 12.05
CA GLY A 87 -20.92 1.74 12.99
C GLY A 87 -19.44 1.74 13.34
N THR A 88 -18.64 2.69 12.85
CA THR A 88 -17.19 2.59 12.83
C THR A 88 -16.60 3.99 13.07
N LYS A 89 -15.78 4.17 14.11
CA LYS A 89 -15.06 5.42 14.41
C LYS A 89 -13.65 5.33 13.81
N VAL A 90 -12.98 6.47 13.60
CA VAL A 90 -11.67 6.53 12.95
C VAL A 90 -10.53 6.38 13.97
N ALA A 91 -10.44 5.17 14.50
CA ALA A 91 -9.61 4.85 15.65
C ALA A 91 -8.25 4.30 15.20
N ASP A 92 -7.45 5.14 14.53
CA ASP A 92 -6.04 4.87 14.21
C ASP A 92 -5.20 6.10 14.55
N SER A 93 -3.87 5.90 14.66
CA SER A 93 -2.89 6.92 15.03
C SER A 93 -1.50 6.34 14.78
N SER A 94 -0.83 6.73 13.69
CA SER A 94 0.60 6.51 13.53
C SER A 94 1.19 7.52 12.53
N LYS A 95 1.44 8.75 12.98
CA LYS A 95 2.13 9.80 12.24
C LYS A 95 3.04 10.55 13.22
N GLY A 96 3.96 11.34 12.68
CA GLY A 96 5.04 11.98 13.41
C GLY A 96 5.64 13.07 12.54
N PRO A 97 6.28 12.72 11.41
CA PRO A 97 6.54 13.69 10.36
C PRO A 97 5.25 14.18 9.71
N ASP A 98 5.41 15.18 8.84
CA ASP A 98 4.71 15.19 7.57
C ASP A 98 5.76 15.23 6.47
N GLU A 99 5.34 15.22 5.22
CA GLU A 99 5.98 15.72 4.02
C GLU A 99 7.45 15.32 3.82
N ALA A 100 7.76 14.39 2.90
CA ALA A 100 9.12 13.91 2.69
C ALA A 100 9.40 13.62 1.22
N LYS A 101 9.92 14.61 0.50
CA LYS A 101 10.32 14.42 -0.90
C LYS A 101 11.41 13.35 -0.95
N ILE A 102 11.20 12.32 -1.76
CA ILE A 102 12.21 11.34 -2.15
C ILE A 102 12.75 11.61 -3.55
N LYS A 103 11.91 12.23 -4.38
CA LYS A 103 12.12 12.37 -5.82
C LYS A 103 13.31 13.28 -6.13
N ALA A 104 13.31 14.52 -5.62
CA ALA A 104 14.33 15.52 -5.87
C ALA A 104 15.61 15.08 -5.16
N LEU A 105 16.49 14.37 -5.87
CA LEU A 105 17.61 13.68 -5.28
C LEU A 105 18.76 13.73 -6.27
N LEU A 106 19.68 14.68 -6.07
CA LEU A 106 20.81 14.92 -6.94
C LEU A 106 21.82 13.79 -6.75
N GLU A 107 22.11 13.04 -7.81
CA GLU A 107 23.18 12.05 -7.88
C GLU A 107 24.14 12.49 -9.00
N ARG A 108 25.43 12.17 -8.89
CA ARG A 108 26.41 12.35 -9.97
C ARG A 108 27.31 11.11 -10.03
N THR A 109 28.14 11.01 -11.05
CA THR A 109 28.86 9.83 -11.46
C THR A 109 29.87 10.35 -12.50
N GLY A 110 31.04 9.73 -12.54
CA GLY A 110 32.05 9.90 -13.58
C GLY A 110 32.37 8.52 -14.16
N TYR A 111 33.35 8.48 -15.07
CA TYR A 111 33.80 7.22 -15.67
C TYR A 111 34.58 6.41 -14.64
N THR A 112 34.60 5.09 -14.81
CA THR A 112 35.47 4.14 -14.13
C THR A 112 35.38 2.88 -14.99
N LEU A 113 36.42 2.59 -15.78
CA LEU A 113 36.56 1.37 -16.57
C LEU A 113 38.06 1.15 -16.77
N ASP A 114 38.44 0.01 -17.35
CA ASP A 114 39.78 -0.27 -17.83
C ASP A 114 40.00 0.39 -19.20
N VAL A 115 39.03 0.27 -20.11
CA VAL A 115 39.10 0.85 -21.44
C VAL A 115 39.01 2.37 -21.39
N THR A 116 39.53 3.01 -22.44
CA THR A 116 39.61 4.44 -22.67
C THR A 116 38.21 5.02 -22.77
N THR A 117 37.65 5.36 -21.63
CA THR A 117 36.32 5.90 -21.45
C THR A 117 36.47 7.39 -21.12
N GLY A 118 36.00 8.26 -22.02
CA GLY A 118 36.05 9.71 -21.91
C GLY A 118 35.35 10.29 -23.12
N GLY A 1 4.40 -15.80 -3.24
CA GLY A 1 2.99 -15.90 -3.63
C GLY A 1 2.14 -16.48 -2.51
N SER A 2 0.86 -16.13 -2.42
CA SER A 2 -0.07 -16.74 -1.48
C SER A 2 -1.43 -16.89 -2.15
N GLU A 3 -2.42 -17.43 -1.44
CA GLU A 3 -3.77 -17.63 -1.97
C GLU A 3 -4.36 -16.32 -2.48
N ASN A 4 -4.25 -15.23 -1.71
CA ASN A 4 -4.88 -13.97 -2.12
C ASN A 4 -4.13 -13.30 -3.28
N PHE A 5 -2.94 -13.78 -3.65
CA PHE A 5 -2.13 -13.23 -4.74
C PHE A 5 -2.85 -13.29 -6.07
N GLN A 6 -3.92 -14.08 -6.17
CA GLN A 6 -4.76 -14.15 -7.35
C GLN A 6 -6.05 -13.33 -7.22
N THR A 7 -6.64 -13.17 -6.03
CA THR A 7 -7.92 -12.46 -5.94
C THR A 7 -7.76 -10.98 -6.28
N LEU A 8 -6.60 -10.39 -5.97
CA LEU A 8 -6.24 -9.01 -6.29
C LEU A 8 -6.29 -8.80 -7.80
N LEU A 9 -5.70 -9.74 -8.54
CA LEU A 9 -5.61 -9.72 -10.00
C LEU A 9 -6.98 -9.78 -10.63
N ASP A 10 -7.97 -10.39 -9.96
CA ASP A 10 -9.34 -10.50 -10.46
C ASP A 10 -10.28 -9.45 -9.88
N ALA A 11 -9.81 -8.68 -8.89
CA ALA A 11 -10.53 -7.54 -8.33
C ALA A 11 -10.39 -6.30 -9.20
N GLY A 12 -9.42 -6.26 -10.13
CA GLY A 12 -9.10 -5.06 -10.89
C GLY A 12 -7.82 -4.39 -10.39
N LEU A 13 -6.93 -5.14 -9.72
CA LEU A 13 -5.69 -4.61 -9.21
C LEU A 13 -4.55 -5.25 -10.02
N PRO A 14 -3.48 -4.50 -10.31
CA PRO A 14 -2.42 -4.96 -11.17
C PRO A 14 -1.46 -5.89 -10.44
N GLN A 15 -0.68 -6.65 -11.20
CA GLN A 15 0.28 -7.59 -10.64
C GLN A 15 1.32 -6.86 -9.80
N LYS A 16 1.88 -5.74 -10.28
CA LYS A 16 2.95 -5.02 -9.57
C LYS A 16 2.54 -4.58 -8.18
N VAL A 17 1.26 -4.35 -7.96
CA VAL A 17 0.70 -4.11 -6.64
C VAL A 17 0.64 -5.43 -5.87
N ALA A 18 0.01 -6.47 -6.43
CA ALA A 18 -0.10 -7.77 -5.78
C ALA A 18 1.25 -8.39 -5.36
N GLU A 19 2.34 -8.16 -6.11
CA GLU A 19 3.69 -8.65 -5.80
C GLU A 19 4.27 -8.05 -4.52
N LYS A 20 3.68 -6.97 -4.02
CA LYS A 20 4.02 -6.31 -2.76
C LYS A 20 3.00 -6.63 -1.67
N LEU A 21 1.99 -7.44 -1.97
CA LEU A 21 0.91 -7.77 -1.05
C LEU A 21 0.98 -9.24 -0.63
N ASP A 22 1.33 -10.14 -1.54
CA ASP A 22 1.47 -11.57 -1.24
C ASP A 22 2.24 -11.81 0.06
N GLU A 23 3.38 -11.14 0.19
CA GLU A 23 4.40 -11.36 1.16
C GLU A 23 3.88 -11.07 2.58
N ILE A 24 2.93 -10.15 2.67
CA ILE A 24 2.28 -9.74 3.92
C ILE A 24 1.40 -10.90 4.40
N TYR A 25 0.71 -11.59 3.49
CA TYR A 25 -0.12 -12.73 3.82
C TYR A 25 0.70 -14.00 4.13
N VAL A 26 2.03 -13.95 4.13
CA VAL A 26 2.88 -15.12 4.31
C VAL A 26 3.58 -15.08 5.69
N ALA A 27 3.87 -13.90 6.23
CA ALA A 27 4.63 -13.74 7.47
C ALA A 27 3.77 -13.45 8.72
N GLY A 28 2.45 -13.62 8.65
CA GLY A 28 1.55 -13.62 9.82
C GLY A 28 0.96 -12.25 10.16
N LEU A 29 1.20 -11.23 9.33
CA LEU A 29 0.74 -9.87 9.50
C LEU A 29 -0.79 -9.78 9.41
N VAL A 30 -1.45 -10.79 8.83
CA VAL A 30 -2.89 -10.79 8.71
C VAL A 30 -3.51 -12.18 8.89
N ALA A 31 -4.84 -12.17 9.10
CA ALA A 31 -5.70 -13.32 9.24
C ALA A 31 -6.29 -13.88 7.93
N HIS A 32 -5.78 -13.45 6.78
CA HIS A 32 -6.48 -13.42 5.49
C HIS A 32 -7.71 -12.50 5.57
N SER A 33 -8.87 -12.95 6.04
CA SER A 33 -10.03 -12.08 6.29
C SER A 33 -9.74 -11.20 7.51
N ASP A 34 -9.15 -10.03 7.26
CA ASP A 34 -8.59 -9.15 8.29
C ASP A 34 -8.69 -7.66 7.94
N LEU A 35 -9.54 -7.32 6.96
CA LEU A 35 -9.79 -5.96 6.48
C LEU A 35 -11.26 -5.61 6.71
N ASP A 36 -11.66 -4.43 6.23
CA ASP A 36 -13.05 -4.04 6.09
C ASP A 36 -13.28 -3.88 4.59
N GLU A 37 -14.55 -3.92 4.19
CA GLU A 37 -15.02 -3.55 2.87
C GLU A 37 -14.53 -2.14 2.53
N ARG A 38 -14.48 -1.29 3.55
CA ARG A 38 -14.05 0.10 3.43
C ARG A 38 -12.58 0.18 3.00
N ALA A 39 -11.71 -0.65 3.58
CA ALA A 39 -10.31 -0.69 3.15
C ALA A 39 -10.24 -1.24 1.73
N ILE A 40 -10.96 -2.33 1.42
CA ILE A 40 -10.95 -2.97 0.09
C ILE A 40 -11.36 -1.97 -0.99
N GLU A 41 -12.47 -1.24 -0.82
CA GLU A 41 -12.98 -0.32 -1.81
C GLU A 41 -11.99 0.82 -2.06
N ALA A 42 -11.42 1.39 -1.00
CA ALA A 42 -10.42 2.43 -1.15
C ALA A 42 -9.19 1.87 -1.87
N LEU A 43 -8.83 0.62 -1.57
CA LEU A 43 -7.75 -0.11 -2.23
C LEU A 43 -8.14 -0.58 -3.64
N LYS A 44 -9.31 -0.20 -4.17
CA LYS A 44 -9.57 -0.28 -5.61
C LYS A 44 -8.86 0.86 -6.32
N GLU A 45 -8.58 2.01 -5.69
CA GLU A 45 -8.15 3.23 -6.38
C GLU A 45 -6.77 3.73 -5.91
N PHE A 46 -5.73 3.44 -6.71
CA PHE A 46 -4.42 4.07 -6.67
C PHE A 46 -3.81 4.09 -8.09
N ASN A 47 -2.72 4.83 -8.26
CA ASN A 47 -1.72 4.83 -9.35
C ASN A 47 -0.81 3.61 -9.20
N GLU A 48 0.32 3.57 -9.91
CA GLU A 48 1.40 2.61 -9.71
C GLU A 48 2.03 2.73 -8.32
N ASP A 49 2.03 3.88 -7.66
CA ASP A 49 2.83 4.03 -6.43
C ASP A 49 2.00 3.90 -5.15
N GLY A 50 0.68 4.10 -5.23
CA GLY A 50 -0.12 4.44 -4.08
C GLY A 50 -0.63 3.24 -3.30
N ALA A 51 -0.60 2.04 -3.88
CA ALA A 51 -0.69 0.81 -3.12
C ALA A 51 0.70 0.48 -2.58
N LEU A 52 1.74 0.60 -3.43
CA LEU A 52 3.13 0.26 -3.13
C LEU A 52 3.67 1.03 -1.92
N ALA A 53 3.22 2.28 -1.74
CA ALA A 53 3.62 3.17 -0.66
C ALA A 53 2.87 2.81 0.63
N VAL A 54 1.62 2.39 0.48
CA VAL A 54 0.69 2.18 1.59
C VAL A 54 0.95 0.81 2.20
N LEU A 55 1.06 -0.20 1.34
CA LEU A 55 1.37 -1.57 1.72
C LEU A 55 2.75 -1.68 2.37
N GLN A 56 3.66 -0.75 2.09
CA GLN A 56 4.93 -0.72 2.78
C GLN A 56 4.73 -0.48 4.27
N GLN A 57 4.10 0.64 4.65
CA GLN A 57 3.97 1.00 6.07
C GLN A 57 3.21 -0.08 6.86
N PHE A 58 2.34 -0.85 6.21
CA PHE A 58 1.66 -1.98 6.86
C PHE A 58 2.65 -3.09 7.27
N LYS A 59 3.71 -3.35 6.48
CA LYS A 59 4.86 -4.19 6.87
C LYS A 59 5.74 -3.52 7.91
N ASP A 60 5.65 -2.21 8.00
CA ASP A 60 6.50 -1.35 8.81
C ASP A 60 5.72 -0.97 10.07
N SER A 61 4.99 -1.94 10.62
CA SER A 61 4.20 -1.85 11.82
C SER A 61 4.41 -3.13 12.61
N ASP A 62 4.36 -2.98 13.93
CA ASP A 62 4.11 -4.08 14.83
C ASP A 62 2.64 -4.39 14.73
N LEU A 63 2.34 -5.62 14.31
CA LEU A 63 1.00 -6.15 14.22
C LEU A 63 0.78 -7.27 15.25
N SER A 64 1.72 -7.45 16.18
CA SER A 64 1.77 -8.53 17.13
C SER A 64 0.53 -8.61 18.04
N HIS A 65 -0.16 -7.50 18.33
CA HIS A 65 -1.29 -7.47 19.27
C HIS A 65 -2.34 -6.40 18.90
N VAL A 66 -2.44 -5.99 17.64
CA VAL A 66 -3.43 -4.99 17.25
C VAL A 66 -4.83 -5.64 17.23
N GLN A 67 -5.83 -4.93 17.75
CA GLN A 67 -7.21 -5.40 17.82
C GLN A 67 -7.98 -5.12 16.52
N ASN A 68 -7.69 -4.02 15.81
CA ASN A 68 -8.41 -3.64 14.59
C ASN A 68 -7.41 -3.71 13.43
N LYS A 69 -7.20 -4.89 12.87
CA LYS A 69 -6.16 -5.10 11.85
C LYS A 69 -6.38 -4.26 10.59
N SER A 70 -7.62 -4.01 10.19
CA SER A 70 -7.93 -3.11 9.08
C SER A 70 -7.40 -1.70 9.33
N ALA A 71 -7.48 -1.23 10.59
CA ALA A 71 -7.14 0.14 10.95
C ALA A 71 -5.69 0.46 10.59
N PHE A 72 -4.80 -0.51 10.75
CA PHE A 72 -3.39 -0.31 10.44
C PHE A 72 -3.14 -0.09 8.93
N LEU A 73 -4.13 -0.36 8.07
CA LEU A 73 -4.08 -0.07 6.64
C LEU A 73 -4.97 1.14 6.33
N CYS A 74 -6.02 1.40 7.13
CA CYS A 74 -6.90 2.53 6.92
C CYS A 74 -6.09 3.81 7.15
N GLY A 75 -5.24 3.82 8.18
CA GLY A 75 -4.57 5.03 8.64
C GLY A 75 -3.51 5.45 7.64
N VAL A 76 -2.67 4.52 7.17
CA VAL A 76 -1.67 4.82 6.14
C VAL A 76 -2.33 5.40 4.89
N MET A 77 -3.39 4.77 4.33
CA MET A 77 -4.01 5.34 3.13
C MET A 77 -4.60 6.72 3.45
N LYS A 78 -5.19 6.89 4.64
CA LYS A 78 -5.70 8.17 5.16
C LYS A 78 -4.59 9.07 5.70
N THR A 79 -3.35 8.87 5.26
CA THR A 79 -2.22 9.72 5.60
C THR A 79 -1.47 10.03 4.31
N TYR A 80 -0.94 9.02 3.59
CA TYR A 80 -0.04 9.27 2.46
C TYR A 80 -0.68 10.12 1.34
N ARG A 81 -2.02 10.11 1.21
CA ARG A 81 -2.74 10.98 0.29
C ARG A 81 -2.42 12.47 0.55
N GLN A 82 -1.89 12.86 1.72
CA GLN A 82 -1.37 14.19 2.00
C GLN A 82 -0.32 14.64 0.98
N ARG A 83 0.45 13.69 0.40
CA ARG A 83 1.49 13.98 -0.60
C ARG A 83 1.11 13.47 -1.98
N GLU A 84 0.26 12.44 -2.08
CA GLU A 84 -0.04 11.77 -3.33
C GLU A 84 -1.25 12.39 -4.03
N LYS A 85 -2.32 12.69 -3.29
CA LYS A 85 -3.64 13.04 -3.82
C LYS A 85 -4.36 13.86 -2.76
N GLN A 86 -4.09 15.16 -2.75
CA GLN A 86 -4.65 16.18 -1.87
C GLN A 86 -6.18 16.21 -1.98
N GLY A 87 -6.85 15.36 -1.20
CA GLY A 87 -8.28 15.15 -1.28
C GLY A 87 -8.75 14.19 -0.19
N THR A 88 -8.11 14.19 0.98
CA THR A 88 -8.66 13.49 2.12
C THR A 88 -8.25 14.22 3.40
N LYS A 89 -8.90 13.84 4.50
CA LYS A 89 -8.68 14.37 5.85
C LYS A 89 -7.22 14.24 6.25
N VAL A 90 -6.77 15.13 7.13
CA VAL A 90 -5.42 15.18 7.67
C VAL A 90 -5.55 15.46 9.15
N ALA A 91 -5.67 14.39 9.93
CA ALA A 91 -5.57 14.49 11.38
C ALA A 91 -4.09 14.59 11.76
N ASP A 92 -3.84 14.77 13.06
CA ASP A 92 -2.52 14.67 13.66
C ASP A 92 -1.93 13.26 13.39
N SER A 93 -0.59 13.12 13.40
CA SER A 93 0.06 11.81 13.28
C SER A 93 1.54 11.91 13.66
N SER A 94 2.13 10.81 14.15
CA SER A 94 3.52 10.69 14.52
C SER A 94 3.86 9.21 14.34
N LYS A 95 4.90 8.97 13.55
CA LYS A 95 5.51 7.68 13.19
C LYS A 95 7.04 7.84 13.14
N GLY A 96 7.78 6.83 12.68
CA GLY A 96 9.21 6.94 12.39
C GLY A 96 9.79 5.62 11.86
N PRO A 97 9.37 5.14 10.68
CA PRO A 97 9.75 3.80 10.21
C PRO A 97 11.20 3.75 9.73
N ASP A 98 11.96 2.69 10.04
CA ASP A 98 13.42 2.68 10.05
C ASP A 98 14.01 1.53 9.25
N GLU A 99 13.78 1.54 7.95
CA GLU A 99 14.23 0.49 7.04
C GLU A 99 14.24 1.04 5.62
N ALA A 100 15.19 0.62 4.76
CA ALA A 100 15.38 1.16 3.42
C ALA A 100 15.87 0.04 2.48
N LYS A 101 14.97 -0.49 1.65
CA LYS A 101 15.18 -1.71 0.88
C LYS A 101 14.96 -1.41 -0.59
N ILE A 102 15.99 -1.56 -1.42
CA ILE A 102 16.00 -1.00 -2.77
C ILE A 102 16.24 -2.08 -3.83
N LYS A 103 17.15 -3.00 -3.49
CA LYS A 103 17.72 -4.14 -4.16
C LYS A 103 18.11 -3.83 -5.60
N ALA A 104 17.07 -3.80 -6.40
CA ALA A 104 17.04 -3.41 -7.79
C ALA A 104 15.63 -2.89 -8.05
N LEU A 105 15.46 -1.56 -8.00
CA LEU A 105 14.20 -0.92 -8.39
C LEU A 105 14.27 -0.57 -9.88
N LEU A 106 13.17 -0.09 -10.45
CA LEU A 106 13.00 0.24 -11.86
C LEU A 106 12.28 1.58 -11.99
N GLU A 107 12.35 2.15 -13.20
CA GLU A 107 11.58 3.32 -13.63
C GLU A 107 10.09 3.01 -13.48
N ARG A 108 9.29 4.04 -13.20
CA ARG A 108 7.85 3.94 -12.95
C ARG A 108 7.18 5.31 -13.02
N THR A 109 7.37 6.04 -14.09
CA THR A 109 6.89 7.40 -14.21
C THR A 109 6.84 7.74 -15.70
N GLY A 110 5.69 8.26 -16.12
CA GLY A 110 5.51 8.88 -17.41
C GLY A 110 6.00 10.29 -17.26
N TYR A 111 7.05 10.63 -17.98
CA TYR A 111 7.59 11.98 -18.06
C TYR A 111 7.75 12.40 -19.52
N THR A 112 7.91 13.70 -19.74
CA THR A 112 7.95 14.33 -21.05
C THR A 112 9.15 15.30 -21.06
N LEU A 113 9.48 15.85 -22.23
CA LEU A 113 10.58 16.79 -22.44
C LEU A 113 10.44 18.11 -21.64
N ASP A 114 9.36 18.28 -20.89
CA ASP A 114 8.94 19.41 -20.09
C ASP A 114 9.23 18.98 -18.66
N VAL A 115 10.40 19.35 -18.17
CA VAL A 115 10.85 19.21 -16.76
C VAL A 115 10.04 20.14 -15.82
N THR A 116 8.74 20.22 -16.05
CA THR A 116 7.75 21.11 -15.50
C THR A 116 6.46 20.27 -15.43
N THR A 117 6.51 19.20 -14.64
CA THR A 117 5.42 18.26 -14.45
C THR A 117 5.62 17.65 -13.06
N GLY A 118 4.55 17.58 -12.27
CA GLY A 118 4.54 17.22 -10.86
C GLY A 118 3.19 17.61 -10.32
N GLY A 1 -8.17 -23.61 4.66
CA GLY A 1 -7.38 -22.48 4.19
C GLY A 1 -6.26 -22.16 5.16
N SER A 2 -5.84 -20.90 5.17
CA SER A 2 -5.16 -20.29 6.30
C SER A 2 -6.13 -20.22 7.50
N GLU A 3 -5.68 -19.71 8.63
CA GLU A 3 -6.43 -19.70 9.90
C GLU A 3 -7.01 -18.32 10.24
N ASN A 4 -6.70 -17.31 9.44
CA ASN A 4 -7.47 -16.07 9.45
C ASN A 4 -8.83 -16.25 8.75
N PHE A 5 -9.14 -17.39 8.14
CA PHE A 5 -10.36 -17.54 7.34
C PHE A 5 -11.59 -17.30 8.23
N GLN A 6 -11.73 -18.10 9.29
CA GLN A 6 -12.89 -18.05 10.17
C GLN A 6 -12.81 -16.91 11.18
N THR A 7 -11.64 -16.30 11.40
CA THR A 7 -11.57 -15.16 12.32
C THR A 7 -12.32 -13.98 11.70
N LEU A 8 -12.25 -13.81 10.37
CA LEU A 8 -12.93 -12.73 9.65
C LEU A 8 -14.44 -12.88 9.77
N LEU A 9 -14.93 -14.12 9.65
CA LEU A 9 -16.32 -14.50 9.81
C LEU A 9 -16.85 -14.28 11.24
N ASP A 10 -15.95 -13.96 12.18
CA ASP A 10 -16.16 -13.67 13.58
C ASP A 10 -15.56 -12.30 13.93
N ALA A 11 -15.39 -11.46 12.92
CA ALA A 11 -14.88 -10.10 13.00
C ALA A 11 -15.80 -9.13 12.27
N GLY A 12 -17.05 -9.52 12.04
CA GLY A 12 -18.07 -8.68 11.44
C GLY A 12 -18.25 -8.93 9.95
N LEU A 13 -17.46 -9.83 9.34
CA LEU A 13 -17.29 -9.88 7.89
C LEU A 13 -18.01 -11.11 7.30
N PRO A 14 -18.58 -11.00 6.10
CA PRO A 14 -19.25 -12.13 5.44
C PRO A 14 -18.26 -13.14 4.86
N GLN A 15 -18.77 -14.34 4.55
CA GLN A 15 -18.06 -15.44 3.90
C GLN A 15 -17.28 -14.94 2.69
N LYS A 16 -17.93 -14.27 1.73
CA LYS A 16 -17.30 -13.72 0.51
C LYS A 16 -16.02 -12.96 0.81
N VAL A 17 -16.09 -12.05 1.78
CA VAL A 17 -14.99 -11.18 2.11
C VAL A 17 -13.83 -12.01 2.68
N ALA A 18 -14.14 -13.04 3.50
CA ALA A 18 -13.14 -13.93 4.07
C ALA A 18 -12.51 -14.83 3.01
N GLU A 19 -13.34 -15.44 2.16
CA GLU A 19 -12.96 -16.26 1.01
C GLU A 19 -11.85 -15.54 0.24
N LYS A 20 -12.08 -14.26 -0.10
CA LYS A 20 -11.20 -13.52 -0.97
C LYS A 20 -9.96 -12.98 -0.25
N LEU A 21 -9.83 -13.15 1.06
CA LEU A 21 -8.65 -12.74 1.82
C LEU A 21 -7.76 -13.92 2.20
N ASP A 22 -8.36 -15.09 2.44
CA ASP A 22 -7.66 -16.34 2.75
C ASP A 22 -6.46 -16.56 1.82
N GLU A 23 -6.69 -16.33 0.52
CA GLU A 23 -5.80 -16.50 -0.61
C GLU A 23 -4.46 -15.75 -0.47
N ILE A 24 -4.49 -14.62 0.21
CA ILE A 24 -3.37 -13.70 0.34
C ILE A 24 -2.43 -14.27 1.41
N TYR A 25 -3.01 -14.79 2.50
CA TYR A 25 -2.32 -15.50 3.56
C TYR A 25 -1.97 -16.96 3.18
N VAL A 26 -1.94 -17.28 1.89
CA VAL A 26 -1.57 -18.59 1.36
C VAL A 26 -0.48 -18.41 0.29
N ALA A 27 -0.61 -17.42 -0.59
CA ALA A 27 0.30 -17.22 -1.72
C ALA A 27 1.69 -16.70 -1.33
N GLY A 28 1.93 -16.35 -0.06
CA GLY A 28 3.14 -15.62 0.33
C GLY A 28 3.09 -14.16 -0.14
N LEU A 29 1.89 -13.64 -0.46
CA LEU A 29 1.73 -12.23 -0.79
C LEU A 29 2.08 -11.37 0.41
N VAL A 30 1.89 -11.88 1.63
CA VAL A 30 2.03 -11.10 2.85
C VAL A 30 2.83 -11.82 3.93
N ALA A 31 2.91 -11.20 5.12
CA ALA A 31 3.75 -11.61 6.22
C ALA A 31 2.99 -12.16 7.42
N HIS A 32 1.71 -12.52 7.25
CA HIS A 32 0.82 -12.87 8.33
C HIS A 32 0.63 -11.74 9.35
N SER A 33 1.56 -11.51 10.27
CA SER A 33 1.55 -10.33 11.12
C SER A 33 2.01 -9.06 10.36
N ASP A 34 1.68 -8.95 9.07
CA ASP A 34 1.82 -7.74 8.26
C ASP A 34 0.89 -6.66 8.75
N LEU A 35 -0.42 -6.82 8.58
CA LEU A 35 -1.41 -5.79 8.77
C LEU A 35 -1.57 -5.43 10.25
N ASP A 36 -1.39 -4.15 10.57
CA ASP A 36 -1.57 -3.60 11.90
C ASP A 36 -3.06 -3.66 12.26
N GLU A 37 -3.37 -3.52 13.55
CA GLU A 37 -4.72 -3.30 14.05
C GLU A 37 -5.39 -2.13 13.31
N ARG A 38 -4.59 -1.13 12.93
CA ARG A 38 -5.02 0.05 12.20
C ARG A 38 -5.69 -0.30 10.87
N ALA A 39 -5.09 -1.19 10.07
CA ALA A 39 -5.66 -1.56 8.77
C ALA A 39 -6.75 -2.62 8.97
N ILE A 40 -6.62 -3.49 9.98
CA ILE A 40 -7.61 -4.50 10.34
C ILE A 40 -8.93 -3.83 10.71
N GLU A 41 -8.88 -2.76 11.50
CA GLU A 41 -10.02 -1.92 11.89
C GLU A 41 -10.76 -1.43 10.66
N ALA A 42 -10.07 -0.72 9.76
CA ALA A 42 -10.76 -0.15 8.61
C ALA A 42 -11.21 -1.25 7.63
N LEU A 43 -10.60 -2.44 7.68
CA LEU A 43 -11.03 -3.65 7.00
C LEU A 43 -12.12 -4.42 7.77
N LYS A 44 -12.70 -3.86 8.84
CA LYS A 44 -13.86 -4.41 9.52
C LYS A 44 -15.17 -3.86 8.94
N GLU A 45 -15.12 -2.71 8.26
CA GLU A 45 -16.31 -1.93 7.94
C GLU A 45 -16.28 -1.55 6.46
N PHE A 46 -16.89 -2.37 5.59
CA PHE A 46 -17.15 -2.11 4.18
C PHE A 46 -18.51 -2.71 3.79
N ASN A 47 -18.92 -2.40 2.56
CA ASN A 47 -20.02 -2.96 1.81
C ASN A 47 -19.62 -4.30 1.18
N GLU A 48 -20.56 -4.94 0.49
CA GLU A 48 -20.38 -6.20 -0.22
C GLU A 48 -19.29 -6.12 -1.30
N ASP A 49 -19.14 -4.96 -1.94
CA ASP A 49 -18.17 -4.81 -3.01
C ASP A 49 -16.81 -4.33 -2.49
N GLY A 50 -16.78 -3.82 -1.25
CA GLY A 50 -15.70 -2.94 -0.83
C GLY A 50 -14.41 -3.72 -0.63
N ALA A 51 -14.45 -4.70 0.28
CA ALA A 51 -13.31 -5.55 0.56
C ALA A 51 -12.85 -6.26 -0.73
N LEU A 52 -13.83 -6.67 -1.54
CA LEU A 52 -13.68 -7.41 -2.79
C LEU A 52 -13.02 -6.56 -3.89
N ALA A 53 -12.96 -5.24 -3.73
CA ALA A 53 -12.34 -4.34 -4.68
C ALA A 53 -10.96 -3.92 -4.20
N VAL A 54 -10.72 -3.93 -2.89
CA VAL A 54 -9.48 -3.43 -2.30
C VAL A 54 -8.46 -4.55 -2.26
N LEU A 55 -8.89 -5.70 -1.72
CA LEU A 55 -8.03 -6.85 -1.55
C LEU A 55 -7.59 -7.39 -2.91
N GLN A 56 -8.38 -7.18 -3.96
CA GLN A 56 -7.95 -7.52 -5.32
C GLN A 56 -6.68 -6.76 -5.71
N GLN A 57 -6.66 -5.44 -5.62
CA GLN A 57 -5.45 -4.68 -5.93
C GLN A 57 -4.30 -5.05 -4.98
N PHE A 58 -4.61 -5.45 -3.75
CA PHE A 58 -3.60 -5.89 -2.79
C PHE A 58 -2.82 -7.10 -3.35
N LYS A 59 -3.52 -8.07 -3.93
CA LYS A 59 -2.94 -9.24 -4.59
C LYS A 59 -1.98 -8.88 -5.73
N ASP A 60 -2.04 -7.64 -6.19
CA ASP A 60 -1.51 -7.19 -7.47
C ASP A 60 -0.53 -6.01 -7.27
N SER A 61 -0.16 -5.72 -6.01
CA SER A 61 0.82 -4.69 -5.68
C SER A 61 2.24 -5.22 -5.81
N ASP A 62 3.22 -4.31 -5.79
CA ASP A 62 4.65 -4.63 -5.70
C ASP A 62 5.01 -5.01 -4.27
N LEU A 63 4.51 -6.15 -3.82
CA LEU A 63 4.71 -6.67 -2.48
C LEU A 63 6.02 -7.45 -2.43
N SER A 64 7.12 -6.81 -2.83
CA SER A 64 8.42 -7.45 -2.91
C SER A 64 9.22 -7.26 -1.61
N HIS A 65 9.54 -6.03 -1.21
CA HIS A 65 10.43 -5.77 -0.07
C HIS A 65 9.93 -4.65 0.86
N VAL A 66 8.61 -4.49 0.94
CA VAL A 66 7.96 -3.51 1.80
C VAL A 66 8.06 -3.97 3.26
N GLN A 67 8.38 -3.05 4.17
CA GLN A 67 8.21 -3.27 5.60
C GLN A 67 6.73 -3.18 5.96
N ASN A 68 6.06 -2.11 5.53
CA ASN A 68 4.72 -1.79 6.03
C ASN A 68 3.69 -2.24 5.00
N LYS A 69 3.41 -3.53 4.97
CA LYS A 69 2.43 -4.10 4.06
C LYS A 69 1.05 -3.45 4.23
N SER A 70 0.71 -2.95 5.42
CA SER A 70 -0.57 -2.24 5.59
C SER A 70 -0.58 -0.88 4.91
N ALA A 71 0.57 -0.23 4.76
CA ALA A 71 0.65 1.03 4.03
C ALA A 71 0.14 0.88 2.61
N PHE A 72 0.50 -0.23 1.93
CA PHE A 72 0.02 -0.51 0.59
C PHE A 72 -1.50 -0.72 0.62
N LEU A 73 -2.05 -1.35 1.67
CA LEU A 73 -3.47 -1.56 1.82
C LEU A 73 -4.17 -0.20 1.99
N CYS A 74 -3.71 0.59 2.96
CA CYS A 74 -4.30 1.84 3.41
C CYS A 74 -4.53 2.78 2.22
N GLY A 75 -3.57 2.78 1.29
CA GLY A 75 -3.64 3.54 0.05
C GLY A 75 -4.78 3.07 -0.84
N VAL A 76 -4.91 1.76 -1.09
CA VAL A 76 -6.01 1.27 -1.91
C VAL A 76 -7.32 1.58 -1.20
N MET A 77 -7.48 1.25 0.10
CA MET A 77 -8.75 1.56 0.76
C MET A 77 -9.12 3.06 0.76
N LYS A 78 -8.18 3.98 0.48
CA LYS A 78 -8.47 5.42 0.43
C LYS A 78 -8.70 5.91 -1.00
N THR A 79 -7.97 5.40 -1.99
CA THR A 79 -8.26 5.65 -3.40
C THR A 79 -9.59 5.04 -3.81
N TYR A 80 -9.84 3.74 -3.58
CA TYR A 80 -10.94 3.04 -4.27
C TYR A 80 -12.32 3.64 -3.97
N ARG A 81 -12.49 4.28 -2.81
CA ARG A 81 -13.73 4.94 -2.41
C ARG A 81 -14.15 6.02 -3.40
N GLN A 82 -13.23 6.50 -4.24
CA GLN A 82 -13.52 7.52 -5.24
C GLN A 82 -14.59 7.11 -6.24
N ARG A 83 -14.85 5.82 -6.41
CA ARG A 83 -16.00 5.39 -7.20
C ARG A 83 -17.28 5.63 -6.39
N GLU A 84 -17.44 5.04 -5.20
CA GLU A 84 -18.66 5.18 -4.40
C GLU A 84 -18.91 6.60 -3.86
N LYS A 85 -17.87 7.39 -3.63
CA LYS A 85 -17.96 8.80 -3.24
C LYS A 85 -16.75 9.56 -3.77
N GLN A 86 -16.92 10.29 -4.86
CA GLN A 86 -15.96 11.29 -5.31
C GLN A 86 -15.90 12.39 -4.26
N GLY A 87 -14.71 12.72 -3.78
CA GLY A 87 -14.53 13.85 -2.87
C GLY A 87 -13.19 13.86 -2.14
N THR A 88 -12.36 12.84 -2.36
CA THR A 88 -11.03 12.67 -1.80
C THR A 88 -10.07 12.59 -3.00
N LYS A 89 -9.22 13.60 -3.15
CA LYS A 89 -8.19 13.58 -4.17
C LYS A 89 -7.10 12.61 -3.74
N VAL A 90 -6.41 12.03 -4.70
CA VAL A 90 -5.23 11.22 -4.49
C VAL A 90 -4.22 11.70 -5.52
N ALA A 91 -3.42 12.67 -5.11
CA ALA A 91 -2.19 13.07 -5.77
C ALA A 91 -1.04 12.33 -5.09
N ASP A 92 -0.12 11.79 -5.86
CA ASP A 92 1.10 11.18 -5.31
C ASP A 92 2.12 12.28 -4.96
N SER A 93 2.97 12.06 -3.95
CA SER A 93 3.91 13.05 -3.43
C SER A 93 5.27 12.87 -4.11
N SER A 94 5.99 13.97 -4.28
CA SER A 94 7.20 14.01 -5.08
C SER A 94 7.93 15.29 -4.68
N LYS A 95 9.02 15.16 -3.93
CA LYS A 95 9.74 16.24 -3.24
C LYS A 95 11.24 16.11 -3.47
N GLY A 96 12.00 17.19 -3.22
CA GLY A 96 13.45 17.21 -3.28
C GLY A 96 14.05 17.36 -1.89
N PRO A 97 14.24 16.26 -1.14
CA PRO A 97 15.10 16.28 0.05
C PRO A 97 16.57 16.48 -0.36
N ASP A 98 17.42 16.79 0.63
CA ASP A 98 18.82 17.17 0.47
C ASP A 98 19.67 16.35 1.43
N GLU A 99 20.32 15.28 0.96
CA GLU A 99 21.02 14.34 1.84
C GLU A 99 22.28 13.70 1.22
N ALA A 100 22.45 13.73 -0.10
CA ALA A 100 23.58 13.13 -0.82
C ALA A 100 24.69 14.16 -0.92
N LYS A 101 25.55 14.19 0.09
CA LYS A 101 26.76 15.02 0.09
C LYS A 101 27.89 14.34 -0.69
N ILE A 102 29.10 14.89 -0.59
CA ILE A 102 30.28 14.35 -1.24
C ILE A 102 31.29 14.11 -0.11
N LYS A 103 32.07 15.12 0.28
CA LYS A 103 33.07 15.11 1.37
C LYS A 103 34.24 14.15 1.13
N ALA A 104 34.09 13.05 0.39
CA ALA A 104 35.10 12.00 0.22
C ALA A 104 35.43 11.79 -1.27
N LEU A 105 35.22 12.81 -2.11
CA LEU A 105 35.48 12.80 -3.54
C LEU A 105 35.86 14.23 -3.91
N LEU A 106 36.65 14.40 -4.96
CA LEU A 106 36.96 15.72 -5.54
C LEU A 106 36.87 15.71 -7.07
N GLU A 107 37.06 14.54 -7.65
CA GLU A 107 37.11 14.29 -9.07
C GLU A 107 35.70 14.40 -9.68
N ARG A 108 35.33 15.58 -10.16
CA ARG A 108 34.31 15.77 -11.16
C ARG A 108 34.56 17.14 -11.81
N THR A 109 33.73 17.51 -12.78
CA THR A 109 33.51 18.87 -13.18
C THR A 109 32.00 18.97 -13.35
N GLY A 110 31.47 20.15 -13.04
CA GLY A 110 30.22 20.63 -13.63
C GLY A 110 30.55 21.26 -14.98
N TYR A 111 29.61 22.04 -15.51
CA TYR A 111 29.85 22.98 -16.59
C TYR A 111 29.69 24.38 -16.02
N THR A 112 30.34 25.35 -16.65
CA THR A 112 30.26 26.80 -16.47
C THR A 112 31.36 27.36 -17.39
N LEU A 113 31.29 28.66 -17.72
CA LEU A 113 32.36 29.44 -18.31
C LEU A 113 31.99 30.91 -18.14
N ASP A 114 32.90 31.82 -18.51
CA ASP A 114 32.71 33.28 -18.50
C ASP A 114 31.78 33.77 -19.63
N VAL A 115 30.91 32.90 -20.16
CA VAL A 115 29.89 33.23 -21.15
C VAL A 115 28.59 32.51 -20.76
N THR A 116 27.52 32.70 -21.53
CA THR A 116 26.24 32.01 -21.40
C THR A 116 26.46 30.52 -21.64
N THR A 117 26.76 29.79 -20.57
CA THR A 117 27.15 28.38 -20.62
C THR A 117 26.26 27.59 -19.65
N GLY A 118 25.02 27.32 -20.06
CA GLY A 118 24.05 26.54 -19.31
C GLY A 118 22.76 26.49 -20.10
N GLY A 1 2.22 -22.20 -0.38
CA GLY A 1 1.10 -21.27 -0.46
C GLY A 1 1.63 -19.90 -0.85
N SER A 2 1.28 -18.88 -0.08
CA SER A 2 1.74 -17.51 -0.24
C SER A 2 2.43 -17.07 1.05
N GLU A 3 2.90 -15.83 1.08
CA GLU A 3 3.84 -15.36 2.09
C GLU A 3 3.22 -14.34 3.03
N ASN A 4 1.91 -14.11 2.90
CA ASN A 4 1.18 -13.20 3.78
C ASN A 4 0.39 -13.91 4.87
N PHE A 5 0.01 -15.18 4.70
CA PHE A 5 -1.00 -15.79 5.57
C PHE A 5 -0.55 -15.80 7.02
N GLN A 6 0.73 -16.11 7.25
CA GLN A 6 1.32 -16.18 8.57
C GLN A 6 1.79 -14.81 9.04
N THR A 7 2.26 -13.91 8.17
CA THR A 7 2.81 -12.64 8.64
C THR A 7 1.70 -11.79 9.25
N LEU A 8 0.50 -11.80 8.66
CA LEU A 8 -0.65 -11.07 9.20
C LEU A 8 -0.96 -11.58 10.60
N LEU A 9 -0.89 -12.89 10.75
CA LEU A 9 -1.13 -13.57 12.01
C LEU A 9 -0.17 -13.11 13.09
N ASP A 10 1.08 -12.80 12.76
CA ASP A 10 2.06 -12.34 13.76
C ASP A 10 2.23 -10.83 13.80
N ALA A 11 1.57 -10.10 12.91
CA ALA A 11 1.59 -8.64 12.87
C ALA A 11 0.68 -8.01 13.92
N GLY A 12 -0.11 -8.81 14.64
CA GLY A 12 -1.06 -8.36 15.63
C GLY A 12 -2.52 -8.71 15.30
N LEU A 13 -2.77 -9.51 14.26
CA LEU A 13 -4.09 -9.68 13.65
C LEU A 13 -4.57 -11.13 13.87
N PRO A 14 -5.89 -11.38 13.96
CA PRO A 14 -6.51 -12.68 14.22
C PRO A 14 -6.48 -13.62 13.01
N GLN A 15 -6.62 -14.92 13.28
CA GLN A 15 -6.75 -16.01 12.30
C GLN A 15 -7.72 -15.63 11.18
N LYS A 16 -8.97 -15.35 11.56
CA LYS A 16 -10.10 -15.08 10.68
C LYS A 16 -9.82 -14.00 9.63
N VAL A 17 -9.04 -12.97 9.96
CA VAL A 17 -8.76 -11.90 9.01
C VAL A 17 -7.79 -12.43 7.96
N ALA A 18 -6.67 -13.03 8.40
CA ALA A 18 -5.74 -13.68 7.49
C ALA A 18 -6.46 -14.68 6.57
N GLU A 19 -7.42 -15.44 7.11
CA GLU A 19 -8.22 -16.44 6.39
C GLU A 19 -9.11 -15.86 5.28
N LYS A 20 -9.30 -14.53 5.19
CA LYS A 20 -9.98 -13.88 4.07
C LYS A 20 -9.01 -13.07 3.20
N LEU A 21 -7.76 -12.93 3.64
CA LEU A 21 -6.77 -12.05 3.02
C LEU A 21 -5.73 -12.86 2.26
N ASP A 22 -5.41 -14.05 2.74
CA ASP A 22 -4.48 -14.98 2.12
C ASP A 22 -4.72 -15.13 0.62
N GLU A 23 -5.95 -15.41 0.23
CA GLU A 23 -6.27 -15.80 -1.10
C GLU A 23 -6.20 -14.63 -2.10
N ILE A 24 -6.32 -13.38 -1.61
CA ILE A 24 -6.15 -12.19 -2.44
C ILE A 24 -4.73 -12.24 -3.04
N TYR A 25 -3.75 -12.72 -2.27
CA TYR A 25 -2.37 -12.93 -2.72
C TYR A 25 -2.18 -14.25 -3.49
N VAL A 26 -3.24 -14.86 -4.00
CA VAL A 26 -3.18 -16.05 -4.86
C VAL A 26 -3.98 -15.82 -6.16
N ALA A 27 -4.80 -14.75 -6.22
CA ALA A 27 -5.77 -14.50 -7.27
C ALA A 27 -5.41 -13.29 -8.16
N GLY A 28 -4.14 -12.87 -8.16
CA GLY A 28 -3.63 -11.77 -8.99
C GLY A 28 -4.26 -10.41 -8.69
N LEU A 29 -4.87 -10.26 -7.50
CA LEU A 29 -5.60 -9.08 -7.10
C LEU A 29 -4.62 -7.99 -6.63
N VAL A 30 -3.36 -8.32 -6.35
CA VAL A 30 -2.44 -7.47 -5.61
C VAL A 30 -0.98 -7.71 -5.98
N ALA A 31 -0.14 -6.78 -5.53
CA ALA A 31 1.27 -6.74 -5.86
C ALA A 31 2.22 -7.34 -4.81
N HIS A 32 1.73 -7.93 -3.72
CA HIS A 32 2.48 -8.20 -2.48
C HIS A 32 2.63 -6.87 -1.74
N SER A 33 3.41 -5.97 -2.30
CA SER A 33 3.61 -4.57 -1.90
C SER A 33 2.42 -3.69 -2.30
N ASP A 34 1.19 -4.20 -2.19
CA ASP A 34 0.00 -3.42 -2.45
C ASP A 34 -0.19 -2.40 -1.31
N LEU A 35 -0.44 -2.86 -0.09
CA LEU A 35 -0.73 -1.99 1.02
C LEU A 35 0.58 -1.41 1.54
N ASP A 36 0.82 -0.14 1.22
CA ASP A 36 1.83 0.65 1.90
C ASP A 36 1.42 0.97 3.33
N GLU A 37 2.34 1.59 4.05
CA GLU A 37 2.37 1.69 5.50
C GLU A 37 1.09 2.34 6.02
N ARG A 38 0.58 3.30 5.25
CA ARG A 38 -0.56 4.12 5.60
C ARG A 38 -1.85 3.30 5.56
N ALA A 39 -1.95 2.33 4.64
CA ALA A 39 -3.05 1.38 4.65
C ALA A 39 -2.82 0.35 5.75
N ILE A 40 -1.58 -0.15 5.93
CA ILE A 40 -1.23 -1.17 6.92
C ILE A 40 -1.55 -0.73 8.35
N GLU A 41 -1.30 0.53 8.72
CA GLU A 41 -1.63 1.10 10.02
C GLU A 41 -3.13 1.01 10.30
N ALA A 42 -3.94 1.39 9.31
CA ALA A 42 -5.39 1.31 9.42
C ALA A 42 -5.84 -0.15 9.51
N LEU A 43 -5.12 -1.03 8.81
CA LEU A 43 -5.36 -2.46 8.76
C LEU A 43 -4.57 -3.15 9.89
N LYS A 44 -4.55 -2.53 11.06
CA LYS A 44 -4.03 -3.05 12.30
C LYS A 44 -5.10 -2.83 13.37
N GLU A 45 -5.59 -1.61 13.48
CA GLU A 45 -6.52 -1.10 14.49
C GLU A 45 -7.98 -1.58 14.22
N PHE A 46 -8.24 -2.88 14.06
CA PHE A 46 -9.60 -3.42 13.90
C PHE A 46 -9.94 -4.53 14.89
N ASN A 47 -11.25 -4.74 15.07
CA ASN A 47 -11.95 -5.83 15.76
C ASN A 47 -12.20 -7.01 14.80
N GLU A 48 -12.79 -8.08 15.32
CA GLU A 48 -13.17 -9.32 14.63
C GLU A 48 -13.86 -9.10 13.29
N ASP A 49 -14.75 -8.13 13.17
CA ASP A 49 -15.48 -7.86 11.92
C ASP A 49 -14.90 -6.65 11.17
N GLY A 50 -13.97 -5.92 11.79
CA GLY A 50 -13.56 -4.58 11.38
C GLY A 50 -12.50 -4.51 10.27
N ALA A 51 -11.81 -5.60 9.95
CA ALA A 51 -11.16 -5.79 8.65
C ALA A 51 -12.07 -6.61 7.74
N LEU A 52 -12.71 -7.67 8.23
CA LEU A 52 -13.48 -8.59 7.38
C LEU A 52 -14.53 -7.85 6.54
N ALA A 53 -15.19 -6.84 7.11
CA ALA A 53 -16.22 -6.03 6.49
C ALA A 53 -15.64 -4.94 5.58
N VAL A 54 -14.35 -5.04 5.26
CA VAL A 54 -13.61 -4.14 4.41
C VAL A 54 -13.03 -4.93 3.26
N LEU A 55 -12.27 -5.97 3.60
CA LEU A 55 -11.75 -6.98 2.70
C LEU A 55 -12.82 -7.56 1.78
N GLN A 56 -14.08 -7.57 2.20
CA GLN A 56 -15.18 -8.07 1.40
C GLN A 56 -15.33 -7.28 0.09
N GLN A 57 -15.77 -6.02 0.12
CA GLN A 57 -15.86 -5.16 -1.07
C GLN A 57 -14.52 -5.11 -1.79
N PHE A 58 -13.39 -5.12 -1.06
CA PHE A 58 -12.05 -5.02 -1.65
C PHE A 58 -11.80 -6.10 -2.72
N LYS A 59 -12.20 -7.35 -2.47
CA LYS A 59 -12.15 -8.46 -3.43
C LYS A 59 -12.96 -8.17 -4.69
N ASP A 60 -14.13 -7.60 -4.49
CA ASP A 60 -15.21 -7.57 -5.47
C ASP A 60 -15.30 -6.21 -6.20
N SER A 61 -14.39 -5.31 -5.88
CA SER A 61 -14.29 -3.97 -6.42
C SER A 61 -13.92 -3.93 -7.90
N ASP A 62 -14.13 -2.75 -8.51
CA ASP A 62 -13.75 -2.35 -9.84
C ASP A 62 -12.25 -2.04 -9.93
N LEU A 63 -11.41 -3.02 -9.66
CA LEU A 63 -9.94 -2.94 -9.67
C LEU A 63 -9.34 -2.81 -11.08
N SER A 64 -10.12 -2.48 -12.09
CA SER A 64 -9.69 -2.24 -13.45
C SER A 64 -8.84 -0.97 -13.52
N HIS A 65 -7.58 -1.09 -13.94
CA HIS A 65 -6.65 -0.03 -14.34
C HIS A 65 -6.54 1.19 -13.41
N VAL A 66 -6.85 0.99 -12.14
CA VAL A 66 -6.72 1.94 -11.04
C VAL A 66 -5.30 2.53 -10.97
N GLN A 67 -5.19 3.73 -10.38
CA GLN A 67 -3.94 4.38 -10.02
C GLN A 67 -3.23 3.60 -8.91
N ASN A 68 -3.85 3.44 -7.74
CA ASN A 68 -3.18 3.02 -6.52
C ASN A 68 -4.04 1.98 -5.80
N LYS A 69 -3.79 0.68 -6.04
CA LYS A 69 -4.53 -0.43 -5.44
C LYS A 69 -4.75 -0.23 -3.92
N SER A 70 -3.77 0.28 -3.18
CA SER A 70 -3.88 0.45 -1.73
C SER A 70 -4.98 1.44 -1.34
N ALA A 71 -5.11 2.50 -2.12
CA ALA A 71 -6.07 3.57 -1.83
C ALA A 71 -7.51 3.15 -2.17
N PHE A 72 -7.70 1.99 -2.81
CA PHE A 72 -8.99 1.37 -2.92
C PHE A 72 -9.44 0.91 -1.52
N LEU A 73 -8.53 0.28 -0.76
CA LEU A 73 -8.86 -0.25 0.54
C LEU A 73 -9.09 0.88 1.56
N CYS A 74 -8.41 2.00 1.36
CA CYS A 74 -8.47 3.14 2.29
C CYS A 74 -9.82 3.88 2.24
N GLY A 75 -10.64 3.62 1.21
CA GLY A 75 -11.97 4.17 1.03
C GLY A 75 -12.98 3.31 1.77
N VAL A 76 -13.11 2.03 1.40
CA VAL A 76 -14.12 1.14 1.96
C VAL A 76 -14.00 1.08 3.49
N MET A 77 -12.77 1.13 4.03
CA MET A 77 -12.52 1.08 5.47
C MET A 77 -13.11 2.29 6.22
N LYS A 78 -13.68 3.28 5.53
CA LYS A 78 -14.33 4.44 6.12
C LYS A 78 -15.82 4.53 5.74
N THR A 79 -16.29 3.78 4.74
CA THR A 79 -17.70 3.50 4.52
C THR A 79 -18.18 2.59 5.64
N TYR A 80 -17.67 1.35 5.76
CA TYR A 80 -18.30 0.33 6.60
C TYR A 80 -18.49 0.78 8.06
N ARG A 81 -17.53 1.55 8.62
CA ARG A 81 -17.59 2.03 10.00
C ARG A 81 -18.91 2.72 10.30
N GLN A 82 -19.51 3.43 9.34
CA GLN A 82 -20.74 4.20 9.53
C GLN A 82 -21.86 3.31 10.10
N ARG A 83 -21.96 2.05 9.66
CA ARG A 83 -22.94 1.09 10.17
C ARG A 83 -22.76 0.92 11.69
N GLU A 84 -21.52 0.81 12.16
CA GLU A 84 -21.17 0.56 13.54
C GLU A 84 -21.23 1.85 14.35
N LYS A 85 -20.32 2.80 14.09
CA LYS A 85 -20.10 4.02 14.86
C LYS A 85 -19.13 4.95 14.11
N GLN A 86 -19.04 6.21 14.55
CA GLN A 86 -18.10 7.18 14.02
C GLN A 86 -17.54 8.00 15.18
N GLY A 87 -16.61 7.41 15.93
CA GLY A 87 -15.96 8.07 17.05
C GLY A 87 -14.53 7.58 17.18
N THR A 88 -13.82 7.41 16.06
CA THR A 88 -12.47 6.89 16.01
C THR A 88 -11.74 7.63 14.89
N LYS A 89 -10.56 8.20 15.19
CA LYS A 89 -9.61 8.60 14.16
C LYS A 89 -8.21 8.33 14.68
N VAL A 90 -7.43 7.63 13.87
CA VAL A 90 -6.05 7.24 13.96
C VAL A 90 -5.73 7.28 12.46
N ALA A 91 -4.87 8.19 12.02
CA ALA A 91 -4.48 8.34 10.63
C ALA A 91 -3.18 9.15 10.58
N ASP A 92 -2.34 8.83 9.61
CA ASP A 92 -0.94 9.19 9.60
C ASP A 92 -0.40 8.99 8.17
N SER A 93 0.77 9.56 7.88
CA SER A 93 1.49 9.46 6.63
C SER A 93 2.88 10.04 6.90
N SER A 94 3.96 9.36 6.53
CA SER A 94 5.26 10.02 6.32
C SER A 94 6.07 9.16 5.36
N LYS A 95 5.78 9.23 4.06
CA LYS A 95 6.60 8.59 3.04
C LYS A 95 6.47 9.31 1.70
N GLY A 96 7.51 9.19 0.88
CA GLY A 96 7.69 9.80 -0.42
C GLY A 96 9.18 9.77 -0.75
N PRO A 97 9.73 8.63 -1.22
CA PRO A 97 11.10 8.56 -1.73
C PRO A 97 11.21 9.33 -3.05
N ASP A 98 12.43 9.50 -3.56
CA ASP A 98 12.69 9.58 -4.99
C ASP A 98 14.19 9.47 -5.20
N GLU A 99 14.64 8.84 -6.29
CA GLU A 99 16.04 8.72 -6.63
C GLU A 99 16.32 9.15 -8.09
N ALA A 100 17.39 9.93 -8.29
CA ALA A 100 17.72 10.60 -9.55
C ALA A 100 19.24 10.80 -9.67
N LYS A 101 19.97 9.71 -9.90
CA LYS A 101 21.41 9.68 -10.24
C LYS A 101 21.74 10.44 -11.53
N ILE A 102 23.02 10.45 -11.91
CA ILE A 102 23.53 11.04 -13.15
C ILE A 102 22.83 10.46 -14.39
N LYS A 103 22.62 9.14 -14.45
CA LYS A 103 22.10 8.28 -15.51
C LYS A 103 22.96 8.29 -16.76
N ALA A 104 23.18 9.48 -17.31
CA ALA A 104 24.10 9.76 -18.39
C ALA A 104 24.52 11.23 -18.26
N LEU A 105 25.82 11.48 -18.26
CA LEU A 105 26.43 12.75 -18.61
C LEU A 105 27.85 12.41 -19.08
N LEU A 106 28.53 13.31 -19.79
CA LEU A 106 29.93 13.20 -20.11
C LEU A 106 30.51 14.61 -20.21
N GLU A 107 31.79 14.75 -19.86
CA GLU A 107 32.62 15.91 -20.09
C GLU A 107 34.05 15.38 -20.22
N ARG A 108 34.94 16.09 -20.92
CA ARG A 108 36.41 15.93 -20.95
C ARG A 108 37.01 16.86 -22.01
N THR A 109 36.50 18.08 -22.18
CA THR A 109 36.96 19.02 -23.18
C THR A 109 36.40 20.37 -22.75
N GLY A 110 37.17 21.42 -23.00
CA GLY A 110 36.89 22.81 -22.66
C GLY A 110 37.95 23.67 -23.35
N TYR A 111 37.94 24.96 -23.08
CA TYR A 111 39.00 25.86 -23.53
C TYR A 111 40.30 25.57 -22.78
N THR A 112 41.39 26.09 -23.32
CA THR A 112 42.73 25.97 -22.78
C THR A 112 43.61 27.14 -23.29
N LEU A 113 43.00 28.22 -23.77
CA LEU A 113 43.65 29.22 -24.60
C LEU A 113 43.23 30.58 -24.10
N ASP A 114 44.18 31.30 -23.51
CA ASP A 114 44.02 32.55 -22.76
C ASP A 114 43.28 33.63 -23.56
N VAL A 115 43.40 33.59 -24.88
CA VAL A 115 42.90 34.62 -25.79
C VAL A 115 41.41 34.40 -26.13
N THR A 116 40.78 33.30 -25.71
CA THR A 116 39.45 32.90 -26.14
C THR A 116 38.62 32.27 -25.01
N THR A 117 39.00 32.50 -23.75
CA THR A 117 38.42 31.83 -22.59
C THR A 117 37.79 32.80 -21.58
N GLY A 118 37.60 34.07 -21.96
CA GLY A 118 36.91 35.09 -21.19
C GLY A 118 36.24 36.04 -22.17
N GLY A 1 12.17 -5.73 4.77
CA GLY A 1 12.47 -5.65 3.34
C GLY A 1 11.40 -6.35 2.52
N SER A 2 10.87 -5.70 1.48
CA SER A 2 9.98 -6.29 0.49
C SER A 2 10.05 -5.41 -0.75
N GLU A 3 9.57 -5.93 -1.88
CA GLU A 3 9.30 -5.20 -3.11
C GLU A 3 8.36 -4.02 -2.83
N ASN A 4 7.27 -4.23 -2.10
CA ASN A 4 6.22 -3.21 -1.97
C ASN A 4 6.66 -2.01 -1.13
N PHE A 5 7.73 -2.14 -0.35
CA PHE A 5 8.17 -1.16 0.63
C PHE A 5 8.35 0.21 -0.02
N GLN A 6 8.96 0.23 -1.20
CA GLN A 6 9.27 1.46 -1.91
C GLN A 6 8.06 2.04 -2.64
N THR A 7 7.02 1.26 -2.98
CA THR A 7 5.86 1.87 -3.63
C THR A 7 5.08 2.69 -2.62
N LEU A 8 4.85 2.15 -1.42
CA LEU A 8 4.13 2.84 -0.35
C LEU A 8 4.73 4.23 -0.12
N LEU A 9 6.06 4.23 -0.01
CA LEU A 9 6.85 5.42 0.26
C LEU A 9 6.67 6.52 -0.77
N ASP A 10 6.40 6.17 -2.03
CA ASP A 10 6.21 7.15 -3.10
C ASP A 10 4.75 7.46 -3.37
N ALA A 11 3.86 6.56 -2.97
CA ALA A 11 2.43 6.66 -3.10
C ALA A 11 1.84 7.66 -2.11
N GLY A 12 2.67 8.44 -1.44
CA GLY A 12 2.26 9.49 -0.55
C GLY A 12 2.29 9.08 0.92
N LEU A 13 2.80 7.88 1.22
CA LEU A 13 2.75 7.30 2.58
C LEU A 13 4.15 7.41 3.19
N PRO A 14 4.25 7.53 4.52
CA PRO A 14 5.53 7.76 5.18
C PRO A 14 6.29 6.46 5.41
N GLN A 15 7.61 6.58 5.61
CA GLN A 15 8.49 5.46 5.91
C GLN A 15 7.98 4.62 7.08
N LYS A 16 7.56 5.26 8.19
CA LYS A 16 7.04 4.57 9.37
C LYS A 16 5.83 3.68 9.08
N VAL A 17 4.99 4.07 8.13
CA VAL A 17 3.83 3.27 7.78
C VAL A 17 4.33 2.06 6.97
N ALA A 18 5.17 2.27 5.96
CA ALA A 18 5.73 1.20 5.11
C ALA A 18 6.47 0.15 5.93
N GLU A 19 7.25 0.60 6.92
CA GLU A 19 8.03 -0.21 7.84
C GLU A 19 7.19 -1.27 8.54
N LYS A 20 5.96 -0.94 8.95
CA LYS A 20 5.12 -1.85 9.73
C LYS A 20 4.27 -2.76 8.83
N LEU A 21 4.41 -2.62 7.50
CA LEU A 21 3.68 -3.35 6.49
C LEU A 21 4.58 -4.33 5.75
N ASP A 22 5.84 -3.99 5.43
CA ASP A 22 6.68 -4.88 4.62
C ASP A 22 6.72 -6.30 5.16
N GLU A 23 6.85 -6.45 6.48
CA GLU A 23 7.09 -7.73 7.11
C GLU A 23 5.89 -8.66 6.95
N ILE A 24 4.68 -8.11 6.85
CA ILE A 24 3.42 -8.84 6.71
C ILE A 24 3.53 -9.69 5.43
N TYR A 25 4.11 -9.15 4.36
CA TYR A 25 4.26 -9.87 3.10
C TYR A 25 5.39 -10.90 3.10
N VAL A 26 6.21 -10.95 4.14
CA VAL A 26 7.31 -11.91 4.30
C VAL A 26 6.86 -13.03 5.24
N ALA A 27 6.07 -12.68 6.26
CA ALA A 27 5.61 -13.58 7.31
C ALA A 27 4.60 -14.64 6.85
N GLY A 28 4.36 -14.77 5.54
CA GLY A 28 3.40 -15.73 4.98
C GLY A 28 1.95 -15.39 5.31
N LEU A 29 1.69 -14.15 5.76
CA LEU A 29 0.35 -13.69 6.12
C LEU A 29 -0.49 -13.38 4.87
N VAL A 30 0.15 -12.98 3.77
CA VAL A 30 -0.53 -12.59 2.54
C VAL A 30 0.39 -12.72 1.33
N ALA A 31 -0.22 -12.82 0.16
CA ALA A 31 0.39 -12.50 -1.12
C ALA A 31 0.36 -10.99 -1.31
N HIS A 32 1.06 -10.47 -2.32
CA HIS A 32 0.97 -9.05 -2.65
C HIS A 32 -0.40 -8.72 -3.26
N SER A 33 -0.87 -9.57 -4.18
CA SER A 33 -2.04 -9.36 -5.04
C SER A 33 -3.38 -9.48 -4.26
N ASP A 34 -3.33 -9.27 -2.95
CA ASP A 34 -4.42 -9.41 -2.00
C ASP A 34 -5.08 -8.05 -1.71
N LEU A 35 -4.59 -6.95 -2.30
CA LEU A 35 -5.15 -5.62 -2.20
C LEU A 35 -5.88 -5.28 -3.50
N ASP A 36 -6.57 -4.13 -3.51
CA ASP A 36 -7.28 -3.61 -4.67
C ASP A 36 -7.09 -2.10 -4.69
N GLU A 37 -7.46 -1.49 -5.82
CA GLU A 37 -7.43 -0.05 -6.05
C GLU A 37 -8.23 0.69 -4.98
N ARG A 38 -9.33 0.08 -4.54
CA ARG A 38 -10.18 0.64 -3.49
C ARG A 38 -9.43 0.73 -2.17
N ALA A 39 -8.65 -0.31 -1.85
CA ALA A 39 -7.86 -0.32 -0.63
C ALA A 39 -6.71 0.69 -0.75
N ILE A 40 -6.10 0.92 -1.93
CA ILE A 40 -5.07 1.96 -2.13
C ILE A 40 -5.63 3.29 -1.65
N GLU A 41 -6.76 3.73 -2.21
CA GLU A 41 -7.23 5.10 -1.98
C GLU A 41 -7.55 5.33 -0.52
N ALA A 42 -8.17 4.35 0.14
CA ALA A 42 -8.45 4.41 1.57
C ALA A 42 -7.15 4.39 2.39
N LEU A 43 -6.13 3.66 1.92
CA LEU A 43 -4.78 3.63 2.46
C LEU A 43 -3.94 4.84 2.04
N LYS A 44 -4.52 5.88 1.44
CA LYS A 44 -3.82 7.13 1.11
C LYS A 44 -4.37 8.31 1.92
N GLU A 45 -5.27 8.06 2.86
CA GLU A 45 -6.04 9.10 3.53
C GLU A 45 -6.15 8.83 5.04
N PHE A 46 -5.03 8.46 5.67
CA PHE A 46 -4.91 8.29 7.13
C PHE A 46 -3.89 9.29 7.66
N ASN A 47 -3.84 9.47 8.99
CA ASN A 47 -2.83 10.26 9.67
C ASN A 47 -1.52 9.46 9.81
N GLU A 48 -0.61 9.91 10.67
CA GLU A 48 0.58 9.19 11.10
C GLU A 48 0.21 7.79 11.59
N ASP A 49 -0.63 7.71 12.62
CA ASP A 49 -0.91 6.52 13.42
C ASP A 49 -1.99 5.65 12.78
N GLY A 50 -2.85 6.27 11.95
CA GLY A 50 -4.06 5.63 11.45
C GLY A 50 -3.75 4.36 10.68
N ALA A 51 -2.75 4.40 9.79
CA ALA A 51 -2.34 3.23 9.05
C ALA A 51 -1.84 2.15 10.01
N LEU A 52 -0.97 2.51 10.96
CA LEU A 52 -0.35 1.59 11.92
C LEU A 52 -1.45 0.80 12.64
N ALA A 53 -2.53 1.47 13.03
CA ALA A 53 -3.61 0.89 13.80
C ALA A 53 -4.34 -0.17 12.97
N VAL A 54 -4.50 0.11 11.69
CA VAL A 54 -5.26 -0.68 10.73
C VAL A 54 -4.40 -1.87 10.28
N LEU A 55 -3.10 -1.65 10.06
CA LEU A 55 -2.13 -2.68 9.72
C LEU A 55 -2.11 -3.76 10.78
N GLN A 56 -2.14 -3.33 12.05
CA GLN A 56 -2.01 -4.23 13.18
C GLN A 56 -3.10 -5.30 13.15
N GLN A 57 -4.36 -4.90 13.29
CA GLN A 57 -5.48 -5.85 13.36
C GLN A 57 -5.58 -6.74 12.11
N PHE A 58 -5.15 -6.27 10.93
CA PHE A 58 -5.14 -7.07 9.72
C PHE A 58 -4.19 -8.26 9.81
N LYS A 59 -3.03 -8.09 10.46
CA LYS A 59 -2.10 -9.20 10.72
C LYS A 59 -2.81 -10.29 11.53
N ASP A 60 -3.78 -9.90 12.34
CA ASP A 60 -4.42 -10.70 13.37
C ASP A 60 -5.88 -10.91 12.97
N SER A 61 -6.07 -11.56 11.83
CA SER A 61 -7.37 -11.83 11.23
C SER A 61 -7.42 -13.23 10.59
N ASP A 62 -8.63 -13.70 10.24
CA ASP A 62 -8.83 -14.96 9.54
C ASP A 62 -8.44 -14.79 8.08
N LEU A 63 -7.24 -15.22 7.75
CA LEU A 63 -6.77 -15.27 6.38
C LEU A 63 -6.59 -16.77 6.03
N SER A 64 -7.56 -17.57 6.49
CA SER A 64 -7.68 -18.99 6.21
C SER A 64 -8.68 -19.21 5.07
N HIS A 65 -9.88 -18.61 5.15
CA HIS A 65 -10.97 -18.89 4.20
C HIS A 65 -11.65 -17.61 3.65
N VAL A 66 -11.10 -16.43 3.94
CA VAL A 66 -11.59 -15.14 3.44
C VAL A 66 -11.65 -15.14 1.90
N GLN A 67 -12.80 -14.79 1.32
CA GLN A 67 -12.93 -14.61 -0.12
C GLN A 67 -12.14 -13.36 -0.55
N ASN A 68 -12.59 -12.17 -0.12
CA ASN A 68 -12.00 -10.91 -0.54
C ASN A 68 -10.99 -10.46 0.51
N LYS A 69 -9.71 -10.59 0.19
CA LYS A 69 -8.68 -10.15 1.11
C LYS A 69 -8.74 -8.64 1.36
N SER A 70 -8.80 -7.81 0.32
CA SER A 70 -8.64 -6.36 0.42
C SER A 70 -9.73 -5.76 1.32
N ALA A 71 -10.95 -6.28 1.18
CA ALA A 71 -12.10 -5.80 1.93
C ALA A 71 -11.91 -5.93 3.44
N PHE A 72 -11.17 -6.94 3.90
CA PHE A 72 -10.91 -7.11 5.33
C PHE A 72 -10.17 -5.87 5.86
N LEU A 73 -9.21 -5.34 5.09
CA LEU A 73 -8.42 -4.18 5.49
C LEU A 73 -9.28 -2.92 5.46
N CYS A 74 -10.10 -2.76 4.41
CA CYS A 74 -11.07 -1.69 4.31
C CYS A 74 -12.06 -1.71 5.48
N GLY A 75 -12.45 -2.91 5.93
CA GLY A 75 -13.31 -3.13 7.08
C GLY A 75 -12.69 -2.52 8.34
N VAL A 76 -11.47 -2.91 8.72
CA VAL A 76 -10.82 -2.32 9.90
C VAL A 76 -10.62 -0.82 9.71
N MET A 77 -10.31 -0.32 8.50
CA MET A 77 -10.22 1.12 8.28
C MET A 77 -11.54 1.81 8.67
N LYS A 78 -12.65 1.42 8.05
CA LYS A 78 -13.93 2.11 8.32
C LYS A 78 -14.43 1.83 9.74
N THR A 79 -13.92 0.78 10.40
CA THR A 79 -14.16 0.54 11.82
C THR A 79 -13.38 1.56 12.65
N TYR A 80 -12.05 1.60 12.58
CA TYR A 80 -11.26 2.33 13.57
C TYR A 80 -11.51 3.84 13.41
N ARG A 81 -11.84 4.30 12.19
CA ARG A 81 -12.20 5.70 11.92
C ARG A 81 -13.42 6.16 12.72
N GLN A 82 -14.21 5.26 13.33
CA GLN A 82 -15.24 5.64 14.30
C GLN A 82 -14.62 6.52 15.40
N ARG A 83 -13.42 6.16 15.89
CA ARG A 83 -12.74 6.88 16.97
C ARG A 83 -12.12 8.18 16.47
N GLU A 84 -11.90 8.31 15.16
CA GLU A 84 -11.27 9.47 14.56
C GLU A 84 -12.36 10.46 14.15
N LYS A 85 -13.00 10.23 13.00
CA LYS A 85 -13.89 11.20 12.38
C LYS A 85 -14.83 10.43 11.44
N GLN A 86 -15.97 10.00 11.97
CA GLN A 86 -17.04 9.31 11.26
C GLN A 86 -17.50 10.14 10.07
N GLY A 87 -17.45 9.57 8.87
CA GLY A 87 -17.77 10.28 7.63
C GLY A 87 -17.32 9.52 6.40
N THR A 88 -17.25 8.18 6.46
CA THR A 88 -16.91 7.34 5.31
C THR A 88 -17.52 5.95 5.53
N LYS A 89 -18.46 5.59 4.66
CA LYS A 89 -19.16 4.31 4.62
C LYS A 89 -18.35 3.26 3.83
N VAL A 90 -18.98 2.13 3.53
CA VAL A 90 -18.38 0.91 2.98
C VAL A 90 -18.89 0.57 1.57
N ALA A 91 -19.46 1.56 0.88
CA ALA A 91 -19.96 1.48 -0.48
C ALA A 91 -18.79 1.53 -1.47
N ASP A 92 -17.88 0.56 -1.36
CA ASP A 92 -16.67 0.41 -2.16
C ASP A 92 -16.40 -1.06 -2.46
N SER A 93 -15.89 -1.31 -3.67
CA SER A 93 -15.38 -2.57 -4.23
C SER A 93 -15.01 -2.35 -5.70
N SER A 94 -13.94 -3.00 -6.20
CA SER A 94 -13.71 -3.39 -7.59
C SER A 94 -12.31 -3.99 -7.69
N LYS A 95 -12.21 -5.20 -8.24
CA LYS A 95 -10.96 -5.88 -8.51
C LYS A 95 -10.76 -5.98 -10.02
N GLY A 96 -9.70 -5.39 -10.57
CA GLY A 96 -9.28 -5.60 -11.96
C GLY A 96 -7.91 -4.98 -12.25
N PRO A 97 -6.82 -5.46 -11.63
CA PRO A 97 -5.49 -4.88 -11.77
C PRO A 97 -4.84 -5.16 -13.14
N ASP A 98 -3.69 -4.54 -13.38
CA ASP A 98 -2.92 -4.57 -14.63
C ASP A 98 -1.46 -4.24 -14.34
N GLU A 99 -0.58 -5.24 -14.33
CA GLU A 99 0.88 -5.08 -14.25
C GLU A 99 1.54 -6.06 -15.23
N ALA A 100 2.67 -5.66 -15.84
CA ALA A 100 3.35 -6.40 -16.90
C ALA A 100 4.87 -6.45 -16.70
N LYS A 101 5.54 -5.30 -16.67
CA LYS A 101 6.99 -5.13 -16.59
C LYS A 101 7.32 -3.95 -15.69
N ILE A 102 8.41 -4.01 -14.92
CA ILE A 102 8.75 -2.97 -13.94
C ILE A 102 10.25 -2.69 -14.06
N LYS A 103 11.08 -3.73 -13.98
CA LYS A 103 12.52 -3.64 -14.19
C LYS A 103 12.88 -3.17 -15.61
N ALA A 104 11.96 -3.22 -16.57
CA ALA A 104 12.17 -2.68 -17.91
C ALA A 104 11.83 -1.19 -17.91
N LEU A 105 12.67 -0.37 -17.26
CA LEU A 105 12.50 1.08 -17.19
C LEU A 105 13.80 1.72 -16.71
N LEU A 106 14.61 2.26 -17.63
CA LEU A 106 15.83 3.02 -17.33
C LEU A 106 16.21 3.87 -18.54
N GLU A 107 17.26 4.69 -18.48
CA GLU A 107 17.83 5.39 -19.64
C GLU A 107 19.36 5.59 -19.47
N ARG A 108 20.02 6.31 -20.40
CA ARG A 108 21.45 6.65 -20.37
C ARG A 108 21.88 7.52 -21.58
N THR A 109 21.21 8.62 -21.91
CA THR A 109 21.59 9.42 -23.06
C THR A 109 21.20 10.89 -22.82
N GLY A 110 22.21 11.75 -22.96
CA GLY A 110 22.09 13.20 -22.90
C GLY A 110 23.44 13.85 -22.67
N TYR A 111 24.32 13.85 -23.68
CA TYR A 111 25.59 14.59 -23.68
C TYR A 111 25.95 14.92 -25.13
N THR A 112 26.51 16.11 -25.39
CA THR A 112 27.16 16.44 -26.65
C THR A 112 28.69 16.25 -26.53
N LEU A 113 29.42 16.71 -27.55
CA LEU A 113 30.86 16.91 -27.54
C LEU A 113 31.23 18.09 -26.63
N ASP A 114 32.51 18.47 -26.58
CA ASP A 114 33.00 19.70 -25.95
C ASP A 114 32.69 20.88 -26.88
N VAL A 115 31.39 21.12 -27.09
CA VAL A 115 30.85 22.24 -27.83
C VAL A 115 29.56 22.73 -27.14
N THR A 116 28.92 23.73 -27.74
CA THR A 116 27.64 24.28 -27.38
C THR A 116 26.58 23.46 -28.09
N THR A 117 25.94 22.58 -27.34
CA THR A 117 24.67 21.98 -27.70
C THR A 117 23.78 21.97 -26.47
N GLY A 118 22.55 22.47 -26.63
CA GLY A 118 21.52 22.62 -25.62
C GLY A 118 20.36 23.35 -26.29
N GLY A 1 -23.62 -15.28 10.88
CA GLY A 1 -22.27 -14.81 11.20
C GLY A 1 -22.36 -13.67 12.20
N SER A 2 -22.06 -12.46 11.74
CA SER A 2 -22.12 -11.24 12.53
C SER A 2 -22.55 -10.10 11.62
N GLU A 3 -22.85 -8.95 12.20
CA GLU A 3 -23.25 -7.74 11.47
C GLU A 3 -22.19 -7.34 10.45
N ASN A 4 -20.91 -7.47 10.82
CA ASN A 4 -19.76 -7.08 10.03
C ASN A 4 -19.45 -8.08 8.91
N PHE A 5 -20.23 -9.16 8.76
CA PHE A 5 -20.06 -10.09 7.66
C PHE A 5 -20.49 -9.42 6.35
N GLN A 6 -21.77 -9.06 6.22
CA GLN A 6 -22.34 -8.53 4.99
C GLN A 6 -21.80 -7.14 4.64
N THR A 7 -21.34 -6.34 5.62
CA THR A 7 -20.83 -4.99 5.36
C THR A 7 -19.61 -5.02 4.43
N LEU A 8 -18.89 -6.15 4.40
CA LEU A 8 -17.75 -6.37 3.53
C LEU A 8 -18.24 -6.65 2.12
N LEU A 9 -19.19 -7.59 2.00
CA LEU A 9 -19.79 -7.99 0.74
C LEU A 9 -20.36 -6.77 0.02
N ASP A 10 -21.08 -5.91 0.75
CA ASP A 10 -21.78 -4.77 0.15
C ASP A 10 -20.79 -3.75 -0.38
N ALA A 11 -19.65 -3.61 0.30
CA ALA A 11 -18.74 -2.51 0.13
C ALA A 11 -17.73 -2.73 -0.98
N GLY A 12 -17.57 -3.95 -1.48
CA GLY A 12 -16.66 -4.21 -2.59
C GLY A 12 -15.97 -5.58 -2.53
N LEU A 13 -16.03 -6.26 -1.38
CA LEU A 13 -15.20 -7.44 -1.14
C LEU A 13 -16.00 -8.70 -1.47
N PRO A 14 -15.35 -9.80 -1.87
CA PRO A 14 -16.03 -11.05 -2.14
C PRO A 14 -16.42 -11.76 -0.83
N GLN A 15 -17.41 -12.65 -0.91
CA GLN A 15 -17.82 -13.49 0.21
C GLN A 15 -16.63 -14.25 0.81
N LYS A 16 -15.66 -14.68 -0.01
CA LYS A 16 -14.53 -15.47 0.45
C LYS A 16 -13.81 -14.74 1.57
N VAL A 17 -13.53 -13.47 1.33
CA VAL A 17 -12.77 -12.63 2.23
C VAL A 17 -13.61 -12.37 3.48
N ALA A 18 -14.92 -12.13 3.30
CA ALA A 18 -15.82 -11.87 4.39
C ALA A 18 -15.93 -13.06 5.34
N GLU A 19 -15.96 -14.28 4.82
CA GLU A 19 -16.02 -15.51 5.60
C GLU A 19 -14.86 -15.59 6.59
N LYS A 20 -13.63 -15.43 6.07
CA LYS A 20 -12.43 -15.54 6.90
C LYS A 20 -12.41 -14.46 7.96
N LEU A 21 -12.91 -13.25 7.63
CA LEU A 21 -12.92 -12.10 8.50
C LEU A 21 -14.00 -12.19 9.58
N ASP A 22 -15.22 -12.67 9.26
CA ASP A 22 -16.33 -12.63 10.21
C ASP A 22 -15.95 -13.30 11.53
N GLU A 23 -15.20 -14.38 11.44
CA GLU A 23 -14.83 -15.20 12.57
C GLU A 23 -14.00 -14.41 13.62
N ILE A 24 -13.21 -13.44 13.16
CA ILE A 24 -12.33 -12.60 13.96
C ILE A 24 -13.18 -11.71 14.88
N TYR A 25 -14.34 -11.29 14.39
CA TYR A 25 -15.34 -10.52 15.13
C TYR A 25 -16.19 -11.40 16.05
N VAL A 26 -15.83 -12.67 16.27
CA VAL A 26 -16.57 -13.59 17.13
C VAL A 26 -15.64 -14.23 18.18
N ALA A 27 -14.31 -14.20 17.99
CA ALA A 27 -13.32 -14.66 18.96
C ALA A 27 -12.51 -13.49 19.57
N GLY A 28 -13.05 -12.26 19.55
CA GLY A 28 -12.54 -11.16 20.34
C GLY A 28 -11.22 -10.57 19.84
N LEU A 29 -10.76 -10.93 18.63
CA LEU A 29 -9.51 -10.39 18.08
C LEU A 29 -9.68 -8.95 17.62
N VAL A 30 -10.91 -8.44 17.51
CA VAL A 30 -11.16 -7.04 17.26
C VAL A 30 -12.28 -6.51 18.13
N ALA A 31 -12.22 -5.22 18.41
CA ALA A 31 -13.24 -4.50 19.14
C ALA A 31 -14.21 -3.75 18.23
N HIS A 32 -14.69 -4.41 17.17
CA HIS A 32 -15.52 -3.97 16.07
C HIS A 32 -14.89 -2.89 15.20
N SER A 33 -14.11 -1.97 15.77
CA SER A 33 -13.53 -0.86 15.07
C SER A 33 -12.01 -0.78 15.27
N ASP A 34 -11.35 -1.93 15.43
CA ASP A 34 -9.89 -2.06 15.53
C ASP A 34 -9.15 -1.74 14.21
N LEU A 35 -9.90 -1.37 13.17
CA LEU A 35 -9.40 -1.02 11.85
C LEU A 35 -9.45 0.51 11.70
N ASP A 36 -8.36 1.14 11.24
CA ASP A 36 -8.29 2.59 10.98
C ASP A 36 -8.80 2.86 9.56
N GLU A 37 -9.18 4.12 9.25
CA GLU A 37 -9.64 4.52 7.91
C GLU A 37 -8.57 4.21 6.85
N ARG A 38 -7.31 4.29 7.26
CA ARG A 38 -6.14 3.94 6.47
C ARG A 38 -6.04 2.44 6.17
N ALA A 39 -6.40 1.57 7.11
CA ALA A 39 -6.45 0.13 6.82
C ALA A 39 -7.59 -0.12 5.82
N ILE A 40 -8.74 0.56 5.95
CA ILE A 40 -9.95 0.28 5.18
C ILE A 40 -9.64 0.41 3.70
N GLU A 41 -9.01 1.53 3.32
CA GLU A 41 -8.70 1.87 1.94
C GLU A 41 -7.90 0.73 1.29
N ALA A 42 -6.82 0.30 1.96
CA ALA A 42 -5.96 -0.74 1.41
C ALA A 42 -6.75 -2.04 1.26
N LEU A 43 -7.58 -2.33 2.25
CA LEU A 43 -8.43 -3.49 2.34
C LEU A 43 -9.69 -3.38 1.46
N LYS A 44 -9.70 -2.53 0.42
CA LYS A 44 -10.62 -2.55 -0.71
C LYS A 44 -9.90 -2.71 -2.05
N GLU A 45 -8.56 -2.74 -2.06
CA GLU A 45 -7.75 -2.85 -3.27
C GLU A 45 -6.85 -4.09 -3.20
N PHE A 46 -7.41 -5.29 -3.36
CA PHE A 46 -6.65 -6.53 -3.49
C PHE A 46 -7.29 -7.46 -4.52
N ASN A 47 -6.56 -8.50 -4.96
CA ASN A 47 -7.13 -9.64 -5.67
C ASN A 47 -7.76 -10.60 -4.67
N GLU A 48 -8.46 -11.61 -5.17
CA GLU A 48 -9.11 -12.69 -4.44
C GLU A 48 -8.13 -13.36 -3.46
N ASP A 49 -6.97 -13.82 -3.95
CA ASP A 49 -5.95 -14.46 -3.10
C ASP A 49 -5.07 -13.42 -2.39
N GLY A 50 -5.48 -12.15 -2.45
CA GLY A 50 -4.83 -11.05 -1.79
C GLY A 50 -5.18 -11.07 -0.32
N ALA A 51 -6.34 -10.49 0.04
CA ALA A 51 -6.75 -10.34 1.43
C ALA A 51 -6.71 -11.68 2.15
N LEU A 52 -7.22 -12.75 1.51
CA LEU A 52 -7.30 -14.08 2.11
C LEU A 52 -5.96 -14.59 2.65
N ALA A 53 -4.83 -14.20 2.05
CA ALA A 53 -3.53 -14.62 2.54
C ALA A 53 -3.24 -13.92 3.88
N VAL A 54 -3.53 -12.62 3.91
CA VAL A 54 -3.22 -11.72 5.01
C VAL A 54 -4.11 -12.03 6.20
N LEU A 55 -5.44 -11.97 6.02
CA LEU A 55 -6.44 -12.26 7.03
C LEU A 55 -6.22 -13.62 7.67
N GLN A 56 -5.68 -14.59 6.93
CA GLN A 56 -5.33 -15.88 7.50
C GLN A 56 -4.21 -15.69 8.50
N GLN A 57 -3.02 -15.37 8.02
CA GLN A 57 -1.84 -15.22 8.87
C GLN A 57 -2.03 -14.19 10.00
N PHE A 58 -2.91 -13.20 9.82
CA PHE A 58 -3.36 -12.27 10.85
C PHE A 58 -4.01 -13.03 12.03
N LYS A 59 -4.94 -13.95 11.77
CA LYS A 59 -5.58 -14.79 12.81
C LYS A 59 -4.53 -15.59 13.57
N ASP A 60 -3.39 -15.87 12.94
CA ASP A 60 -2.34 -16.76 13.44
C ASP A 60 -1.10 -15.91 13.75
N SER A 61 -1.28 -14.87 14.56
CA SER A 61 -0.25 -13.96 15.03
C SER A 61 -0.48 -13.58 16.50
N ASP A 62 0.57 -13.08 17.15
CA ASP A 62 0.54 -12.51 18.50
C ASP A 62 -0.17 -11.17 18.46
N LEU A 63 -1.46 -11.17 18.73
CA LEU A 63 -2.30 -9.97 18.76
C LEU A 63 -2.60 -9.53 20.20
N SER A 64 -1.98 -10.17 21.20
CA SER A 64 -2.48 -10.29 22.56
C SER A 64 -2.53 -8.98 23.35
N HIS A 65 -1.69 -7.98 23.02
CA HIS A 65 -1.79 -6.65 23.62
C HIS A 65 -1.70 -5.54 22.57
N VAL A 66 -1.88 -5.90 21.29
CA VAL A 66 -1.84 -5.00 20.16
C VAL A 66 -2.97 -3.98 20.33
N GLN A 67 -2.60 -2.73 20.57
CA GLN A 67 -3.53 -1.61 20.74
C GLN A 67 -4.04 -1.09 19.39
N ASN A 68 -3.44 -1.51 18.27
CA ASN A 68 -3.90 -1.18 16.93
C ASN A 68 -3.73 -2.41 16.02
N LYS A 69 -4.77 -3.25 15.96
CA LYS A 69 -4.89 -4.36 15.01
C LYS A 69 -4.76 -3.89 13.56
N SER A 70 -5.26 -2.72 13.17
CA SER A 70 -5.10 -2.20 11.82
C SER A 70 -3.63 -2.08 11.45
N ALA A 71 -2.82 -1.51 12.34
CA ALA A 71 -1.39 -1.34 12.12
C ALA A 71 -0.69 -2.70 12.13
N PHE A 72 -1.18 -3.69 12.88
CA PHE A 72 -0.69 -5.05 12.70
C PHE A 72 -0.99 -5.51 11.27
N LEU A 73 -2.19 -5.24 10.74
CA LEU A 73 -2.60 -5.73 9.44
C LEU A 73 -1.85 -4.99 8.33
N CYS A 74 -1.32 -3.78 8.60
CA CYS A 74 -0.70 -2.93 7.59
C CYS A 74 0.65 -3.50 7.16
N GLY A 75 1.35 -4.15 8.09
CA GLY A 75 2.68 -4.67 7.85
C GLY A 75 2.59 -5.97 7.07
N VAL A 76 1.75 -6.89 7.53
CA VAL A 76 1.57 -8.17 6.85
C VAL A 76 1.11 -7.94 5.40
N MET A 77 0.15 -7.03 5.15
CA MET A 77 -0.30 -6.77 3.79
C MET A 77 0.79 -6.17 2.90
N LYS A 78 1.90 -5.66 3.44
CA LYS A 78 3.03 -5.15 2.65
C LYS A 78 4.22 -6.11 2.67
N THR A 79 4.13 -7.22 3.40
CA THR A 79 5.03 -8.34 3.22
C THR A 79 4.51 -9.21 2.08
N TYR A 80 3.33 -9.81 2.22
CA TYR A 80 2.97 -11.01 1.46
C TYR A 80 2.96 -10.82 -0.06
N ARG A 81 2.63 -9.61 -0.55
CA ARG A 81 2.55 -9.32 -1.98
C ARG A 81 3.91 -9.32 -2.64
N GLN A 82 5.02 -9.35 -1.90
CA GLN A 82 6.35 -9.34 -2.47
C GLN A 82 6.59 -10.52 -3.43
N ARG A 83 5.90 -11.65 -3.20
CA ARG A 83 5.87 -12.78 -4.15
C ARG A 83 5.26 -12.39 -5.49
N GLU A 84 4.23 -11.55 -5.46
CA GLU A 84 3.36 -11.22 -6.58
C GLU A 84 3.86 -9.99 -7.36
N LYS A 85 5.03 -9.45 -7.02
CA LYS A 85 5.51 -8.18 -7.55
C LYS A 85 6.00 -8.27 -8.98
N GLN A 86 6.40 -7.11 -9.53
CA GLN A 86 7.34 -6.99 -10.63
C GLN A 86 8.58 -7.83 -10.30
N GLY A 87 8.67 -9.02 -10.89
CA GLY A 87 9.73 -9.98 -10.69
C GLY A 87 9.86 -10.86 -11.92
N THR A 88 9.64 -10.29 -13.12
CA THR A 88 9.58 -11.03 -14.36
C THR A 88 9.83 -10.08 -15.53
N LYS A 89 9.73 -10.63 -16.74
CA LYS A 89 9.92 -10.06 -18.07
C LYS A 89 8.92 -8.96 -18.49
N VAL A 90 8.34 -8.24 -17.54
CA VAL A 90 7.47 -7.08 -17.74
C VAL A 90 8.31 -5.86 -18.16
N ALA A 91 9.05 -6.00 -19.27
CA ALA A 91 10.04 -5.06 -19.75
C ALA A 91 9.38 -3.90 -20.50
N ASP A 92 8.64 -3.06 -19.79
CA ASP A 92 7.89 -1.94 -20.36
C ASP A 92 8.12 -0.74 -19.47
N SER A 93 8.69 0.34 -20.01
CA SER A 93 8.73 1.66 -19.39
C SER A 93 9.23 2.68 -20.41
N SER A 94 8.72 3.92 -20.36
CA SER A 94 9.26 5.06 -21.08
C SER A 94 8.73 6.33 -20.40
N LYS A 95 9.30 6.67 -19.24
CA LYS A 95 9.08 7.88 -18.46
C LYS A 95 10.10 7.87 -17.33
N GLY A 96 10.29 9.00 -16.65
CA GLY A 96 11.15 9.07 -15.49
C GLY A 96 11.40 10.53 -15.12
N PRO A 97 12.41 11.20 -15.69
CA PRO A 97 12.73 12.58 -15.35
C PRO A 97 11.82 13.55 -16.11
N ASP A 98 11.58 14.73 -15.51
CA ASP A 98 10.77 15.79 -16.07
C ASP A 98 11.25 17.10 -15.44
N GLU A 99 12.10 17.87 -16.11
CA GLU A 99 12.61 19.15 -15.62
C GLU A 99 12.90 20.05 -16.84
N ALA A 100 12.69 21.36 -16.74
CA ALA A 100 12.85 22.33 -17.81
C ALA A 100 13.47 23.61 -17.26
N LYS A 101 14.76 23.83 -17.52
CA LYS A 101 15.55 24.94 -17.02
C LYS A 101 16.37 25.56 -18.16
N ILE A 102 16.84 26.81 -17.99
CA ILE A 102 17.38 27.71 -19.01
C ILE A 102 18.36 27.04 -19.99
N LYS A 103 19.40 26.37 -19.48
CA LYS A 103 20.45 25.60 -20.19
C LYS A 103 21.34 26.44 -21.09
N ALA A 104 20.75 27.18 -22.03
CA ALA A 104 21.38 28.21 -22.83
C ALA A 104 21.10 29.55 -22.16
N LEU A 105 21.11 30.64 -22.94
CA LEU A 105 20.74 32.00 -22.56
C LEU A 105 21.60 32.52 -21.40
N LEU A 106 22.83 32.93 -21.74
CA LEU A 106 23.74 33.65 -20.87
C LEU A 106 24.56 34.60 -21.75
N GLU A 107 25.10 35.67 -21.17
CA GLU A 107 26.01 36.60 -21.84
C GLU A 107 27.37 35.92 -22.08
N ARG A 108 28.16 36.45 -23.02
CA ARG A 108 29.47 35.93 -23.42
C ARG A 108 30.47 37.04 -23.75
N THR A 109 30.07 38.31 -23.80
CA THR A 109 30.71 39.30 -24.63
C THR A 109 30.84 40.60 -23.83
N GLY A 110 32.04 40.84 -23.28
CA GLY A 110 32.32 42.07 -22.56
C GLY A 110 33.78 42.11 -22.13
N TYR A 111 34.16 41.22 -21.20
CA TYR A 111 35.53 41.16 -20.70
C TYR A 111 36.49 40.75 -21.82
N THR A 112 37.77 41.10 -21.69
CA THR A 112 38.87 40.65 -22.54
C THR A 112 40.12 40.66 -21.64
N LEU A 113 41.14 39.88 -21.98
CA LEU A 113 42.34 39.69 -21.15
C LEU A 113 43.41 40.75 -21.42
N ASP A 114 43.25 41.55 -22.48
CA ASP A 114 44.27 42.42 -23.06
C ASP A 114 43.71 43.84 -23.23
N VAL A 115 42.80 44.23 -22.33
CA VAL A 115 42.17 45.55 -22.31
C VAL A 115 42.10 45.95 -20.83
N THR A 116 42.34 47.22 -20.54
CA THR A 116 42.18 47.78 -19.20
C THR A 116 40.69 47.96 -18.90
N THR A 117 40.01 46.86 -18.60
CA THR A 117 38.63 46.81 -18.14
C THR A 117 38.66 46.71 -16.60
N GLY A 118 37.51 46.58 -15.96
CA GLY A 118 37.34 46.27 -14.55
C GLY A 118 36.27 45.22 -14.50
#